data_6J11
#
_entry.id   6J11
#
_cell.length_a   107.571
_cell.length_b   180.355
_cell.length_c   245.157
_cell.angle_alpha   90.00
_cell.angle_beta   90.00
_cell.angle_gamma   90.00
#
_symmetry.space_group_name_H-M   'P 21 21 21'
#
loop_
_entity.id
_entity.type
_entity.pdbx_description
1 polymer 'N-terminal domain of Spike glycoprotein'
2 polymer 'VH of 7D10'
3 polymer 'VL of 7D10'
4 branched alpha-D-mannopyranose-(1-3)-alpha-D-mannopyranose-(1-3)-[alpha-D-mannopyranose-(1-3)-alpha-D-mannopyranose-(1-6)]beta-D-mannopyranose-(1-4)-2-acetamido-2-deoxy-beta-D-glucopyranose-(1-4)-2-acetamido-2-deoxy-beta-D-glucopyranose
5 branched alpha-D-mannopyranose-(1-3)-beta-D-mannopyranose-(1-4)-2-acetamido-2-deoxy-beta-D-glucopyranose-(1-4)-2-acetamido-2-deoxy-beta-D-glucopyranose
6 branched 2-acetamido-2-deoxy-beta-D-glucopyranose-(1-4)-2-acetamido-2-deoxy-beta-D-glucopyranose
7 branched beta-D-mannopyranose-(1-4)-2-acetamido-2-deoxy-beta-D-glucopyranose-(1-4)-2-acetamido-2-deoxy-beta-D-glucopyranose
8 branched alpha-D-mannopyranose-(1-3)-[alpha-D-mannopyranose-(1-6)]beta-D-mannopyranose-(1-4)-2-acetamido-2-deoxy-beta-D-glucopyranose-(1-4)-2-acetamido-2-deoxy-beta-D-glucopyranose
9 non-polymer 2-acetamido-2-deoxy-beta-D-glucopyranose
#
loop_
_entity_poly.entity_id
_entity_poly.type
_entity_poly.pdbx_seq_one_letter_code
_entity_poly.pdbx_strand_id
1 'polypeptide(L)'
;YVDVGPDSVKSACIEVDIQQTFFDKTWPRPIDVSKADGIIYPQGRTYSNITITYQGLFPYQGDHGDMYVYSAGHATGTTP
QKLFVANYSQDVKQFANGFVVRIGAAANSTGTVIISPSTSATIRKIYPAFMLGSSVGNFSDGKMGRFFNHTLVLLPDGCG
TLLRAFYCILEPRSGNHCPAGNSYTSFATYHTPATDCSDGNYNRNASLNSFKEYFNLRNCTFMYTYNITEDEILEWFGIT
QTAQGVHLFSSRYVDLYGGNMFQFATLPVYDTIKYYSIIPHSIRSIQSDRKAWAAFYVYKLQPLTFLLDFSVDGYIRRAI
DCGFNDLSQLHCSYES
;
A,B,C
2 'polypeptide(L)'
;GGGSGGGSGGGSEVQLVESGAEVVKPGASVKMSCKASGYPFTSYNIHWIKQTPGQGLEWIGAIYPGNGDTSYTQKFKVKA
TLTSDKSSSTAYMQLSSLTSEDSAVYFCARYGNYPSYAMDYWGQGTSVTVSS
;
H,D,F
3 'polypeptide(L)'
;DIVMTQSPASLTVSLGQRATISCRASKSVSASGYNYLHWYQQRPGQPPKLLIYLAFNLESGVPARFNGSGSGTDFTLNIH
PVEEEDAATYYCQHSRDLPFTFGSGTKLEIK
;
L,E,G
#
loop_
_chem_comp.id
_chem_comp.type
_chem_comp.name
_chem_comp.formula
BMA D-saccharide, beta linking beta-D-mannopyranose 'C6 H12 O6'
MAN D-saccharide, alpha linking alpha-D-mannopyranose 'C6 H12 O6'
NAG D-saccharide, beta linking 2-acetamido-2-deoxy-beta-D-glucopyranose 'C8 H15 N O6'
#
# COMPACT_ATOMS: atom_id res chain seq x y z
N TYR A 1 -24.78 26.15 -9.83
CA TYR A 1 -24.00 26.45 -11.06
C TYR A 1 -23.52 27.92 -11.16
N VAL A 2 -22.58 28.13 -12.05
CA VAL A 2 -21.76 29.33 -12.11
C VAL A 2 -21.86 29.99 -13.49
N ASP A 3 -21.74 31.33 -13.50
CA ASP A 3 -21.69 32.10 -14.72
C ASP A 3 -20.26 32.17 -15.26
N VAL A 4 -20.05 31.70 -16.50
CA VAL A 4 -18.72 31.66 -17.09
C VAL A 4 -18.57 32.63 -18.26
N GLY A 5 -19.47 33.59 -18.35
CA GLY A 5 -19.38 34.60 -19.38
C GLY A 5 -20.22 34.30 -20.60
N PRO A 6 -19.88 34.99 -21.68
CA PRO A 6 -20.70 34.95 -22.88
C PRO A 6 -20.48 33.71 -23.72
N ASP A 7 -21.54 33.28 -24.37
CA ASP A 7 -21.37 32.28 -25.41
C ASP A 7 -20.72 32.92 -26.62
N SER A 8 -20.23 32.06 -27.50
CA SER A 8 -19.69 32.55 -28.75
C SER A 8 -20.80 33.02 -29.67
N VAL A 9 -20.56 34.14 -30.36
CA VAL A 9 -21.48 34.50 -31.42
C VAL A 9 -21.06 33.96 -32.77
N LYS A 10 -19.93 33.26 -32.86
CA LYS A 10 -19.46 32.87 -34.19
C LYS A 10 -20.37 31.81 -34.80
N SER A 11 -20.68 31.95 -36.10
CA SER A 11 -21.56 30.98 -36.76
C SER A 11 -20.85 29.73 -37.22
N ALA A 12 -19.52 29.73 -37.27
CA ALA A 12 -18.73 28.54 -37.59
C ALA A 12 -17.45 28.56 -36.77
N CYS A 13 -16.72 27.47 -36.85
CA CYS A 13 -15.45 27.27 -36.18
C CYS A 13 -14.30 27.46 -37.16
N ILE A 14 -13.12 27.81 -36.64
CA ILE A 14 -11.94 27.91 -37.49
C ILE A 14 -11.62 26.50 -38.01
N GLU A 15 -11.29 26.39 -39.29
CA GLU A 15 -11.00 25.07 -39.82
C GLU A 15 -9.71 24.52 -39.22
N VAL A 16 -9.67 23.20 -38.98
CA VAL A 16 -8.55 22.62 -38.24
C VAL A 16 -7.94 21.54 -39.11
N ASP A 17 -6.63 21.60 -39.28
CA ASP A 17 -5.91 20.66 -40.13
C ASP A 17 -5.12 19.69 -39.25
N ILE A 18 -5.45 18.40 -39.31
CA ILE A 18 -4.76 17.37 -38.54
C ILE A 18 -3.72 16.70 -39.44
N GLN A 19 -2.44 16.80 -39.06
CA GLN A 19 -1.38 16.03 -39.73
C GLN A 19 -0.46 15.39 -38.70
N GLN A 20 -0.76 14.15 -38.31
CA GLN A 20 0.01 13.54 -37.24
C GLN A 20 1.49 13.44 -37.61
N THR A 21 1.79 13.29 -38.89
CA THR A 21 3.17 12.98 -39.30
C THR A 21 4.13 14.10 -38.91
N PHE A 22 3.68 15.36 -39.03
CA PHE A 22 4.49 16.52 -38.65
C PHE A 22 4.73 16.61 -37.14
N PHE A 23 4.06 15.79 -36.35
CA PHE A 23 4.16 15.83 -34.90
C PHE A 23 4.78 14.57 -34.35
N ASP A 24 5.10 13.59 -35.20
CA ASP A 24 5.70 12.32 -34.83
C ASP A 24 7.21 12.55 -34.79
N LYS A 25 7.72 12.82 -33.61
CA LYS A 25 9.10 13.21 -33.46
C LYS A 25 9.59 12.53 -32.20
N THR A 26 10.79 11.97 -32.25
CA THR A 26 11.34 11.30 -31.07
C THR A 26 12.34 12.26 -30.44
N TRP A 27 11.87 13.02 -29.47
CA TRP A 27 12.76 13.84 -28.65
C TRP A 27 12.77 13.28 -27.24
N PRO A 28 13.55 12.24 -26.96
CA PRO A 28 13.34 11.50 -25.71
C PRO A 28 13.82 12.27 -24.49
N ARG A 29 13.00 12.26 -23.46
CA ARG A 29 13.34 12.90 -22.17
C ARG A 29 12.76 12.03 -21.10
N PRO A 30 13.42 10.93 -20.80
CA PRO A 30 12.85 9.97 -19.86
C PRO A 30 13.12 10.38 -18.42
N ILE A 31 12.36 9.75 -17.52
CA ILE A 31 12.42 10.02 -16.11
C ILE A 31 13.81 9.64 -15.59
N ASP A 32 14.41 10.52 -14.80
CA ASP A 32 15.68 10.22 -14.14
C ASP A 32 15.50 10.49 -12.64
N VAL A 33 15.19 9.45 -11.86
CA VAL A 33 14.89 9.67 -10.46
C VAL A 33 16.11 10.13 -9.67
N SER A 34 17.32 9.96 -10.21
CA SER A 34 18.49 10.46 -9.51
C SER A 34 18.54 11.98 -9.48
N LYS A 35 17.81 12.64 -10.39
CA LYS A 35 17.56 14.06 -10.33
C LYS A 35 16.19 14.40 -9.74
N ALA A 36 15.49 13.41 -9.20
CA ALA A 36 14.16 13.59 -8.61
C ALA A 36 13.18 14.15 -9.65
N ASP A 37 13.30 13.68 -10.89
CA ASP A 37 12.39 14.07 -11.95
C ASP A 37 10.99 13.58 -11.61
N GLY A 38 10.04 14.51 -11.60
CA GLY A 38 8.66 14.10 -11.44
C GLY A 38 8.31 13.53 -10.08
N ILE A 39 8.93 14.04 -9.02
CA ILE A 39 8.66 13.58 -7.67
C ILE A 39 7.63 14.53 -7.06
N ILE A 40 6.50 13.97 -6.63
CA ILE A 40 5.57 14.70 -5.77
C ILE A 40 6.03 14.56 -4.32
N TYR A 41 6.40 15.69 -3.69
CA TYR A 41 6.87 15.69 -2.30
C TYR A 41 5.85 15.03 -1.37
N PRO A 42 6.27 14.06 -0.54
CA PRO A 42 5.29 13.32 0.28
C PRO A 42 4.50 14.23 1.21
N GLN A 43 3.18 14.00 1.25
CA GLN A 43 2.23 14.86 1.91
C GLN A 43 2.06 14.44 3.37
N GLY A 44 2.05 15.41 4.27
CA GLY A 44 1.70 15.13 5.64
C GLY A 44 2.89 15.02 6.58
N ARG A 45 4.10 14.94 6.03
CA ARG A 45 5.31 14.92 6.83
C ARG A 45 6.36 15.84 6.20
N THR A 46 7.35 16.21 6.98
CA THR A 46 8.51 16.92 6.47
C THR A 46 9.76 16.17 6.89
N TYR A 47 10.79 16.27 6.07
CA TYR A 47 12.02 15.54 6.32
C TYR A 47 13.18 16.47 5.98
N SER A 48 14.36 16.18 6.54
CA SER A 48 15.56 16.95 6.23
C SER A 48 16.82 16.13 6.55
N ASN A 49 17.82 16.26 5.67
CA ASN A 49 19.14 15.65 5.85
C ASN A 49 19.01 14.20 6.32
N ILE A 50 18.35 13.42 5.48
CA ILE A 50 17.96 12.06 5.83
C ILE A 50 17.53 11.34 4.57
N THR A 51 17.50 10.01 4.62
CA THR A 51 17.10 9.16 3.52
C THR A 51 16.05 8.20 4.04
N ILE A 52 14.87 8.21 3.44
CA ILE A 52 13.77 7.36 3.89
C ILE A 52 13.34 6.44 2.76
N THR A 53 12.64 5.38 3.13
CA THR A 53 11.96 4.52 2.17
C THR A 53 10.49 4.87 2.22
N TYR A 54 9.90 5.09 1.07
CA TYR A 54 8.57 5.65 1.03
C TYR A 54 7.78 4.94 -0.05
N GLN A 55 6.50 4.70 0.21
CA GLN A 55 5.65 4.08 -0.80
C GLN A 55 4.58 5.09 -1.21
N GLY A 56 4.73 5.67 -2.38
CA GLY A 56 3.77 6.64 -2.85
C GLY A 56 3.50 6.49 -4.33
N LEU A 57 3.04 7.57 -4.98
CA LEU A 57 2.78 7.56 -6.41
C LEU A 57 3.89 8.30 -7.13
N PHE A 58 4.60 7.58 -7.99
CA PHE A 58 5.76 8.07 -8.71
C PHE A 58 5.69 7.57 -10.15
N PRO A 59 6.31 8.29 -11.07
CA PRO A 59 6.61 7.70 -12.38
C PRO A 59 7.82 6.82 -12.21
N TYR A 60 7.92 5.80 -13.02
CA TYR A 60 9.03 4.90 -12.81
C TYR A 60 10.28 5.33 -13.57
N GLN A 61 11.41 4.80 -13.13
CA GLN A 61 12.71 5.19 -13.67
C GLN A 61 12.81 4.80 -15.14
N GLY A 62 13.28 5.74 -15.95
CA GLY A 62 13.49 5.52 -17.37
C GLY A 62 12.26 5.55 -18.24
N ASP A 63 11.10 5.91 -17.70
CA ASP A 63 9.88 6.01 -18.49
C ASP A 63 9.99 7.16 -19.49
N HIS A 64 9.78 6.86 -20.76
CA HIS A 64 9.84 7.87 -21.80
C HIS A 64 8.60 8.75 -21.82
N GLY A 65 7.49 8.27 -21.30
CA GLY A 65 6.28 9.05 -21.30
C GLY A 65 5.68 9.21 -22.69
N ASP A 66 4.60 9.98 -22.74
CA ASP A 66 3.99 10.39 -23.99
C ASP A 66 4.32 11.85 -24.23
N MET A 67 4.82 12.15 -25.42
CA MET A 67 5.23 13.48 -25.81
C MET A 67 4.16 14.15 -26.66
N TYR A 68 3.91 15.42 -26.39
CA TYR A 68 2.93 16.22 -27.10
C TYR A 68 3.57 17.52 -27.52
N VAL A 69 3.14 18.07 -28.65
CA VAL A 69 3.74 19.31 -29.10
C VAL A 69 2.68 20.14 -29.80
N TYR A 70 2.67 21.44 -29.53
CA TYR A 70 1.77 22.39 -30.15
C TYR A 70 2.49 23.19 -31.24
N SER A 71 1.75 23.60 -32.28
CA SER A 71 2.40 24.24 -33.42
C SER A 71 1.73 25.55 -33.84
N ALA A 72 2.53 26.39 -34.49
CA ALA A 72 1.91 27.51 -35.16
C ALA A 72 0.98 26.99 -36.22
N GLY A 73 0.03 27.81 -36.57
CA GLY A 73 -0.96 27.42 -37.55
C GLY A 73 -0.56 27.90 -38.93
N HIS A 74 -1.31 27.44 -39.91
CA HIS A 74 -1.16 27.93 -41.27
C HIS A 74 -1.25 29.44 -41.32
N ALA A 75 -0.46 30.02 -42.23
CA ALA A 75 -0.57 31.43 -42.58
C ALA A 75 -0.31 31.56 -44.06
N THR A 76 -0.79 32.66 -44.61
CA THR A 76 -0.30 32.99 -45.93
C THR A 76 0.65 34.17 -45.74
N GLY A 77 0.28 35.37 -46.09
CA GLY A 77 1.26 36.39 -45.87
C GLY A 77 1.22 36.74 -44.41
N THR A 78 0.47 37.80 -44.17
CA THR A 78 0.11 38.33 -42.86
C THR A 78 -1.29 37.93 -42.46
N THR A 79 -1.83 36.89 -43.07
CA THR A 79 -3.20 36.44 -42.80
C THR A 79 -3.15 35.04 -42.19
N PRO A 80 -3.45 34.91 -40.91
CA PRO A 80 -3.61 33.58 -40.32
C PRO A 80 -4.71 32.80 -41.01
N GLN A 81 -4.43 31.53 -41.33
CA GLN A 81 -5.43 30.65 -41.91
C GLN A 81 -5.78 29.43 -41.04
N LYS A 82 -5.93 28.25 -41.64
CA LYS A 82 -6.35 27.05 -40.91
C LYS A 82 -5.47 26.80 -39.71
N LEU A 83 -5.97 26.06 -38.73
CA LEU A 83 -5.14 25.69 -37.61
C LEU A 83 -4.39 24.43 -37.95
N PHE A 84 -3.29 24.18 -37.23
CA PHE A 84 -2.40 23.06 -37.50
C PHE A 84 -2.19 22.30 -36.19
N VAL A 85 -2.69 21.07 -36.12
CA VAL A 85 -2.69 20.32 -34.87
C VAL A 85 -2.34 18.87 -35.15
N ALA A 86 -1.94 18.18 -34.08
CA ALA A 86 -1.79 16.73 -34.15
C ALA A 86 -3.11 16.04 -33.84
N ASN A 87 -3.08 14.73 -34.00
CA ASN A 87 -4.28 13.94 -33.84
C ASN A 87 -4.57 13.57 -32.38
N TYR A 88 -4.49 14.56 -31.48
CA TYR A 88 -4.60 14.32 -30.04
C TYR A 88 -6.05 14.11 -29.55
N SER A 89 -7.05 14.81 -30.11
CA SER A 89 -8.41 14.73 -29.53
C SER A 89 -9.00 13.33 -29.59
N GLN A 90 -8.68 12.59 -30.63
CA GLN A 90 -9.18 11.23 -30.74
C GLN A 90 -8.39 10.25 -29.88
N ASP A 91 -7.28 10.66 -29.29
CA ASP A 91 -6.41 9.72 -28.60
C ASP A 91 -6.75 9.83 -27.11
N VAL A 92 -7.85 9.20 -26.73
CA VAL A 92 -8.29 9.23 -25.36
C VAL A 92 -7.50 8.21 -24.55
N LYS A 93 -6.85 8.68 -23.50
CA LYS A 93 -6.04 7.83 -22.63
C LYS A 93 -6.79 7.54 -21.34
N GLN A 94 -6.23 6.64 -20.52
CA GLN A 94 -6.84 6.21 -19.26
C GLN A 94 -6.20 6.92 -18.07
N PHE A 95 -7.02 7.58 -17.26
CA PHE A 95 -6.47 8.41 -16.18
C PHE A 95 -5.75 7.57 -15.13
N ALA A 96 -6.28 6.38 -14.80
CA ALA A 96 -5.73 5.52 -13.75
C ALA A 96 -5.52 6.26 -12.43
N ASN A 97 -4.25 6.37 -12.01
CA ASN A 97 -3.92 7.02 -10.76
C ASN A 97 -3.56 8.49 -10.91
N GLY A 98 -3.52 8.99 -12.15
CA GLY A 98 -3.08 10.32 -12.46
C GLY A 98 -1.75 10.28 -13.21
N PHE A 99 -1.18 11.47 -13.35
CA PHE A 99 0.03 11.64 -14.15
C PHE A 99 0.74 12.92 -13.73
N VAL A 100 2.01 12.98 -14.09
CA VAL A 100 2.80 14.19 -13.93
C VAL A 100 3.27 14.60 -15.33
N VAL A 101 3.66 15.87 -15.45
CA VAL A 101 3.90 16.51 -16.74
C VAL A 101 5.16 17.36 -16.66
N ARG A 102 6.10 17.12 -17.58
CA ARG A 102 7.35 17.88 -17.69
C ARG A 102 7.16 19.00 -18.72
N ILE A 103 7.17 20.25 -18.25
CA ILE A 103 6.71 21.40 -19.04
C ILE A 103 7.90 22.28 -19.38
N GLY A 104 7.99 22.71 -20.65
CA GLY A 104 9.04 23.64 -21.02
C GLY A 104 10.43 23.02 -21.11
N ALA A 105 10.51 21.69 -21.20
CA ALA A 105 11.77 20.99 -21.07
C ALA A 105 12.85 21.56 -21.99
N ALA A 106 12.56 21.74 -23.28
CA ALA A 106 13.62 22.09 -24.23
C ALA A 106 13.76 23.59 -24.44
N ALA A 107 13.37 24.40 -23.47
CA ALA A 107 13.34 25.82 -23.75
C ALA A 107 14.76 26.42 -23.81
N ASN A 108 14.85 27.57 -24.47
CA ASN A 108 16.07 28.33 -24.78
C ASN A 108 16.90 27.76 -25.94
N SER A 109 16.81 26.46 -26.20
CA SER A 109 17.53 25.83 -27.31
C SER A 109 16.84 26.16 -28.65
N THR A 110 17.31 25.60 -29.75
CA THR A 110 16.65 25.87 -31.02
C THR A 110 16.05 24.60 -31.58
N GLY A 111 14.92 24.78 -32.26
CA GLY A 111 14.11 23.71 -32.79
C GLY A 111 13.24 24.23 -33.90
N THR A 112 12.40 23.35 -34.42
CA THR A 112 11.56 23.58 -35.58
C THR A 112 10.23 24.21 -35.17
N VAL A 113 9.63 24.94 -36.11
CA VAL A 113 8.31 25.53 -35.88
C VAL A 113 7.24 24.54 -36.27
N ILE A 114 7.64 23.29 -36.47
CA ILE A 114 6.76 22.15 -36.73
C ILE A 114 6.08 22.28 -38.09
N ILE A 115 5.28 23.32 -38.28
CA ILE A 115 4.49 23.45 -39.50
C ILE A 115 5.40 23.60 -40.71
N SER A 116 6.58 24.21 -40.53
CA SER A 116 7.59 24.28 -41.60
C SER A 116 8.85 23.60 -41.09
N PRO A 117 9.07 22.33 -41.43
CA PRO A 117 10.13 21.57 -40.76
C PRO A 117 11.52 22.12 -40.98
N SER A 118 11.75 22.85 -42.09
CA SER A 118 13.04 23.44 -42.37
C SER A 118 13.28 24.71 -41.57
N THR A 119 12.25 25.50 -41.32
CA THR A 119 12.42 26.67 -40.47
C THR A 119 12.66 26.28 -39.03
N SER A 120 13.57 27.02 -38.39
CA SER A 120 13.91 26.78 -37.00
C SER A 120 13.91 28.11 -36.26
N ALA A 121 13.87 28.01 -34.95
CA ALA A 121 13.63 29.16 -34.10
C ALA A 121 13.94 28.80 -32.64
N THR A 122 14.04 29.84 -31.83
CA THR A 122 14.28 29.61 -30.42
C THR A 122 12.99 29.11 -29.77
N ILE A 123 13.17 28.03 -29.00
CA ILE A 123 12.07 27.28 -28.44
C ILE A 123 11.60 28.00 -27.18
N ARG A 124 10.30 28.21 -27.08
CA ARG A 124 9.72 28.88 -25.93
C ARG A 124 8.78 27.93 -25.19
N LYS A 125 8.66 28.14 -23.88
CA LYS A 125 7.79 27.30 -23.07
C LYS A 125 6.33 27.57 -23.42
N ILE A 126 5.53 26.51 -23.40
CA ILE A 126 4.09 26.56 -23.60
C ILE A 126 3.44 25.60 -22.63
N TYR A 127 2.26 26.00 -22.04
CA TYR A 127 1.62 25.13 -21.04
C TYR A 127 0.61 24.19 -21.67
N PRO A 128 0.52 22.97 -21.16
CA PRO A 128 -0.38 21.98 -21.74
C PRO A 128 -1.83 22.17 -21.32
N ALA A 129 -2.74 21.73 -22.18
CA ALA A 129 -4.17 21.80 -21.93
C ALA A 129 -4.77 20.40 -21.91
N PHE A 130 -5.64 20.14 -20.93
CA PHE A 130 -6.19 18.83 -20.73
C PHE A 130 -7.72 18.81 -20.63
N MET A 131 -8.28 17.68 -21.04
CA MET A 131 -9.70 17.40 -20.88
C MET A 131 -9.84 16.07 -20.14
N LEU A 132 -10.54 16.08 -19.00
CA LEU A 132 -10.67 14.91 -18.14
C LEU A 132 -12.13 14.67 -17.78
N GLY A 133 -12.50 13.41 -17.64
CA GLY A 133 -13.88 13.14 -17.34
C GLY A 133 -14.14 11.69 -17.00
N SER A 134 -15.42 11.36 -16.96
CA SER A 134 -15.85 10.03 -16.56
C SER A 134 -16.52 9.24 -17.68
N SER A 135 -16.88 9.88 -18.81
CA SER A 135 -17.65 9.25 -19.88
C SER A 135 -17.18 9.77 -21.23
N VAL A 136 -16.74 8.88 -22.11
CA VAL A 136 -16.32 9.27 -23.44
C VAL A 136 -17.11 8.47 -24.47
N GLY A 137 -17.24 9.04 -25.65
CA GLY A 137 -18.01 8.48 -26.75
C GLY A 137 -17.65 9.17 -28.05
N ASN A 138 -18.56 9.11 -29.02
CA ASN A 138 -18.20 9.60 -30.34
C ASN A 138 -18.85 10.95 -30.59
N PHE A 139 -18.27 11.68 -31.52
CA PHE A 139 -19.02 12.79 -32.04
C PHE A 139 -20.01 12.27 -33.09
N SER A 140 -20.84 13.15 -33.64
CA SER A 140 -21.94 12.70 -34.50
C SER A 140 -21.43 11.93 -35.71
N ASP A 141 -20.28 12.31 -36.28
CA ASP A 141 -19.75 11.66 -37.46
C ASP A 141 -18.81 10.49 -37.16
N GLY A 142 -18.84 9.93 -35.96
CA GLY A 142 -18.07 8.77 -35.65
C GLY A 142 -16.74 9.00 -34.92
N LYS A 143 -16.22 10.23 -34.83
CA LYS A 143 -14.86 10.42 -34.28
C LYS A 143 -14.78 10.29 -32.76
N MET A 144 -13.72 9.64 -32.29
CA MET A 144 -13.58 9.51 -30.84
C MET A 144 -13.26 10.88 -30.23
N GLY A 145 -13.30 10.95 -28.90
CA GLY A 145 -12.80 12.11 -28.19
C GLY A 145 -13.83 13.06 -27.61
N ARG A 146 -15.11 12.70 -27.64
CA ARG A 146 -16.16 13.49 -27.04
C ARG A 146 -16.38 13.13 -25.57
N PHE A 147 -16.35 14.11 -24.69
CA PHE A 147 -16.58 13.88 -23.27
C PHE A 147 -18.03 14.20 -22.92
N PHE A 148 -18.66 13.28 -22.19
CA PHE A 148 -20.05 13.39 -21.78
C PHE A 148 -20.16 13.71 -20.29
N ASN A 149 -21.35 14.16 -19.93
CA ASN A 149 -21.68 14.65 -18.59
C ASN A 149 -20.65 15.73 -18.23
N HIS A 150 -20.38 15.91 -16.95
CA HIS A 150 -19.44 16.94 -16.54
C HIS A 150 -18.03 16.54 -16.86
N THR A 151 -17.27 17.51 -17.34
CA THR A 151 -15.92 17.32 -17.82
C THR A 151 -15.03 18.36 -17.17
N LEU A 152 -13.86 17.92 -16.75
CA LEU A 152 -12.87 18.83 -16.18
C LEU A 152 -11.97 19.29 -17.31
N VAL A 153 -11.89 20.61 -17.50
CA VAL A 153 -11.00 21.21 -18.48
C VAL A 153 -9.91 21.99 -17.76
N LEU A 154 -8.65 21.73 -18.14
CA LEU A 154 -7.51 22.52 -17.69
C LEU A 154 -6.95 23.27 -18.89
N LEU A 155 -7.14 24.59 -18.91
CA LEU A 155 -6.86 25.37 -20.12
C LEU A 155 -6.02 26.60 -19.79
N PRO A 156 -4.73 26.59 -20.10
CA PRO A 156 -3.94 27.82 -19.91
C PRO A 156 -4.41 28.94 -20.81
N ASP A 157 -4.34 30.16 -20.28
CA ASP A 157 -4.74 31.34 -21.02
C ASP A 157 -3.81 32.50 -20.68
N GLY A 158 -4.06 33.64 -21.33
CA GLY A 158 -3.30 34.86 -21.10
C GLY A 158 -1.84 34.79 -21.54
N CYS A 159 -1.60 34.23 -22.73
CA CYS A 159 -0.28 33.98 -23.27
C CYS A 159 0.64 33.41 -22.19
N GLY A 160 0.14 32.36 -21.54
CA GLY A 160 0.92 31.62 -20.57
C GLY A 160 1.07 32.29 -19.23
N THR A 161 0.11 33.12 -18.81
CA THR A 161 0.18 33.76 -17.51
C THR A 161 -0.93 33.34 -16.57
N LEU A 162 -1.65 32.28 -16.89
CA LEU A 162 -2.85 31.96 -16.14
C LEU A 162 -3.24 30.50 -16.42
N LEU A 163 -3.76 29.80 -15.42
CA LEU A 163 -4.35 28.49 -15.66
C LEU A 163 -5.81 28.55 -15.26
N ARG A 164 -6.72 28.18 -16.16
CA ARG A 164 -8.15 28.15 -15.85
C ARG A 164 -8.61 26.71 -15.68
N ALA A 165 -9.29 26.43 -14.57
CA ALA A 165 -9.81 25.08 -14.33
C ALA A 165 -11.30 25.19 -14.15
N PHE A 166 -12.06 24.44 -14.95
CA PHE A 166 -13.52 24.51 -14.85
C PHE A 166 -14.12 23.15 -15.14
N TYR A 167 -15.32 22.97 -14.59
CA TYR A 167 -16.00 21.68 -14.56
C TYR A 167 -17.44 21.90 -14.97
N CYS A 168 -17.75 21.56 -16.21
CA CYS A 168 -19.05 21.89 -16.79
C CYS A 168 -19.38 20.81 -17.79
N ILE A 169 -20.61 20.87 -18.30
CA ILE A 169 -21.04 20.10 -19.46
C ILE A 169 -20.59 20.81 -20.73
N LEU A 170 -20.08 20.04 -21.70
CA LEU A 170 -19.61 20.59 -22.98
C LEU A 170 -20.65 20.28 -24.06
N GLU A 171 -21.42 21.29 -24.45
CA GLU A 171 -22.42 21.14 -25.51
C GLU A 171 -21.79 21.45 -26.88
N PRO A 172 -21.60 20.47 -27.76
CA PRO A 172 -21.03 20.77 -29.08
C PRO A 172 -21.95 21.64 -29.91
N ARG A 173 -21.33 22.62 -30.61
CA ARG A 173 -21.98 23.59 -31.49
C ARG A 173 -22.09 23.03 -32.91
N SER A 174 -22.93 23.66 -33.73
CA SER A 174 -23.44 23.08 -34.97
C SER A 174 -22.94 23.74 -36.23
N GLY A 175 -22.16 24.80 -36.13
CA GLY A 175 -21.71 25.49 -37.31
C GLY A 175 -20.74 24.67 -38.14
N ASN A 176 -20.40 25.21 -39.30
CA ASN A 176 -19.45 24.51 -40.15
C ASN A 176 -18.14 24.38 -39.39
N HIS A 177 -17.60 23.16 -39.36
CA HIS A 177 -16.35 22.75 -38.70
C HIS A 177 -16.50 22.54 -37.21
N CYS A 178 -17.65 22.66 -36.67
CA CYS A 178 -17.81 22.48 -35.25
C CYS A 178 -18.14 21.02 -34.94
N PRO A 179 -17.97 20.57 -33.70
CA PRO A 179 -18.06 19.11 -33.43
C PRO A 179 -19.42 18.49 -33.74
N ALA A 180 -20.44 19.30 -33.96
CA ALA A 180 -21.77 18.82 -34.29
C ALA A 180 -22.22 19.38 -35.63
N GLY A 181 -21.27 19.70 -36.49
CA GLY A 181 -21.58 20.30 -37.76
C GLY A 181 -20.82 19.63 -38.87
N ASN A 182 -20.88 20.23 -40.04
CA ASN A 182 -20.26 19.63 -41.20
C ASN A 182 -18.75 19.81 -41.17
N SER A 183 -18.05 18.82 -41.73
CA SER A 183 -16.62 18.91 -41.96
C SER A 183 -15.88 19.06 -40.65
N TYR A 184 -16.31 18.30 -39.64
CA TYR A 184 -15.62 18.32 -38.36
C TYR A 184 -14.40 17.42 -38.46
N THR A 185 -13.25 17.96 -38.07
CA THR A 185 -12.01 17.17 -38.01
C THR A 185 -11.50 17.01 -36.59
N SER A 186 -11.33 18.13 -35.86
CA SER A 186 -10.93 18.14 -34.46
C SER A 186 -11.24 19.47 -33.82
N PHE A 187 -11.51 19.45 -32.52
CA PHE A 187 -11.59 20.75 -31.85
C PHE A 187 -10.19 21.15 -31.41
N ALA A 188 -10.03 22.45 -31.17
CA ALA A 188 -8.74 23.00 -30.80
C ALA A 188 -8.96 24.31 -30.08
N THR A 189 -7.92 24.77 -29.42
CA THR A 189 -7.91 26.14 -28.92
C THR A 189 -6.82 26.87 -29.66
N TYR A 190 -6.87 28.19 -29.58
CA TYR A 190 -5.91 29.02 -30.26
C TYR A 190 -5.96 30.39 -29.63
N HIS A 191 -4.89 31.16 -29.86
CA HIS A 191 -4.90 32.59 -29.65
C HIS A 191 -4.07 33.25 -30.74
N THR A 192 -4.26 34.56 -30.89
CA THR A 192 -3.64 35.30 -31.98
C THR A 192 -2.71 36.36 -31.45
N PRO A 193 -1.39 36.15 -31.49
CA PRO A 193 -0.49 37.07 -30.77
C PRO A 193 -0.53 38.51 -31.25
N ALA A 194 -0.76 38.77 -32.54
CA ALA A 194 -0.90 40.16 -32.99
C ALA A 194 -1.92 40.95 -32.14
N THR A 195 -3.09 40.38 -31.89
CA THR A 195 -4.14 41.04 -31.14
C THR A 195 -4.21 40.63 -29.67
N ASP A 196 -3.71 39.44 -29.30
CA ASP A 196 -3.90 38.90 -27.96
C ASP A 196 -2.68 39.04 -27.05
N CYS A 197 -1.46 39.23 -27.56
CA CYS A 197 -0.30 39.30 -26.66
C CYS A 197 0.55 40.54 -26.87
N SER A 198 -0.07 41.70 -27.04
CA SER A 198 0.71 42.93 -27.08
C SER A 198 1.06 43.32 -25.65
N ASP A 199 2.27 43.87 -25.47
CA ASP A 199 2.80 44.04 -24.12
C ASP A 199 1.86 44.88 -23.27
N GLY A 200 1.70 44.46 -22.00
CA GLY A 200 0.84 45.18 -21.10
C GLY A 200 -0.62 44.75 -21.13
N ASN A 201 -1.06 44.12 -22.21
CA ASN A 201 -2.43 43.73 -22.37
C ASN A 201 -2.44 42.29 -22.90
N TYR A 202 -2.12 41.34 -22.05
CA TYR A 202 -2.38 39.95 -22.39
C TYR A 202 -3.86 39.68 -22.23
N ASN A 203 -4.45 39.05 -23.23
CA ASN A 203 -5.87 38.70 -23.20
C ASN A 203 -6.06 37.44 -22.36
N ARG A 204 -6.66 37.63 -21.17
CA ARG A 204 -6.81 36.53 -20.21
C ARG A 204 -7.92 35.59 -20.63
N ASN A 205 -8.65 35.90 -21.70
CA ASN A 205 -9.78 35.07 -22.13
C ASN A 205 -9.62 34.55 -23.56
N ALA A 206 -8.44 34.67 -24.16
CA ALA A 206 -8.34 34.44 -25.59
C ALA A 206 -8.47 32.95 -25.91
N SER A 207 -7.86 32.08 -25.10
CA SER A 207 -7.97 30.64 -25.29
C SER A 207 -9.39 30.12 -24.92
N LEU A 208 -9.94 30.60 -23.80
CA LEU A 208 -11.32 30.27 -23.45
C LEU A 208 -12.29 30.65 -24.55
N ASN A 209 -12.11 31.84 -25.14
CA ASN A 209 -13.03 32.26 -26.18
C ASN A 209 -12.98 31.31 -27.36
N SER A 210 -11.78 30.80 -27.67
CA SER A 210 -11.67 29.88 -28.79
C SER A 210 -12.29 28.53 -28.44
N PHE A 211 -12.06 28.05 -27.21
CA PHE A 211 -12.76 26.85 -26.77
C PHE A 211 -14.27 27.04 -26.88
N LYS A 212 -14.76 28.22 -26.51
CA LYS A 212 -16.19 28.48 -26.50
C LYS A 212 -16.79 28.49 -27.90
N GLU A 213 -15.95 28.48 -28.93
CA GLU A 213 -16.42 28.37 -30.30
C GLU A 213 -16.78 26.94 -30.68
N TYR A 214 -16.13 25.94 -30.09
CA TYR A 214 -16.46 24.55 -30.39
C TYR A 214 -17.52 23.96 -29.46
N PHE A 215 -17.59 24.44 -28.23
CA PHE A 215 -18.52 23.93 -27.22
C PHE A 215 -19.19 25.08 -26.50
N ASN A 216 -20.47 24.93 -26.20
CA ASN A 216 -21.11 25.79 -25.23
C ASN A 216 -20.90 25.23 -23.84
N LEU A 217 -20.62 26.11 -22.89
CA LEU A 217 -20.41 25.70 -21.50
C LEU A 217 -21.73 25.80 -20.73
N ARG A 218 -22.15 24.68 -20.12
CA ARG A 218 -23.45 24.54 -19.50
C ARG A 218 -23.30 23.90 -18.12
N ASN A 219 -24.14 24.33 -17.17
CA ASN A 219 -24.22 23.70 -15.86
C ASN A 219 -22.83 23.60 -15.24
N CYS A 220 -22.14 24.72 -15.26
CA CYS A 220 -20.80 24.82 -14.74
C CYS A 220 -20.80 24.98 -13.22
N THR A 221 -20.08 24.10 -12.52
CA THR A 221 -20.06 24.15 -11.05
C THR A 221 -18.90 24.95 -10.47
N PHE A 222 -17.78 25.10 -11.17
CA PHE A 222 -16.81 26.10 -10.75
C PHE A 222 -15.98 26.52 -11.96
N MET A 223 -15.25 27.63 -11.78
CA MET A 223 -14.26 28.09 -12.75
C MET A 223 -13.21 28.87 -11.99
N TYR A 224 -12.02 28.28 -11.82
CA TYR A 224 -10.95 28.91 -11.08
C TYR A 224 -9.83 29.34 -12.02
N THR A 225 -9.16 30.45 -11.68
CA THR A 225 -7.92 30.82 -12.36
C THR A 225 -6.76 30.81 -11.37
N TYR A 226 -5.56 30.63 -11.92
CA TYR A 226 -4.34 30.55 -11.12
C TYR A 226 -3.28 31.35 -11.85
N ASN A 227 -2.89 32.51 -11.30
CA ASN A 227 -1.90 33.37 -11.96
C ASN A 227 -0.55 32.62 -12.05
N ILE A 228 0.12 32.79 -13.18
CA ILE A 228 1.38 32.10 -13.46
C ILE A 228 2.39 33.16 -13.84
N THR A 229 3.56 33.13 -13.22
CA THR A 229 4.57 34.12 -13.51
C THR A 229 5.31 33.80 -14.79
N GLU A 230 5.51 34.81 -15.63
CA GLU A 230 6.07 34.58 -16.95
C GLU A 230 7.60 34.43 -16.86
N ASP A 231 8.12 33.26 -17.23
CA ASP A 231 9.55 32.99 -17.35
C ASP A 231 9.74 31.80 -18.30
N GLU A 232 10.96 31.25 -18.33
CA GLU A 232 11.25 30.12 -19.22
C GLU A 232 11.92 28.98 -18.45
N ILE A 233 11.47 28.72 -17.24
CA ILE A 233 12.08 27.71 -16.40
C ILE A 233 11.34 26.38 -16.50
N LEU A 234 12.10 25.28 -16.54
CA LEU A 234 11.53 23.95 -16.46
C LEU A 234 10.62 23.82 -15.25
N GLU A 235 9.43 23.28 -15.46
CA GLU A 235 8.56 23.08 -14.32
C GLU A 235 7.74 21.83 -14.52
N TRP A 236 7.18 21.34 -13.41
CA TRP A 236 6.41 20.11 -13.38
C TRP A 236 5.00 20.37 -12.86
N PHE A 237 4.04 19.65 -13.46
CA PHE A 237 2.63 19.68 -13.12
C PHE A 237 2.19 18.26 -12.83
N GLY A 238 1.33 18.09 -11.82
CA GLY A 238 0.83 16.78 -11.47
C GLY A 238 -0.65 16.87 -11.15
N ILE A 239 -1.34 15.75 -11.29
CA ILE A 239 -2.77 15.68 -10.97
C ILE A 239 -3.10 14.29 -10.46
N THR A 240 -3.85 14.22 -9.36
CA THR A 240 -4.33 12.97 -8.75
C THR A 240 -5.77 13.19 -8.29
N GLN A 241 -6.43 12.12 -7.85
CA GLN A 241 -7.81 12.23 -7.40
C GLN A 241 -8.06 11.29 -6.23
N THR A 242 -8.64 11.82 -5.16
CA THR A 242 -9.08 11.03 -4.01
C THR A 242 -10.55 11.26 -3.79
N ALA A 243 -11.11 10.61 -2.76
CA ALA A 243 -12.50 10.90 -2.46
C ALA A 243 -12.73 12.36 -2.10
N GLN A 244 -11.67 13.11 -1.78
CA GLN A 244 -11.81 14.51 -1.42
C GLN A 244 -11.85 15.46 -2.59
N GLY A 245 -11.52 14.99 -3.79
CA GLY A 245 -11.51 15.80 -5.00
C GLY A 245 -10.27 15.56 -5.83
N VAL A 246 -10.14 16.37 -6.88
CA VAL A 246 -8.98 16.32 -7.77
C VAL A 246 -7.94 17.26 -7.21
N HIS A 247 -6.68 16.82 -7.21
CA HIS A 247 -5.58 17.56 -6.62
C HIS A 247 -4.63 18.01 -7.72
N LEU A 248 -4.28 19.29 -7.73
CA LEU A 248 -3.36 19.83 -8.71
C LEU A 248 -2.03 20.12 -8.04
N PHE A 249 -0.93 19.68 -8.68
CA PHE A 249 0.41 19.87 -8.13
C PHE A 249 1.25 20.68 -9.11
N SER A 250 2.14 21.50 -8.56
CA SER A 250 3.13 22.19 -9.39
C SER A 250 4.43 22.31 -8.62
N SER A 251 5.54 22.39 -9.36
CA SER A 251 6.81 22.80 -8.77
C SER A 251 6.91 24.31 -8.63
N ARG A 252 6.05 25.05 -9.33
CA ARG A 252 6.31 26.45 -9.60
C ARG A 252 6.13 27.35 -8.36
N TYR A 253 5.33 26.93 -7.38
CA TYR A 253 5.06 27.89 -6.31
C TYR A 253 5.96 27.71 -5.09
N VAL A 254 6.58 26.55 -4.93
CA VAL A 254 7.41 26.24 -3.77
C VAL A 254 8.86 25.96 -4.16
N ASP A 255 9.07 25.07 -5.12
CA ASP A 255 10.40 24.67 -5.50
C ASP A 255 10.63 25.04 -6.97
N LEU A 256 10.60 26.33 -7.30
CA LEU A 256 10.65 26.68 -8.72
C LEU A 256 11.91 26.13 -9.37
N TYR A 257 13.03 26.16 -8.65
CA TYR A 257 14.30 25.82 -9.25
C TYR A 257 14.67 24.34 -9.07
N GLY A 258 13.89 23.54 -8.36
CA GLY A 258 14.22 22.14 -8.20
C GLY A 258 13.29 21.13 -8.86
N GLY A 259 12.01 21.42 -8.89
CA GLY A 259 11.04 20.54 -9.54
C GLY A 259 10.24 19.65 -8.62
N ASN A 260 10.35 19.83 -7.31
CA ASN A 260 9.50 19.07 -6.41
C ASN A 260 8.08 19.60 -6.50
N MET A 261 7.12 18.70 -6.63
CA MET A 261 5.75 19.12 -6.79
C MET A 261 5.04 19.20 -5.44
N PHE A 262 4.29 20.29 -5.28
CA PHE A 262 3.47 20.56 -4.11
C PHE A 262 2.05 20.85 -4.55
N GLN A 263 1.08 20.36 -3.77
CA GLN A 263 -0.33 20.59 -4.08
C GLN A 263 -0.68 22.06 -3.97
N PHE A 264 -1.32 22.61 -5.01
CA PHE A 264 -1.76 24.01 -4.98
C PHE A 264 -3.25 24.21 -5.15
N ALA A 265 -4.04 23.13 -5.29
CA ALA A 265 -5.49 23.26 -5.36
C ALA A 265 -6.13 21.89 -5.16
N THR A 266 -7.36 21.92 -4.64
CA THR A 266 -8.22 20.74 -4.61
C THR A 266 -9.54 21.12 -5.27
N LEU A 267 -9.81 20.53 -6.36
CA LEU A 267 -11.01 20.89 -7.08
C LEU A 267 -12.15 19.99 -6.63
N PRO A 268 -13.31 20.57 -6.41
CA PRO A 268 -14.46 19.77 -5.99
C PRO A 268 -15.03 18.95 -7.12
N VAL A 269 -14.33 17.89 -7.49
CA VAL A 269 -14.71 16.99 -8.58
C VAL A 269 -14.79 15.59 -7.99
N TYR A 270 -16.00 15.09 -7.80
CA TYR A 270 -16.17 13.88 -7.01
C TYR A 270 -16.57 12.66 -7.82
N ASP A 271 -16.96 12.83 -9.07
CA ASP A 271 -17.07 11.69 -9.97
C ASP A 271 -15.67 11.20 -10.36
N THR A 272 -15.50 9.90 -10.43
CA THR A 272 -14.18 9.36 -10.74
C THR A 272 -13.75 9.74 -12.14
N ILE A 273 -12.56 10.35 -12.26
CA ILE A 273 -11.96 10.64 -13.55
C ILE A 273 -11.36 9.35 -14.10
N LYS A 274 -11.91 8.84 -15.19
CA LYS A 274 -11.41 7.63 -15.81
C LYS A 274 -10.65 7.88 -17.10
N TYR A 275 -10.87 9.02 -17.76
CA TYR A 275 -10.31 9.27 -19.08
C TYR A 275 -9.78 10.68 -19.16
N TYR A 276 -8.79 10.86 -20.03
CA TYR A 276 -8.31 12.19 -20.33
C TYR A 276 -7.82 12.24 -21.78
N SER A 277 -7.76 13.45 -22.32
CA SER A 277 -7.13 13.68 -23.61
C SER A 277 -6.41 15.01 -23.55
N ILE A 278 -5.44 15.19 -24.45
CA ILE A 278 -4.71 16.45 -24.55
C ILE A 278 -5.44 17.34 -25.55
N ILE A 279 -5.73 18.59 -25.16
CA ILE A 279 -6.47 19.54 -26.00
C ILE A 279 -5.46 20.22 -26.92
N PRO A 280 -5.53 20.02 -28.23
CA PRO A 280 -4.52 20.62 -29.12
C PRO A 280 -4.68 22.14 -29.18
N HIS A 281 -3.56 22.82 -29.10
CA HIS A 281 -3.47 24.26 -29.25
C HIS A 281 -2.73 24.60 -30.53
N SER A 282 -3.15 25.67 -31.19
CA SER A 282 -2.41 26.14 -32.36
C SER A 282 -2.31 27.65 -32.24
N ILE A 283 -1.16 28.24 -32.57
CA ILE A 283 -1.00 29.67 -32.38
C ILE A 283 -1.18 30.37 -33.73
N ARG A 284 -2.15 31.29 -33.82
CA ARG A 284 -2.42 32.01 -35.08
C ARG A 284 -1.37 33.10 -35.34
N SER A 285 -0.15 32.64 -35.67
CA SER A 285 0.96 33.51 -36.07
C SER A 285 0.81 33.87 -37.56
N ILE A 286 1.50 34.94 -37.97
CA ILE A 286 1.81 35.21 -39.37
C ILE A 286 3.16 34.56 -39.70
N GLN A 287 3.37 34.24 -40.99
CA GLN A 287 4.47 33.36 -41.41
C GLN A 287 5.83 33.80 -40.89
N SER A 288 6.14 35.10 -40.96
CA SER A 288 7.44 35.59 -40.54
C SER A 288 7.69 35.42 -39.03
N ASP A 289 6.63 35.45 -38.21
CA ASP A 289 6.81 35.49 -36.76
C ASP A 289 6.50 34.18 -36.05
N ARG A 290 6.59 33.04 -36.75
CA ARG A 290 6.39 31.74 -36.11
C ARG A 290 7.44 31.47 -35.05
N LYS A 291 7.06 30.69 -34.06
CA LYS A 291 7.93 30.36 -32.96
C LYS A 291 7.92 28.86 -32.72
N ALA A 292 8.93 28.39 -32.00
CA ALA A 292 9.02 26.99 -31.63
C ALA A 292 8.54 26.85 -30.21
N TRP A 293 7.69 25.88 -29.95
CA TRP A 293 7.09 25.75 -28.64
C TRP A 293 7.52 24.40 -28.07
N ALA A 294 8.04 24.45 -26.86
CA ALA A 294 8.66 23.29 -26.25
C ALA A 294 7.66 22.16 -26.05
N ALA A 295 8.03 20.98 -26.54
CA ALA A 295 7.19 19.83 -26.29
C ALA A 295 7.07 19.58 -24.79
N PHE A 296 5.92 19.02 -24.37
CA PHE A 296 5.76 18.56 -23.00
C PHE A 296 5.58 17.05 -22.95
N TYR A 297 5.81 16.48 -21.77
CA TYR A 297 5.83 15.03 -21.60
C TYR A 297 4.95 14.63 -20.43
N VAL A 298 4.11 13.62 -20.64
CA VAL A 298 3.12 13.19 -19.65
C VAL A 298 3.51 11.78 -19.24
N TYR A 299 3.72 11.59 -17.93
CA TYR A 299 4.15 10.31 -17.37
C TYR A 299 3.15 9.82 -16.35
N LYS A 300 2.76 8.56 -16.44
CA LYS A 300 1.73 8.01 -15.56
C LYS A 300 2.31 7.73 -14.17
N LEU A 301 1.47 7.85 -13.16
CA LEU A 301 1.85 7.55 -11.79
C LEU A 301 1.41 6.14 -11.40
N GLN A 302 2.29 5.42 -10.70
CA GLN A 302 1.97 4.10 -10.14
C GLN A 302 2.44 4.02 -8.70
N PRO A 303 1.87 3.09 -7.93
CA PRO A 303 2.38 2.84 -6.57
C PRO A 303 3.74 2.17 -6.65
N LEU A 304 4.76 2.87 -6.15
CA LEU A 304 6.11 2.37 -6.18
C LEU A 304 6.76 2.69 -4.84
N THR A 305 7.72 1.84 -4.47
CA THR A 305 8.62 2.15 -3.37
C THR A 305 9.88 2.82 -3.91
N PHE A 306 10.25 3.95 -3.30
CA PHE A 306 11.41 4.76 -3.67
C PHE A 306 12.26 5.02 -2.43
N LEU A 307 13.57 5.19 -2.63
CA LEU A 307 14.41 5.84 -1.64
C LEU A 307 14.40 7.34 -1.94
N LEU A 308 14.05 8.14 -0.94
CA LEU A 308 13.99 9.58 -1.09
C LEU A 308 15.11 10.18 -0.27
N ASP A 309 15.90 11.02 -0.91
CA ASP A 309 17.09 11.63 -0.33
C ASP A 309 16.80 13.10 -0.10
N PHE A 310 16.50 13.46 1.15
CA PHE A 310 16.15 14.83 1.51
C PHE A 310 17.40 15.64 1.83
N SER A 311 17.57 16.76 1.15
CA SER A 311 18.69 17.64 1.42
C SER A 311 18.49 18.30 2.79
N VAL A 312 19.35 19.26 3.13
CA VAL A 312 19.27 19.79 4.48
C VAL A 312 18.15 20.81 4.62
N ASP A 313 17.90 21.59 3.57
CA ASP A 313 16.78 22.53 3.55
C ASP A 313 15.42 21.84 3.37
N GLY A 314 15.39 20.51 3.22
CA GLY A 314 14.15 19.77 3.21
C GLY A 314 13.65 19.30 1.86
N TYR A 315 14.37 19.55 0.79
CA TYR A 315 13.92 19.21 -0.55
C TYR A 315 14.55 17.89 -0.98
N ILE A 316 13.85 17.19 -1.87
CA ILE A 316 14.30 15.92 -2.41
C ILE A 316 15.13 16.19 -3.66
N ARG A 317 16.40 15.81 -3.62
CA ARG A 317 17.26 16.06 -4.76
C ARG A 317 17.80 14.80 -5.42
N ARG A 318 17.61 13.63 -4.81
CA ARG A 318 18.01 12.36 -5.41
C ARG A 318 17.01 11.31 -4.95
N ALA A 319 16.80 10.29 -5.80
CA ALA A 319 15.90 9.18 -5.46
C ALA A 319 16.36 7.91 -6.17
N ILE A 320 15.75 6.79 -5.78
CA ILE A 320 16.06 5.48 -6.33
C ILE A 320 14.75 4.73 -6.51
N ASP A 321 14.52 4.20 -7.71
CA ASP A 321 13.34 3.40 -7.96
C ASP A 321 13.71 1.96 -7.61
N CYS A 322 13.17 1.46 -6.50
CA CYS A 322 13.63 0.18 -5.99
C CYS A 322 13.49 -0.92 -7.02
N GLY A 323 12.44 -0.87 -7.85
CA GLY A 323 12.19 -1.97 -8.77
C GLY A 323 12.83 -1.82 -10.11
N PHE A 324 13.65 -0.78 -10.28
CA PHE A 324 14.28 -0.46 -11.55
C PHE A 324 15.15 -1.60 -12.09
N ASN A 325 16.29 -1.84 -11.45
CA ASN A 325 17.15 -2.97 -11.79
C ASN A 325 17.61 -3.69 -10.54
N ASP A 326 18.52 -4.67 -10.70
CA ASP A 326 19.01 -5.43 -9.55
C ASP A 326 19.84 -4.56 -8.62
N LEU A 327 20.62 -3.64 -9.20
CA LEU A 327 21.49 -2.79 -8.39
C LEU A 327 20.69 -1.83 -7.54
N SER A 328 19.61 -1.29 -8.08
CA SER A 328 18.82 -0.37 -7.29
C SER A 328 18.11 -1.10 -6.16
N GLN A 329 17.63 -2.31 -6.43
CA GLN A 329 16.98 -3.10 -5.39
C GLN A 329 17.96 -3.44 -4.30
N LEU A 330 19.22 -3.57 -4.66
CA LEU A 330 20.24 -3.87 -3.67
C LEU A 330 20.39 -2.68 -2.73
N HIS A 331 20.37 -1.47 -3.28
CA HIS A 331 20.42 -0.26 -2.48
C HIS A 331 19.21 -0.16 -1.55
N CYS A 332 18.03 -0.55 -2.04
CA CYS A 332 16.84 -0.49 -1.21
C CYS A 332 16.91 -1.48 -0.07
N SER A 333 17.22 -2.74 -0.37
CA SER A 333 17.22 -3.74 0.70
C SER A 333 18.29 -3.42 1.73
N TYR A 334 19.34 -2.71 1.34
CA TYR A 334 20.43 -2.35 2.24
C TYR A 334 20.03 -1.22 3.18
N GLU A 335 18.77 -0.79 3.16
CA GLU A 335 18.26 0.13 4.17
C GLU A 335 17.08 -0.53 4.86
N SER A 336 17.33 -1.67 5.51
CA SER A 336 16.30 -2.37 6.29
C SER A 336 16.94 -3.47 7.14
N TYR B 1 31.33 -28.25 15.44
CA TYR B 1 31.43 -29.01 14.16
C TYR B 1 30.09 -29.54 13.66
N VAL B 2 30.09 -29.92 12.39
CA VAL B 2 28.89 -30.12 11.60
C VAL B 2 28.92 -31.50 10.94
N ASP B 3 27.73 -32.08 10.75
CA ASP B 3 27.58 -33.34 10.01
C ASP B 3 27.51 -33.04 8.52
N VAL B 4 28.44 -33.60 7.74
CA VAL B 4 28.46 -33.36 6.31
C VAL B 4 28.14 -34.62 5.51
N GLY B 5 27.54 -35.62 6.13
CA GLY B 5 27.12 -36.79 5.40
C GLY B 5 28.13 -37.91 5.44
N PRO B 6 27.96 -38.86 4.53
CA PRO B 6 28.67 -40.15 4.63
C PRO B 6 30.09 -40.11 4.11
N ASP B 7 30.94 -40.92 4.75
CA ASP B 7 32.26 -41.19 4.20
C ASP B 7 32.14 -42.06 2.97
N SER B 8 33.19 -42.07 2.17
CA SER B 8 33.16 -42.97 1.02
C SER B 8 33.32 -44.41 1.49
N VAL B 9 32.55 -45.33 0.88
CA VAL B 9 32.78 -46.74 1.18
C VAL B 9 33.76 -47.39 0.23
N LYS B 10 34.21 -46.69 -0.81
CA LYS B 10 35.07 -47.28 -1.82
C LYS B 10 36.46 -47.63 -1.25
N SER B 11 36.97 -48.81 -1.62
CA SER B 11 38.27 -49.24 -1.15
C SER B 11 39.42 -48.64 -1.93
N ALA B 12 39.15 -48.05 -3.10
CA ALA B 12 40.20 -47.37 -3.84
C ALA B 12 39.65 -46.12 -4.49
N CYS B 13 40.56 -45.35 -5.07
CA CYS B 13 40.28 -44.16 -5.84
C CYS B 13 40.41 -44.44 -7.34
N ILE B 14 39.64 -43.73 -8.15
CA ILE B 14 39.81 -43.81 -9.59
C ILE B 14 41.20 -43.30 -9.95
N GLU B 15 41.88 -44.01 -10.84
CA GLU B 15 43.23 -43.64 -11.26
C GLU B 15 43.21 -42.34 -12.09
N VAL B 16 44.26 -41.53 -11.92
CA VAL B 16 44.29 -40.20 -12.49
C VAL B 16 45.49 -40.09 -13.42
N ASP B 17 45.24 -39.64 -14.64
CA ASP B 17 46.26 -39.54 -15.67
C ASP B 17 46.59 -38.07 -15.89
N ILE B 18 47.82 -37.68 -15.58
CA ILE B 18 48.30 -36.33 -15.80
C ILE B 18 49.12 -36.32 -17.08
N GLN B 19 48.68 -35.55 -18.07
CA GLN B 19 49.47 -35.27 -19.26
C GLN B 19 49.38 -33.77 -19.45
N GLN B 20 50.31 -33.03 -18.85
CA GLN B 20 50.22 -31.57 -18.90
C GLN B 20 50.27 -31.04 -20.32
N THR B 21 50.84 -31.81 -21.24
CA THR B 21 50.99 -31.37 -22.63
C THR B 21 49.64 -31.07 -23.26
N PHE B 22 48.66 -31.91 -22.97
CA PHE B 22 47.35 -31.75 -23.59
C PHE B 22 46.58 -30.56 -23.06
N PHE B 23 47.12 -29.85 -22.07
CA PHE B 23 46.47 -28.71 -21.44
C PHE B 23 47.22 -27.41 -21.65
N ASP B 24 48.36 -27.43 -22.35
CA ASP B 24 49.16 -26.23 -22.56
C ASP B 24 48.72 -25.40 -23.75
N LYS B 25 47.55 -25.69 -24.34
CA LYS B 25 46.97 -24.79 -25.33
C LYS B 25 46.99 -23.36 -24.78
N THR B 26 47.06 -22.37 -25.65
CA THR B 26 47.20 -20.97 -25.21
C THR B 26 46.15 -20.09 -25.90
N TRP B 27 45.01 -19.86 -25.22
CA TRP B 27 43.98 -18.93 -25.67
C TRP B 27 44.02 -17.71 -24.75
N PRO B 28 44.73 -16.64 -25.11
CA PRO B 28 44.89 -15.52 -24.17
C PRO B 28 43.61 -14.71 -24.05
N ARG B 29 43.27 -14.34 -22.80
CA ARG B 29 42.13 -13.48 -22.51
C ARG B 29 42.52 -12.55 -21.38
N PRO B 30 43.29 -11.53 -21.66
CA PRO B 30 43.87 -10.69 -20.60
C PRO B 30 42.87 -9.65 -20.14
N ILE B 31 43.19 -9.02 -19.00
CA ILE B 31 42.31 -8.01 -18.40
C ILE B 31 42.20 -6.80 -19.32
N ASP B 32 40.96 -6.35 -19.55
CA ASP B 32 40.71 -5.11 -20.30
C ASP B 32 39.81 -4.20 -19.46
N VAL B 33 40.42 -3.27 -18.72
CA VAL B 33 39.62 -2.47 -17.80
C VAL B 33 38.66 -1.53 -18.51
N SER B 34 38.88 -1.22 -19.80
CA SER B 34 37.93 -0.38 -20.51
C SER B 34 36.60 -1.08 -20.79
N LYS B 35 36.58 -2.42 -20.73
CA LYS B 35 35.35 -3.19 -20.69
C LYS B 35 34.95 -3.59 -19.26
N ALA B 36 35.62 -3.03 -18.24
CA ALA B 36 35.33 -3.31 -16.84
C ALA B 36 35.53 -4.79 -16.48
N ASP B 37 36.61 -5.39 -16.99
CA ASP B 37 36.97 -6.76 -16.68
C ASP B 37 37.40 -6.89 -15.23
N GLY B 38 36.76 -7.78 -14.47
CA GLY B 38 37.20 -8.10 -13.12
C GLY B 38 37.06 -6.99 -12.09
N ILE B 39 36.00 -6.19 -12.20
CA ILE B 39 35.79 -5.06 -11.32
C ILE B 39 34.87 -5.48 -10.18
N ILE B 40 35.34 -5.36 -8.94
CA ILE B 40 34.44 -5.50 -7.79
C ILE B 40 33.77 -4.16 -7.53
N TYR B 41 32.45 -4.11 -7.74
CA TYR B 41 31.70 -2.88 -7.57
C TYR B 41 31.95 -2.29 -6.19
N PRO B 42 32.25 -0.99 -6.10
CA PRO B 42 32.60 -0.37 -4.80
C PRO B 42 31.50 -0.56 -3.76
N GLN B 43 31.94 -0.99 -2.58
CA GLN B 43 31.00 -1.48 -1.58
C GLN B 43 30.41 -0.34 -0.76
N GLY B 44 29.10 -0.39 -0.59
CA GLY B 44 28.45 0.42 0.40
C GLY B 44 27.69 1.61 -0.12
N ARG B 45 28.09 2.19 -1.24
CA ARG B 45 27.36 3.36 -1.67
C ARG B 45 27.14 3.31 -3.18
N THR B 46 26.68 4.43 -3.70
CA THR B 46 25.76 4.46 -4.82
C THR B 46 26.08 5.62 -5.76
N TYR B 47 26.01 5.34 -7.05
CA TYR B 47 26.44 6.29 -8.07
C TYR B 47 25.51 6.26 -9.28
N SER B 48 25.59 7.33 -10.06
CA SER B 48 24.89 7.42 -11.34
C SER B 48 25.60 8.48 -12.15
N ASN B 49 25.80 8.19 -13.43
CA ASN B 49 26.34 9.11 -14.43
C ASN B 49 27.43 10.01 -13.83
N ILE B 50 28.52 9.36 -13.41
CA ILE B 50 29.58 10.06 -12.70
C ILE B 50 30.85 9.25 -12.88
N THR B 51 31.99 9.90 -12.68
CA THR B 51 33.31 9.30 -12.85
C THR B 51 34.14 9.64 -11.64
N ILE B 52 34.57 8.62 -10.92
CA ILE B 52 35.33 8.79 -9.71
C ILE B 52 36.62 8.01 -9.81
N THR B 53 37.55 8.34 -8.94
CA THR B 53 38.70 7.50 -8.69
C THR B 53 38.46 6.81 -7.35
N TYR B 54 38.82 5.54 -7.30
CA TYR B 54 38.50 4.68 -6.17
C TYR B 54 39.71 3.81 -5.88
N GLN B 55 39.98 3.62 -4.59
CA GLN B 55 41.12 2.84 -4.12
C GLN B 55 40.58 1.53 -3.57
N GLY B 56 40.81 0.44 -4.29
CA GLY B 56 40.24 -0.83 -3.95
C GLY B 56 41.14 -1.96 -4.39
N LEU B 57 40.56 -3.15 -4.52
CA LEU B 57 41.30 -4.33 -4.98
C LEU B 57 40.90 -4.62 -6.40
N PHE B 58 41.87 -4.53 -7.31
CA PHE B 58 41.64 -4.71 -8.74
C PHE B 58 42.75 -5.56 -9.32
N PRO B 59 42.48 -6.23 -10.43
CA PRO B 59 43.57 -6.77 -11.23
C PRO B 59 44.19 -5.64 -12.01
N TYR B 60 45.47 -5.79 -12.34
CA TYR B 60 46.09 -4.72 -13.10
C TYR B 60 45.79 -4.89 -14.58
N GLN B 61 45.63 -3.75 -15.27
CA GLN B 61 45.37 -3.74 -16.70
C GLN B 61 46.37 -4.59 -17.48
N GLY B 62 45.86 -5.40 -18.41
CA GLY B 62 46.68 -6.23 -19.26
C GLY B 62 47.24 -7.49 -18.65
N ASP B 63 46.77 -7.89 -17.46
CA ASP B 63 47.20 -9.16 -16.87
C ASP B 63 46.61 -10.33 -17.65
N HIS B 64 47.49 -11.26 -18.06
CA HIS B 64 47.06 -12.45 -18.79
C HIS B 64 46.38 -13.46 -17.89
N GLY B 65 46.65 -13.41 -16.59
CA GLY B 65 46.11 -14.36 -15.65
C GLY B 65 46.78 -15.71 -15.78
N ASP B 66 46.32 -16.62 -14.94
CA ASP B 66 46.66 -18.03 -15.03
C ASP B 66 45.45 -18.76 -15.61
N MET B 67 45.66 -19.52 -16.67
CA MET B 67 44.59 -20.21 -17.36
C MET B 67 44.52 -21.67 -16.93
N TYR B 68 43.29 -22.17 -16.75
CA TYR B 68 43.03 -23.55 -16.34
C TYR B 68 41.95 -24.16 -17.22
N VAL B 69 42.06 -25.46 -17.49
CA VAL B 69 41.04 -26.13 -18.28
C VAL B 69 40.80 -27.54 -17.74
N TYR B 70 39.52 -27.93 -17.70
CA TYR B 70 39.09 -29.25 -17.27
C TYR B 70 38.75 -30.04 -18.52
N SER B 71 38.91 -31.35 -18.45
CA SER B 71 38.73 -32.16 -19.64
C SER B 71 37.86 -33.38 -19.36
N ALA B 72 37.22 -33.88 -20.43
CA ALA B 72 36.62 -35.19 -20.36
C ALA B 72 37.71 -36.22 -20.14
N GLY B 73 37.35 -37.34 -19.53
CA GLY B 73 38.32 -38.35 -19.18
C GLY B 73 38.40 -39.49 -20.17
N HIS B 74 39.43 -40.33 -19.97
CA HIS B 74 39.59 -41.55 -20.75
C HIS B 74 38.32 -42.38 -20.72
N ALA B 75 37.99 -42.96 -21.87
CA ALA B 75 36.88 -43.88 -21.99
C ALA B 75 37.25 -44.90 -23.06
N THR B 76 36.48 -45.98 -23.11
CA THR B 76 36.46 -46.75 -24.35
C THR B 76 35.12 -46.56 -25.01
N GLY B 77 34.33 -47.63 -24.99
CA GLY B 77 33.06 -47.58 -25.67
C GLY B 77 32.05 -46.86 -24.84
N THR B 78 31.32 -47.66 -24.07
CA THR B 78 30.34 -47.17 -23.12
C THR B 78 30.90 -47.17 -21.69
N THR B 79 32.20 -47.33 -21.53
CA THR B 79 32.81 -47.49 -20.21
C THR B 79 33.82 -46.39 -19.92
N PRO B 80 33.48 -45.43 -19.08
CA PRO B 80 34.49 -44.48 -18.61
C PRO B 80 35.61 -45.18 -17.85
N GLN B 81 36.86 -44.78 -18.16
CA GLN B 81 38.04 -45.31 -17.48
C GLN B 81 38.76 -44.25 -16.66
N LYS B 82 40.09 -44.20 -16.76
CA LYS B 82 40.89 -43.24 -16.00
C LYS B 82 40.43 -41.80 -16.15
N LEU B 83 40.82 -40.96 -15.20
CA LEU B 83 40.60 -39.52 -15.30
C LEU B 83 41.78 -38.85 -16.00
N PHE B 84 41.50 -37.66 -16.54
CA PHE B 84 42.44 -36.88 -17.33
C PHE B 84 42.53 -35.46 -16.79
N VAL B 85 43.71 -35.08 -16.28
CA VAL B 85 43.91 -33.81 -15.59
C VAL B 85 45.25 -33.18 -15.96
N ALA B 86 45.36 -31.89 -15.69
CA ALA B 86 46.62 -31.18 -15.72
C ALA B 86 47.36 -31.36 -14.39
N ASN B 87 48.56 -30.81 -14.28
CA ASN B 87 49.33 -30.96 -13.05
C ASN B 87 48.96 -29.88 -12.04
N TYR B 88 47.67 -29.54 -11.93
CA TYR B 88 47.25 -28.39 -11.14
C TYR B 88 47.40 -28.65 -9.65
N SER B 89 47.24 -29.91 -9.18
CA SER B 89 47.24 -30.17 -7.75
C SER B 89 48.57 -29.84 -7.11
N GLN B 90 49.68 -30.05 -7.83
CA GLN B 90 51.01 -29.80 -7.30
C GLN B 90 51.41 -28.32 -7.36
N ASP B 91 50.63 -27.47 -8.00
CA ASP B 91 51.01 -26.08 -8.21
C ASP B 91 50.25 -25.21 -7.22
N VAL B 92 50.81 -25.08 -6.02
CA VAL B 92 50.23 -24.26 -4.97
C VAL B 92 50.66 -22.81 -5.15
N LYS B 93 49.70 -21.92 -5.25
CA LYS B 93 49.96 -20.51 -5.41
C LYS B 93 49.72 -19.73 -4.12
N GLN B 94 50.10 -18.46 -4.13
CA GLN B 94 49.99 -17.61 -2.95
C GLN B 94 48.78 -16.72 -3.04
N PHE B 95 47.94 -16.77 -1.99
CA PHE B 95 46.64 -16.11 -2.02
C PHE B 95 46.80 -14.60 -2.01
N ALA B 96 47.78 -14.10 -1.22
CA ALA B 96 48.04 -12.67 -1.11
C ALA B 96 46.76 -11.93 -0.79
N ASN B 97 46.31 -11.06 -1.71
CA ASN B 97 45.09 -10.30 -1.47
C ASN B 97 43.84 -10.96 -2.00
N GLY B 98 43.94 -12.12 -2.65
CA GLY B 98 42.80 -12.78 -3.26
C GLY B 98 42.86 -12.71 -4.77
N PHE B 99 41.77 -13.14 -5.41
CA PHE B 99 41.76 -13.22 -6.86
C PHE B 99 40.34 -13.16 -7.42
N VAL B 100 40.27 -12.78 -8.70
CA VAL B 100 39.05 -12.85 -9.47
C VAL B 100 39.26 -13.85 -10.61
N VAL B 101 38.13 -14.31 -11.16
CA VAL B 101 38.11 -15.49 -12.02
C VAL B 101 37.13 -15.25 -13.16
N ARG B 102 37.60 -15.40 -14.39
CA ARG B 102 36.76 -15.23 -15.57
C ARG B 102 36.24 -16.60 -16.02
N ILE B 103 34.94 -16.79 -15.92
CA ILE B 103 34.35 -18.12 -16.05
C ILE B 103 33.52 -18.16 -17.32
N GLY B 104 33.71 -19.21 -18.11
CA GLY B 104 32.88 -19.46 -19.26
C GLY B 104 33.15 -18.57 -20.43
N ALA B 105 34.32 -17.94 -20.48
CA ALA B 105 34.59 -16.90 -21.47
C ALA B 105 34.31 -17.38 -22.89
N ALA B 106 34.87 -18.53 -23.29
CA ALA B 106 34.82 -18.99 -24.67
C ALA B 106 33.61 -19.86 -24.96
N ALA B 107 32.51 -19.68 -24.22
CA ALA B 107 31.37 -20.55 -24.41
C ALA B 107 30.67 -20.20 -25.71
N ASN B 108 29.88 -21.15 -26.21
CA ASN B 108 29.18 -21.05 -27.51
C ASN B 108 30.13 -21.24 -28.70
N SER B 109 31.43 -21.01 -28.50
CA SER B 109 32.39 -21.19 -29.58
C SER B 109 32.57 -22.68 -29.85
N THR B 110 33.46 -23.02 -30.77
CA THR B 110 33.77 -24.41 -31.02
C THR B 110 35.24 -24.62 -30.73
N GLY B 111 35.57 -25.75 -30.12
CA GLY B 111 36.94 -25.91 -29.68
C GLY B 111 37.23 -27.37 -29.42
N THR B 112 38.44 -27.62 -28.93
CA THR B 112 38.94 -28.98 -28.80
C THR B 112 38.39 -29.64 -27.54
N VAL B 113 38.29 -30.97 -27.60
CA VAL B 113 37.86 -31.82 -26.49
C VAL B 113 39.03 -32.19 -25.56
N ILE B 114 40.20 -31.59 -25.80
CA ILE B 114 41.38 -31.66 -24.96
C ILE B 114 42.01 -33.06 -24.94
N ILE B 115 41.25 -34.06 -24.47
CA ILE B 115 41.73 -35.44 -24.36
C ILE B 115 41.98 -36.02 -25.73
N SER B 116 41.18 -35.63 -26.72
CA SER B 116 41.33 -36.00 -28.12
C SER B 116 41.45 -34.74 -28.96
N PRO B 117 42.65 -34.25 -29.25
CA PRO B 117 42.78 -32.95 -29.93
C PRO B 117 42.15 -32.94 -31.32
N SER B 118 41.94 -34.13 -31.90
CA SER B 118 41.34 -34.25 -33.22
C SER B 118 39.85 -33.94 -33.17
N THR B 119 39.18 -34.44 -32.14
CA THR B 119 37.75 -34.22 -31.97
C THR B 119 37.49 -32.79 -31.51
N SER B 120 36.37 -32.22 -31.96
CA SER B 120 35.98 -30.91 -31.51
C SER B 120 34.47 -30.90 -31.28
N ALA B 121 34.01 -29.87 -30.57
CA ALA B 121 32.62 -29.77 -30.13
C ALA B 121 32.35 -28.34 -29.68
N THR B 122 31.08 -28.01 -29.59
CA THR B 122 30.67 -26.70 -29.10
C THR B 122 30.86 -26.57 -27.57
N ILE B 123 31.55 -25.49 -27.17
CA ILE B 123 32.12 -25.32 -25.83
C ILE B 123 31.07 -24.87 -24.82
N ARG B 124 31.03 -25.54 -23.66
CA ARG B 124 30.07 -25.27 -22.61
C ARG B 124 30.80 -24.76 -21.38
N LYS B 125 30.09 -23.91 -20.61
CA LYS B 125 30.67 -23.34 -19.38
C LYS B 125 30.77 -24.39 -18.28
N ILE B 126 31.86 -24.32 -17.52
CA ILE B 126 32.13 -25.20 -16.39
C ILE B 126 32.72 -24.33 -15.29
N TYR B 127 32.32 -24.62 -13.96
CA TYR B 127 32.78 -23.73 -12.90
C TYR B 127 34.07 -24.24 -12.26
N PRO B 128 34.91 -23.33 -11.78
CA PRO B 128 36.19 -23.73 -11.19
C PRO B 128 36.05 -24.24 -9.77
N ALA B 129 36.99 -25.09 -9.37
CA ALA B 129 37.06 -25.60 -8.01
C ALA B 129 38.38 -25.19 -7.36
N PHE B 130 38.31 -24.74 -6.11
CA PHE B 130 39.47 -24.18 -5.43
C PHE B 130 39.68 -24.85 -4.09
N MET B 131 40.94 -24.86 -3.66
CA MET B 131 41.31 -25.34 -2.34
C MET B 131 42.19 -24.25 -1.73
N LEU B 132 41.80 -23.73 -0.56
CA LEU B 132 42.51 -22.61 0.05
C LEU B 132 42.86 -22.93 1.50
N GLY B 133 43.98 -22.39 1.96
CA GLY B 133 44.36 -22.71 3.32
C GLY B 133 45.49 -21.83 3.81
N SER B 134 45.99 -22.19 4.99
CA SER B 134 47.05 -21.46 5.67
C SER B 134 48.33 -22.27 5.81
N SER B 135 48.30 -23.56 5.53
CA SER B 135 49.42 -24.45 5.81
C SER B 135 49.45 -25.53 4.75
N VAL B 136 50.56 -25.63 4.02
CA VAL B 136 50.68 -26.62 2.95
C VAL B 136 51.95 -27.44 3.14
N GLY B 137 51.96 -28.63 2.56
CA GLY B 137 53.07 -29.56 2.65
C GLY B 137 52.99 -30.64 1.56
N ASN B 138 53.59 -31.81 1.82
CA ASN B 138 53.64 -32.92 0.87
C ASN B 138 52.82 -34.14 1.29
N PHE B 139 52.49 -34.95 0.29
CA PHE B 139 51.91 -36.25 0.54
C PHE B 139 53.01 -37.28 0.83
N SER B 140 52.60 -38.52 1.12
CA SER B 140 53.58 -39.53 1.55
C SER B 140 54.62 -39.80 0.49
N ASP B 141 54.24 -39.80 -0.79
CA ASP B 141 55.20 -40.14 -1.82
C ASP B 141 55.97 -38.92 -2.35
N GLY B 142 55.97 -37.82 -1.60
CA GLY B 142 56.80 -36.69 -1.94
C GLY B 142 56.13 -35.61 -2.76
N LYS B 143 54.96 -35.87 -3.35
CA LYS B 143 54.32 -34.88 -4.20
C LYS B 143 53.74 -33.71 -3.40
N MET B 144 53.88 -32.50 -3.97
CA MET B 144 53.38 -31.31 -3.29
C MET B 144 51.86 -31.21 -3.39
N GLY B 145 51.30 -30.25 -2.64
CA GLY B 145 49.89 -29.94 -2.77
C GLY B 145 48.95 -30.43 -1.70
N ARG B 146 49.46 -30.88 -0.56
CA ARG B 146 48.61 -31.27 0.55
C ARG B 146 48.36 -30.08 1.48
N PHE B 147 47.10 -29.88 1.84
CA PHE B 147 46.73 -28.83 2.77
C PHE B 147 46.55 -29.43 4.16
N PHE B 148 47.11 -28.76 5.16
CA PHE B 148 47.05 -29.17 6.56
C PHE B 148 46.13 -28.27 7.37
N ASN B 149 45.76 -28.78 8.53
CA ASN B 149 44.78 -28.17 9.43
C ASN B 149 43.54 -27.87 8.60
N HIS B 150 42.78 -26.84 8.97
CA HIS B 150 41.55 -26.55 8.25
C HIS B 150 41.82 -25.90 6.90
N THR B 151 41.08 -26.37 5.92
CA THR B 151 41.20 -26.03 4.52
C THR B 151 39.82 -25.64 4.01
N LEU B 152 39.77 -24.60 3.21
CA LEU B 152 38.54 -24.16 2.58
C LEU B 152 38.41 -24.77 1.18
N VAL B 153 37.32 -25.47 0.91
CA VAL B 153 37.08 -26.04 -0.41
C VAL B 153 35.90 -25.32 -1.05
N LEU B 154 36.08 -24.83 -2.27
CA LEU B 154 34.99 -24.30 -3.09
C LEU B 154 34.77 -25.27 -4.24
N LEU B 155 33.70 -26.05 -4.17
CA LEU B 155 33.51 -27.17 -5.09
C LEU B 155 32.15 -27.12 -5.77
N PRO B 156 32.09 -26.72 -7.03
CA PRO B 156 30.82 -26.71 -7.75
C PRO B 156 30.26 -28.12 -7.85
N ASP B 157 28.94 -28.21 -7.82
CA ASP B 157 28.28 -29.52 -7.86
C ASP B 157 26.96 -29.39 -8.63
N GLY B 158 26.29 -30.52 -8.81
CA GLY B 158 25.00 -30.55 -9.45
C GLY B 158 25.01 -30.13 -10.91
N CYS B 159 26.01 -30.59 -11.67
CA CYS B 159 26.22 -30.17 -13.06
C CYS B 159 26.07 -28.67 -13.23
N GLY B 160 26.81 -27.93 -12.41
CA GLY B 160 26.81 -26.47 -12.52
C GLY B 160 25.55 -25.77 -12.03
N THR B 161 24.82 -26.35 -11.05
CA THR B 161 23.63 -25.67 -10.52
C THR B 161 23.78 -25.33 -9.04
N LEU B 162 24.98 -25.48 -8.48
CA LEU B 162 25.15 -25.38 -7.05
C LEU B 162 26.63 -25.09 -6.81
N LEU B 163 26.93 -24.26 -5.81
CA LEU B 163 28.30 -24.10 -5.35
C LEU B 163 28.32 -24.49 -3.89
N ARG B 164 29.17 -25.45 -3.52
CA ARG B 164 29.32 -25.89 -2.15
C ARG B 164 30.60 -25.29 -1.58
N ALA B 165 30.52 -24.70 -0.38
CA ALA B 165 31.68 -24.17 0.31
C ALA B 165 31.77 -24.79 1.69
N PHE B 166 32.91 -25.39 2.03
CA PHE B 166 33.05 -26.02 3.33
C PHE B 166 34.48 -25.88 3.84
N TYR B 167 34.61 -25.93 5.16
CA TYR B 167 35.86 -25.63 5.85
C TYR B 167 36.11 -26.79 6.81
N CYS B 168 37.01 -27.70 6.44
CA CYS B 168 37.20 -28.99 7.10
C CYS B 168 38.70 -29.28 7.16
N ILE B 169 39.06 -30.30 7.96
CA ILE B 169 40.34 -30.98 7.82
C ILE B 169 40.22 -32.04 6.75
N LEU B 170 41.23 -32.15 5.87
CA LEU B 170 41.19 -33.13 4.78
C LEU B 170 42.12 -34.28 5.13
N GLU B 171 41.51 -35.40 5.59
CA GLU B 171 42.23 -36.61 5.97
C GLU B 171 42.41 -37.51 4.76
N PRO B 172 43.63 -37.65 4.22
CA PRO B 172 43.83 -38.46 3.00
C PRO B 172 43.56 -39.93 3.25
N ARG B 173 42.86 -40.55 2.28
CA ARG B 173 42.54 -41.97 2.35
C ARG B 173 43.69 -42.79 1.77
N SER B 174 43.67 -44.10 2.09
CA SER B 174 44.82 -44.96 1.88
C SER B 174 44.60 -46.05 0.84
N GLY B 175 43.45 -46.08 0.19
CA GLY B 175 43.24 -47.10 -0.84
C GLY B 175 44.18 -46.90 -2.02
N ASN B 176 44.14 -47.80 -3.00
CA ASN B 176 45.03 -47.64 -4.16
C ASN B 176 44.64 -46.40 -4.95
N HIS B 177 45.64 -45.58 -5.28
CA HIS B 177 45.58 -44.32 -6.02
C HIS B 177 45.14 -43.12 -5.18
N CYS B 178 44.93 -43.28 -3.88
CA CYS B 178 44.51 -42.25 -2.94
C CYS B 178 45.73 -41.57 -2.33
N PRO B 179 45.59 -40.35 -1.79
CA PRO B 179 46.80 -39.55 -1.47
C PRO B 179 47.71 -40.14 -0.39
N ALA B 180 47.26 -41.15 0.33
CA ALA B 180 48.08 -41.81 1.35
C ALA B 180 48.27 -43.28 1.01
N GLY B 181 48.17 -43.63 -0.27
CA GLY B 181 48.22 -45.01 -0.69
C GLY B 181 49.13 -45.25 -1.87
N ASN B 182 49.05 -46.44 -2.46
CA ASN B 182 49.99 -46.74 -3.52
C ASN B 182 49.62 -46.03 -4.81
N SER B 183 50.65 -45.66 -5.57
CA SER B 183 50.48 -45.17 -6.95
C SER B 183 49.62 -43.91 -6.98
N TYR B 184 49.92 -42.97 -6.10
CA TYR B 184 49.21 -41.69 -6.12
C TYR B 184 49.83 -40.78 -7.19
N THR B 185 48.99 -40.20 -8.05
CA THR B 185 49.44 -39.23 -9.03
C THR B 185 48.91 -37.83 -8.73
N SER B 186 47.60 -37.70 -8.58
CA SER B 186 46.97 -36.44 -8.21
C SER B 186 45.56 -36.76 -7.73
N PHE B 187 45.02 -35.92 -6.84
CA PHE B 187 43.60 -36.06 -6.54
C PHE B 187 42.79 -35.27 -7.57
N ALA B 188 41.51 -35.63 -7.69
CA ALA B 188 40.68 -34.98 -8.69
C ALA B 188 39.23 -35.16 -8.28
N THR B 189 38.38 -34.32 -8.84
CA THR B 189 36.95 -34.56 -8.72
C THR B 189 36.42 -34.93 -10.08
N TYR B 190 35.22 -35.48 -10.07
CA TYR B 190 34.58 -35.95 -11.28
C TYR B 190 33.09 -36.08 -11.02
N HIS B 191 32.35 -36.12 -12.11
CA HIS B 191 30.99 -36.60 -12.12
C HIS B 191 30.81 -37.33 -13.44
N THR B 192 29.77 -38.14 -13.53
CA THR B 192 29.52 -38.94 -14.72
C THR B 192 28.14 -38.59 -15.27
N PRO B 193 28.06 -37.86 -16.39
CA PRO B 193 26.76 -37.31 -16.81
C PRO B 193 25.70 -38.35 -17.11
N ALA B 194 26.11 -39.57 -17.52
CA ALA B 194 25.14 -40.65 -17.74
C ALA B 194 24.22 -40.84 -16.51
N THR B 195 24.81 -40.83 -15.31
CA THR B 195 24.07 -41.04 -14.06
C THR B 195 23.76 -39.76 -13.31
N ASP B 196 24.60 -38.73 -13.43
CA ASP B 196 24.53 -37.59 -12.53
C ASP B 196 23.86 -36.38 -13.14
N CYS B 197 23.82 -36.26 -14.47
CA CYS B 197 23.21 -35.11 -15.14
C CYS B 197 22.12 -35.55 -16.10
N SER B 198 21.30 -36.50 -15.70
CA SER B 198 20.09 -36.82 -16.45
C SER B 198 19.05 -35.77 -16.09
N ASP B 199 18.44 -35.16 -17.10
CA ASP B 199 17.62 -33.97 -16.88
C ASP B 199 16.50 -34.22 -15.88
N GLY B 200 16.17 -33.19 -15.09
CA GLY B 200 15.16 -33.26 -14.06
C GLY B 200 15.65 -33.74 -12.71
N ASN B 201 16.73 -34.52 -12.69
CA ASN B 201 17.28 -35.07 -11.44
C ASN B 201 18.81 -34.99 -11.54
N TYR B 202 19.34 -33.79 -11.32
CA TYR B 202 20.77 -33.61 -11.14
C TYR B 202 21.19 -34.07 -9.76
N ASN B 203 22.31 -34.79 -9.69
CA ASN B 203 22.87 -35.22 -8.43
C ASN B 203 23.65 -34.08 -7.79
N ARG B 204 23.09 -33.49 -6.74
CA ARG B 204 23.73 -32.37 -6.06
C ARG B 204 24.92 -32.79 -5.21
N ASN B 205 25.21 -34.08 -5.11
CA ASN B 205 26.31 -34.55 -4.29
C ASN B 205 27.35 -35.30 -5.12
N ALA B 206 27.29 -35.24 -6.45
CA ALA B 206 28.12 -36.13 -7.24
C ALA B 206 29.59 -35.75 -7.18
N SER B 207 29.88 -34.45 -7.30
CA SER B 207 31.27 -34.00 -7.24
C SER B 207 31.82 -34.16 -5.82
N LEU B 208 31.02 -33.81 -4.80
CA LEU B 208 31.42 -34.03 -3.41
C LEU B 208 31.72 -35.49 -3.15
N ASN B 209 30.90 -36.39 -3.68
CA ASN B 209 31.12 -37.80 -3.44
C ASN B 209 32.48 -38.22 -3.95
N SER B 210 32.89 -37.70 -5.12
CA SER B 210 34.19 -38.07 -5.67
C SER B 210 35.32 -37.44 -4.88
N PHE B 211 35.15 -36.18 -4.47
CA PHE B 211 36.12 -35.59 -3.54
C PHE B 211 36.30 -36.46 -2.31
N LYS B 212 35.19 -36.97 -1.76
CA LYS B 212 35.25 -37.77 -0.54
C LYS B 212 35.92 -39.12 -0.75
N GLU B 213 36.21 -39.50 -1.99
CA GLU B 213 36.96 -40.72 -2.24
C GLU B 213 38.44 -40.51 -1.99
N TYR B 214 38.93 -39.29 -2.20
CA TYR B 214 40.33 -39.00 -1.92
C TYR B 214 40.54 -38.50 -0.49
N PHE B 215 39.53 -37.88 0.11
CA PHE B 215 39.68 -37.34 1.45
C PHE B 215 38.47 -37.65 2.32
N ASN B 216 38.72 -37.97 3.58
CA ASN B 216 37.65 -37.95 4.57
C ASN B 216 37.53 -36.55 5.12
N LEU B 217 36.30 -36.08 5.30
CA LEU B 217 36.05 -34.75 5.84
C LEU B 217 35.87 -34.82 7.34
N ARG B 218 36.69 -34.08 8.08
CA ARG B 218 36.71 -34.18 9.53
C ARG B 218 36.71 -32.78 10.13
N ASN B 219 36.06 -32.67 11.28
CA ASN B 219 36.04 -31.43 12.07
C ASN B 219 35.61 -30.26 11.17
N CYS B 220 34.47 -30.45 10.52
CA CYS B 220 33.96 -29.45 9.60
C CYS B 220 33.15 -28.41 10.34
N THR B 221 33.47 -27.12 10.13
CA THR B 221 32.76 -26.06 10.86
C THR B 221 31.59 -25.46 10.11
N PHE B 222 31.56 -25.52 8.78
CA PHE B 222 30.33 -25.18 8.06
C PHE B 222 30.33 -25.89 6.72
N MET B 223 29.15 -25.94 6.11
CA MET B 223 29.02 -26.40 4.72
C MET B 223 27.80 -25.71 4.14
N TYR B 224 28.03 -24.71 3.30
CA TYR B 224 26.99 -23.91 2.68
C TYR B 224 26.84 -24.32 1.21
N THR B 225 25.61 -24.23 0.69
CA THR B 225 25.38 -24.38 -0.75
C THR B 225 24.75 -23.11 -1.30
N TYR B 226 25.00 -22.86 -2.58
CA TYR B 226 24.51 -21.63 -3.22
C TYR B 226 23.98 -22.06 -4.57
N ASN B 227 22.67 -22.08 -4.70
CA ASN B 227 22.01 -22.49 -5.93
C ASN B 227 22.40 -21.55 -7.08
N ILE B 228 22.56 -22.13 -8.27
CA ILE B 228 22.97 -21.42 -9.48
C ILE B 228 21.95 -21.69 -10.57
N THR B 229 21.57 -20.64 -11.29
CA THR B 229 20.68 -20.82 -12.43
C THR B 229 21.49 -21.23 -13.66
N GLU B 230 20.98 -22.21 -14.39
CA GLU B 230 21.77 -22.85 -15.44
C GLU B 230 21.74 -22.06 -16.73
N ASP B 231 22.89 -21.56 -17.19
CA ASP B 231 22.95 -20.91 -18.49
C ASP B 231 24.39 -20.92 -18.99
N GLU B 232 24.64 -20.14 -20.05
CA GLU B 232 25.93 -20.11 -20.71
C GLU B 232 26.43 -18.68 -20.86
N ILE B 233 26.20 -17.90 -19.83
CA ILE B 233 26.60 -16.50 -19.80
C ILE B 233 27.95 -16.37 -19.12
N LEU B 234 28.81 -15.55 -19.70
CA LEU B 234 30.10 -15.23 -19.08
C LEU B 234 29.85 -14.69 -17.68
N GLU B 235 30.63 -15.16 -16.71
CA GLU B 235 30.44 -14.59 -15.37
C GLU B 235 31.75 -14.48 -14.62
N TRP B 236 31.73 -13.65 -13.56
CA TRP B 236 32.91 -13.38 -12.76
C TRP B 236 32.72 -13.81 -11.31
N PHE B 237 33.79 -14.35 -10.74
CA PHE B 237 33.84 -14.83 -9.36
C PHE B 237 35.01 -14.16 -8.67
N GLY B 238 34.83 -13.76 -7.43
CA GLY B 238 35.92 -13.12 -6.70
C GLY B 238 36.02 -13.64 -5.29
N ILE B 239 37.22 -13.58 -4.72
CA ILE B 239 37.38 -13.99 -3.32
C ILE B 239 38.46 -13.13 -2.67
N THR B 240 38.14 -12.60 -1.49
CA THR B 240 39.05 -11.79 -0.68
C THR B 240 38.87 -12.18 0.79
N GLN B 241 39.75 -11.67 1.64
CA GLN B 241 39.64 -11.98 3.05
C GLN B 241 40.00 -10.77 3.90
N THR B 242 39.14 -10.46 4.85
CA THR B 242 39.41 -9.46 5.87
C THR B 242 39.20 -10.08 7.24
N ALA B 243 39.40 -9.28 8.29
CA ALA B 243 39.17 -9.77 9.65
C ALA B 243 37.73 -10.22 9.86
N GLN B 244 36.83 -9.81 8.97
CA GLN B 244 35.43 -10.18 9.11
C GLN B 244 35.14 -11.56 8.54
N GLY B 245 36.07 -12.15 7.79
CA GLY B 245 35.89 -13.44 7.17
C GLY B 245 36.36 -13.45 5.74
N VAL B 246 36.09 -14.56 5.06
CA VAL B 246 36.39 -14.71 3.64
C VAL B 246 35.15 -14.25 2.90
N HIS B 247 35.34 -13.43 1.87
CA HIS B 247 34.23 -12.84 1.14
C HIS B 247 34.17 -13.42 -0.26
N LEU B 248 32.98 -13.87 -0.66
CA LEU B 248 32.75 -14.40 -1.99
C LEU B 248 31.98 -13.38 -2.82
N PHE B 249 32.46 -13.14 -4.04
CA PHE B 249 31.87 -12.20 -4.99
C PHE B 249 31.41 -12.92 -6.24
N SER B 250 30.34 -12.40 -6.81
CA SER B 250 29.89 -12.88 -8.10
C SER B 250 29.22 -11.77 -8.89
N SER B 251 29.24 -11.93 -10.20
CA SER B 251 28.43 -11.13 -11.10
C SER B 251 27.00 -11.65 -11.22
N ARG B 252 26.69 -12.86 -10.71
CA ARG B 252 25.45 -13.53 -11.10
C ARG B 252 24.21 -12.91 -10.47
N TYR B 253 24.33 -12.33 -9.29
CA TYR B 253 23.08 -12.02 -8.62
C TYR B 253 22.62 -10.59 -8.82
N VAL B 254 23.53 -9.68 -9.19
CA VAL B 254 23.22 -8.28 -9.37
C VAL B 254 23.46 -7.82 -10.80
N ASP B 255 24.62 -8.13 -11.36
CA ASP B 255 24.96 -7.67 -12.70
C ASP B 255 25.24 -8.87 -13.62
N LEU B 256 24.20 -9.69 -13.84
CA LEU B 256 24.37 -10.93 -14.61
C LEU B 256 24.92 -10.66 -16.01
N TYR B 257 24.45 -9.61 -16.66
CA TYR B 257 24.82 -9.33 -18.04
C TYR B 257 25.97 -8.36 -18.19
N GLY B 258 26.47 -7.78 -17.10
CA GLY B 258 27.54 -6.81 -17.19
C GLY B 258 28.87 -7.27 -16.64
N GLY B 259 28.85 -8.09 -15.58
CA GLY B 259 30.06 -8.65 -15.02
C GLY B 259 30.60 -7.91 -13.82
N ASN B 260 29.86 -6.95 -13.29
CA ASN B 260 30.26 -6.32 -12.04
C ASN B 260 30.03 -7.32 -10.93
N MET B 261 31.02 -7.46 -10.07
CA MET B 261 30.95 -8.40 -8.98
C MET B 261 30.47 -7.75 -7.69
N PHE B 262 29.58 -8.45 -7.00
CA PHE B 262 29.04 -8.02 -5.71
C PHE B 262 29.17 -9.16 -4.71
N GLN B 263 29.41 -8.80 -3.44
CA GLN B 263 29.49 -9.81 -2.39
C GLN B 263 28.15 -10.53 -2.20
N PHE B 264 28.20 -11.87 -2.18
CA PHE B 264 27.00 -12.67 -1.93
C PHE B 264 27.13 -13.58 -0.73
N ALA B 265 28.26 -13.59 -0.03
CA ALA B 265 28.40 -14.42 1.16
C ALA B 265 29.64 -13.99 1.93
N THR B 266 29.62 -14.23 3.24
CA THR B 266 30.82 -14.10 4.06
C THR B 266 31.04 -15.36 4.89
N LEU B 267 32.12 -16.03 4.63
CA LEU B 267 32.39 -17.30 5.29
C LEU B 267 33.16 -17.05 6.59
N PRO B 268 32.77 -17.72 7.66
CA PRO B 268 33.46 -17.55 8.94
C PRO B 268 34.81 -18.24 8.97
N VAL B 269 35.79 -17.66 8.27
CA VAL B 269 37.12 -18.24 8.15
C VAL B 269 38.09 -17.17 8.60
N TYR B 270 38.65 -17.32 9.79
CA TYR B 270 39.39 -16.22 10.39
C TYR B 270 40.89 -16.48 10.44
N ASP B 271 41.33 -17.69 10.16
CA ASP B 271 42.75 -17.91 9.92
C ASP B 271 43.13 -17.31 8.57
N THR B 272 44.29 -16.68 8.51
CA THR B 272 44.70 -16.03 7.28
C THR B 272 44.95 -17.06 6.18
N ILE B 273 44.28 -16.89 5.04
CA ILE B 273 44.50 -17.72 3.87
C ILE B 273 45.81 -17.29 3.22
N LYS B 274 46.77 -18.19 3.18
CA LYS B 274 48.07 -17.92 2.58
C LYS B 274 48.27 -18.62 1.23
N TYR B 275 47.59 -19.72 0.98
CA TYR B 275 47.86 -20.55 -0.18
C TYR B 275 46.55 -21.04 -0.78
N TYR B 276 46.56 -21.24 -2.09
CA TYR B 276 45.43 -21.83 -2.77
C TYR B 276 45.95 -22.71 -3.91
N SER B 277 45.10 -23.62 -4.37
CA SER B 277 45.39 -24.39 -5.57
C SER B 277 44.08 -24.65 -6.28
N ILE B 278 44.16 -25.01 -7.55
CA ILE B 278 43.00 -25.37 -8.34
C ILE B 278 42.78 -26.87 -8.26
N ILE B 279 41.54 -27.27 -8.03
CA ILE B 279 41.16 -28.68 -7.94
C ILE B 279 40.77 -29.14 -9.35
N PRO B 280 41.52 -30.06 -9.95
CA PRO B 280 41.22 -30.48 -11.33
C PRO B 280 39.94 -31.29 -11.36
N HIS B 281 39.08 -30.97 -12.32
CA HIS B 281 37.88 -31.76 -12.55
C HIS B 281 38.03 -32.53 -13.85
N SER B 282 37.43 -33.71 -13.86
CA SER B 282 37.42 -34.53 -15.06
C SER B 282 36.02 -35.09 -15.22
N ILE B 283 35.49 -35.08 -16.43
CA ILE B 283 34.12 -35.53 -16.65
C ILE B 283 34.13 -36.93 -17.24
N ARG B 284 33.50 -37.88 -16.53
CA ARG B 284 33.42 -39.29 -16.93
C ARG B 284 32.31 -39.51 -17.96
N SER B 285 32.54 -38.95 -19.14
CA SER B 285 31.64 -39.19 -20.27
C SER B 285 32.12 -40.40 -21.05
N ILE B 286 31.22 -40.94 -21.87
CA ILE B 286 31.64 -41.94 -22.83
C ILE B 286 32.20 -41.24 -24.07
N GLN B 287 33.06 -41.96 -24.79
CA GLN B 287 33.79 -41.36 -25.91
C GLN B 287 32.88 -40.69 -26.93
N SER B 288 31.69 -41.26 -27.14
CA SER B 288 30.73 -40.70 -28.09
C SER B 288 30.27 -39.29 -27.69
N ASP B 289 30.08 -39.07 -26.39
CA ASP B 289 29.37 -37.88 -25.90
C ASP B 289 30.29 -36.84 -25.27
N ARG B 290 31.57 -36.84 -25.64
CA ARG B 290 32.50 -35.86 -25.07
C ARG B 290 32.13 -34.44 -25.46
N LYS B 291 32.46 -33.50 -24.56
CA LYS B 291 32.18 -32.08 -24.73
C LYS B 291 33.45 -31.29 -24.40
N ALA B 292 33.47 -30.04 -24.87
CA ALA B 292 34.57 -29.14 -24.60
C ALA B 292 34.15 -28.13 -23.52
N TRP B 293 35.02 -27.91 -22.54
CA TRP B 293 34.67 -27.13 -21.36
C TRP B 293 35.53 -25.88 -21.28
N ALA B 294 34.86 -24.73 -21.18
CA ALA B 294 35.53 -23.45 -21.33
C ALA B 294 36.59 -23.20 -20.27
N ALA B 295 37.78 -22.82 -20.71
CA ALA B 295 38.84 -22.47 -19.77
C ALA B 295 38.39 -21.32 -18.89
N PHE B 296 38.90 -21.32 -17.65
CA PHE B 296 38.72 -20.17 -16.79
C PHE B 296 40.08 -19.57 -16.45
N TYR B 297 40.06 -18.30 -16.08
CA TYR B 297 41.28 -17.51 -15.93
C TYR B 297 41.25 -16.85 -14.56
N VAL B 298 42.37 -16.92 -13.85
CA VAL B 298 42.48 -16.47 -12.47
C VAL B 298 43.47 -15.31 -12.45
N TYR B 299 43.02 -14.16 -11.92
CA TYR B 299 43.84 -12.95 -11.89
C TYR B 299 43.97 -12.46 -10.47
N LYS B 300 45.19 -12.16 -10.04
CA LYS B 300 45.35 -11.74 -8.65
C LYS B 300 44.92 -10.31 -8.47
N LEU B 301 44.46 -10.00 -7.26
CA LEU B 301 44.06 -8.66 -6.85
C LEU B 301 45.19 -7.98 -6.10
N GLN B 302 45.39 -6.69 -6.39
CA GLN B 302 46.31 -5.81 -5.69
C GLN B 302 45.63 -4.50 -5.38
N PRO B 303 46.10 -3.78 -4.36
CA PRO B 303 45.54 -2.45 -4.03
C PRO B 303 46.00 -1.45 -5.08
N LEU B 304 45.03 -0.92 -5.83
CA LEU B 304 45.30 -0.01 -6.92
C LEU B 304 44.26 1.10 -6.89
N THR B 305 44.62 2.26 -7.43
CA THR B 305 43.64 3.29 -7.72
C THR B 305 43.11 3.11 -9.13
N PHE B 306 41.79 3.14 -9.28
CA PHE B 306 41.14 2.96 -10.56
C PHE B 306 40.22 4.15 -10.85
N LEU B 307 40.06 4.44 -12.14
CA LEU B 307 38.99 5.31 -12.59
C LEU B 307 37.77 4.46 -12.88
N LEU B 308 36.65 4.77 -12.23
CA LEU B 308 35.43 4.01 -12.42
C LEU B 308 34.36 4.88 -13.07
N ASP B 309 33.76 4.40 -14.17
CA ASP B 309 32.79 5.14 -14.98
C ASP B 309 31.40 4.53 -14.81
N PHE B 310 30.59 5.17 -13.97
CA PHE B 310 29.26 4.68 -13.65
C PHE B 310 28.26 5.20 -14.67
N SER B 311 27.54 4.29 -15.30
CA SER B 311 26.49 4.61 -16.26
C SER B 311 25.29 5.21 -15.52
N VAL B 312 24.18 5.38 -16.25
CA VAL B 312 23.01 5.99 -15.62
C VAL B 312 22.28 4.97 -14.76
N ASP B 313 22.25 3.70 -15.18
CA ASP B 313 21.63 2.65 -14.37
C ASP B 313 22.44 2.31 -13.13
N GLY B 314 23.67 2.82 -13.05
CA GLY B 314 24.54 2.67 -11.89
C GLY B 314 25.66 1.68 -12.01
N TYR B 315 25.82 0.99 -13.14
CA TYR B 315 26.85 -0.04 -13.26
C TYR B 315 28.12 0.51 -13.90
N ILE B 316 29.23 -0.17 -13.62
CA ILE B 316 30.53 0.22 -14.15
C ILE B 316 30.75 -0.49 -15.48
N ARG B 317 30.89 0.28 -16.57
CA ARG B 317 31.15 -0.30 -17.89
C ARG B 317 32.49 0.14 -18.49
N ARG B 318 33.19 1.09 -17.86
CA ARG B 318 34.51 1.51 -18.31
C ARG B 318 35.35 1.85 -17.08
N ALA B 319 36.65 1.59 -17.19
CA ALA B 319 37.57 1.90 -16.10
C ALA B 319 38.98 2.09 -16.65
N ILE B 320 39.87 2.56 -15.77
CA ILE B 320 41.27 2.81 -16.11
C ILE B 320 42.14 2.40 -14.94
N ASP B 321 43.24 1.68 -15.21
CA ASP B 321 44.22 1.36 -14.17
C ASP B 321 45.18 2.53 -14.11
N CYS B 322 45.01 3.39 -13.09
CA CYS B 322 45.69 4.67 -13.04
C CYS B 322 47.21 4.54 -13.08
N GLY B 323 47.75 3.47 -12.51
CA GLY B 323 49.19 3.32 -12.45
C GLY B 323 49.76 2.51 -13.59
N PHE B 324 48.98 2.24 -14.64
CA PHE B 324 49.44 1.37 -15.72
C PHE B 324 50.67 1.92 -16.39
N ASN B 325 50.50 2.99 -17.16
CA ASN B 325 51.59 3.65 -17.85
C ASN B 325 51.52 5.14 -17.56
N ASP B 326 52.35 5.92 -18.22
CA ASP B 326 52.33 7.36 -18.02
C ASP B 326 51.04 7.98 -18.53
N LEU B 327 50.55 7.52 -19.69
CA LEU B 327 49.40 8.14 -20.32
C LEU B 327 48.09 7.83 -19.59
N SER B 328 47.93 6.62 -19.06
CA SER B 328 46.73 6.30 -18.30
C SER B 328 46.68 7.08 -16.99
N GLN B 329 47.83 7.34 -16.36
CA GLN B 329 47.89 8.17 -15.17
C GLN B 329 47.40 9.58 -15.46
N LEU B 330 47.66 10.08 -16.67
CA LEU B 330 47.16 11.40 -17.07
C LEU B 330 45.65 11.39 -17.25
N HIS B 331 45.11 10.34 -17.88
CA HIS B 331 43.66 10.24 -18.03
C HIS B 331 42.93 10.25 -16.69
N CYS B 332 43.49 9.58 -15.67
CA CYS B 332 42.83 9.53 -14.38
C CYS B 332 42.71 10.93 -13.78
N SER B 333 43.81 11.68 -13.77
CA SER B 333 43.75 13.01 -13.18
C SER B 333 42.83 13.94 -13.97
N TYR B 334 42.77 13.78 -15.30
CA TYR B 334 41.99 14.72 -16.10
C TYR B 334 40.50 14.40 -16.06
N GLU B 335 40.12 13.11 -16.05
CA GLU B 335 38.73 12.75 -16.26
C GLU B 335 37.86 12.92 -15.01
N SER B 336 38.43 13.34 -13.88
CA SER B 336 37.64 13.60 -12.67
C SER B 336 37.67 15.08 -12.29
N TYR C 1 -21.90 15.59 10.28
CA TYR C 1 -21.78 14.83 11.55
C TYR C 1 -23.00 13.93 11.82
N VAL C 2 -22.85 12.96 12.73
CA VAL C 2 -23.82 11.87 12.90
C VAL C 2 -24.18 11.74 14.38
N ASP C 3 -25.39 11.24 14.61
CA ASP C 3 -25.85 10.91 15.95
C ASP C 3 -25.25 9.57 16.34
N VAL C 4 -24.53 9.54 17.46
CA VAL C 4 -23.91 8.33 17.96
C VAL C 4 -24.55 7.87 19.28
N GLY C 5 -25.75 8.40 19.58
CA GLY C 5 -26.49 7.96 20.73
C GLY C 5 -26.22 8.80 21.95
N PRO C 6 -26.60 8.28 23.11
CA PRO C 6 -26.62 9.11 24.32
C PRO C 6 -25.26 9.31 24.95
N ASP C 7 -25.12 10.48 25.61
CA ASP C 7 -24.01 10.70 26.50
C ASP C 7 -24.19 9.87 27.77
N SER C 8 -23.09 9.69 28.50
CA SER C 8 -23.20 9.02 29.79
C SER C 8 -23.88 9.92 30.81
N VAL C 9 -24.77 9.33 31.63
CA VAL C 9 -25.30 10.08 32.76
C VAL C 9 -24.49 9.91 34.04
N LYS C 10 -23.40 9.13 34.02
CA LYS C 10 -22.67 8.87 35.26
C LYS C 10 -22.06 10.14 35.83
N SER C 11 -22.10 10.24 37.15
CA SER C 11 -21.52 11.38 37.83
C SER C 11 -20.01 11.26 37.98
N ALA C 12 -19.46 10.04 37.92
CA ALA C 12 -18.03 9.80 37.97
C ALA C 12 -17.66 8.59 37.12
N CYS C 13 -16.36 8.33 37.02
CA CYS C 13 -15.83 7.20 36.28
C CYS C 13 -15.46 6.10 37.26
N ILE C 14 -15.45 4.85 36.75
CA ILE C 14 -14.99 3.71 37.55
C ILE C 14 -13.51 3.89 37.85
N GLU C 15 -13.10 3.68 39.10
CA GLU C 15 -11.70 3.88 39.42
C GLU C 15 -10.86 2.78 38.74
N VAL C 16 -9.67 3.17 38.29
CA VAL C 16 -8.83 2.27 37.49
C VAL C 16 -7.45 2.16 38.17
N ASP C 17 -6.98 0.92 38.32
CA ASP C 17 -5.78 0.57 39.06
C ASP C 17 -4.69 0.15 38.08
N ILE C 18 -3.58 0.91 38.04
CA ILE C 18 -2.43 0.62 37.17
C ILE C 18 -1.27 0.11 38.01
N GLN C 19 -0.87 -1.14 37.78
CA GLN C 19 0.44 -1.68 38.20
C GLN C 19 0.91 -2.51 37.02
N GLN C 20 1.79 -1.92 36.21
CA GLN C 20 2.22 -2.58 34.97
C GLN C 20 2.94 -3.91 35.25
N THR C 21 3.48 -4.10 36.46
CA THR C 21 4.29 -5.27 36.81
C THR C 21 3.53 -6.60 36.67
N PHE C 22 2.23 -6.63 36.97
CA PHE C 22 1.43 -7.84 36.79
C PHE C 22 1.17 -8.21 35.34
N PHE C 23 1.59 -7.36 34.38
CA PHE C 23 1.34 -7.56 32.95
C PHE C 23 2.62 -7.80 32.15
N ASP C 24 3.79 -7.84 32.81
CA ASP C 24 5.11 -7.99 32.18
C ASP C 24 5.53 -9.44 31.93
N LYS C 25 4.60 -10.41 31.92
CA LYS C 25 4.92 -11.74 31.43
C LYS C 25 5.55 -11.64 30.04
N THR C 26 6.74 -12.21 29.88
CA THR C 26 7.47 -12.17 28.60
C THR C 26 7.23 -13.50 27.87
N TRP C 27 6.17 -13.53 27.04
CA TRP C 27 5.84 -14.67 26.17
C TRP C 27 6.12 -14.32 24.71
N PRO C 28 7.31 -14.63 24.16
CA PRO C 28 7.61 -14.19 22.79
C PRO C 28 6.90 -15.01 21.72
N ARG C 29 6.36 -14.31 20.71
CA ARG C 29 5.76 -14.90 19.51
C ARG C 29 6.12 -14.06 18.29
N PRO C 30 7.36 -14.13 17.82
CA PRO C 30 7.81 -13.24 16.76
C PRO C 30 7.44 -13.74 15.37
N ILE C 31 7.56 -12.82 14.41
CA ILE C 31 7.14 -13.02 13.03
C ILE C 31 7.99 -14.09 12.36
N ASP C 32 7.33 -15.03 11.67
CA ASP C 32 8.01 -16.01 10.83
C ASP C 32 7.40 -15.95 9.42
N VAL C 33 8.03 -15.19 8.53
CA VAL C 33 7.42 -14.99 7.22
C VAL C 33 7.32 -16.28 6.41
N SER C 34 8.09 -17.31 6.77
CA SER C 34 7.96 -18.58 6.08
C SER C 34 6.64 -19.28 6.39
N LYS C 35 5.96 -18.90 7.48
CA LYS C 35 4.57 -19.28 7.73
C LYS C 35 3.58 -18.19 7.33
N ALA C 36 4.03 -17.16 6.60
CA ALA C 36 3.20 -16.06 6.10
C ALA C 36 2.55 -15.28 7.24
N ASP C 37 3.30 -15.09 8.32
CA ASP C 37 2.82 -14.34 9.47
C ASP C 37 2.68 -12.87 9.12
N GLY C 38 1.48 -12.33 9.29
CA GLY C 38 1.34 -10.90 9.13
C GLY C 38 1.51 -10.41 7.72
N ILE C 39 1.06 -11.17 6.73
CA ILE C 39 1.15 -10.78 5.33
C ILE C 39 -0.20 -10.22 4.90
N ILE C 40 -0.18 -9.00 4.38
CA ILE C 40 -1.34 -8.44 3.69
C ILE C 40 -1.29 -8.91 2.24
N TYR C 41 -2.27 -9.71 1.85
CA TYR C 41 -2.38 -10.19 0.49
C TYR C 41 -2.36 -9.02 -0.50
N PRO C 42 -1.58 -9.09 -1.58
CA PRO C 42 -1.49 -7.97 -2.53
C PRO C 42 -2.84 -7.63 -3.15
N GLN C 43 -3.14 -6.33 -3.18
CA GLN C 43 -4.49 -5.87 -3.52
C GLN C 43 -4.68 -5.75 -5.02
N GLY C 44 -5.82 -6.23 -5.49
CA GLY C 44 -6.20 -6.04 -6.87
C GLY C 44 -6.02 -7.30 -7.67
N ARG C 45 -4.77 -7.65 -7.98
CA ARG C 45 -4.48 -8.85 -8.72
C ARG C 45 -4.84 -10.10 -7.89
N THR C 46 -5.02 -11.22 -8.60
CA THR C 46 -5.13 -12.53 -7.98
C THR C 46 -3.99 -13.39 -8.49
N TYR C 47 -3.54 -14.32 -7.64
CA TYR C 47 -2.43 -15.20 -8.00
C TYR C 47 -2.76 -16.62 -7.56
N SER C 48 -2.10 -17.58 -8.22
CA SER C 48 -2.26 -18.99 -7.89
C SER C 48 -1.07 -19.76 -8.47
N ASN C 49 -0.58 -20.77 -7.72
CA ASN C 49 0.44 -21.70 -8.21
C ASN C 49 1.58 -20.93 -8.90
N ILE C 50 2.22 -20.04 -8.13
CA ILE C 50 3.23 -19.16 -8.69
C ILE C 50 4.02 -18.56 -7.53
N THR C 51 5.19 -18.02 -7.85
CA THR C 51 6.06 -17.33 -6.91
C THR C 51 6.43 -16.00 -7.53
N ILE C 52 6.09 -14.92 -6.84
CA ILE C 52 6.39 -13.59 -7.32
C ILE C 52 7.22 -12.90 -6.27
N THR C 53 7.86 -11.84 -6.69
CA THR C 53 8.48 -10.87 -5.80
C THR C 53 7.62 -9.61 -5.83
N TYR C 54 7.34 -9.05 -4.65
CA TYR C 54 6.33 -8.01 -4.52
C TYR C 54 6.76 -6.95 -3.54
N GLN C 55 6.62 -5.67 -3.89
CA GLN C 55 6.93 -4.65 -2.92
C GLN C 55 5.65 -4.11 -2.30
N GLY C 56 5.54 -4.24 -0.98
CA GLY C 56 4.37 -3.83 -0.24
C GLY C 56 4.72 -3.44 1.19
N LEU C 57 3.74 -3.47 2.09
CA LEU C 57 3.96 -3.18 3.50
C LEU C 57 3.96 -4.48 4.31
N PHE C 58 5.11 -4.79 4.90
CA PHE C 58 5.31 -6.05 5.59
C PHE C 58 6.02 -5.82 6.91
N PRO C 59 5.81 -6.71 7.88
CA PRO C 59 6.61 -6.68 9.11
C PRO C 59 7.98 -7.30 8.89
N TYR C 60 8.93 -6.88 9.74
CA TYR C 60 10.30 -7.37 9.59
C TYR C 60 10.38 -8.81 10.12
N GLN C 61 11.08 -9.67 9.38
CA GLN C 61 11.23 -11.07 9.80
C GLN C 61 11.86 -11.17 11.19
N GLY C 62 11.27 -11.99 12.06
CA GLY C 62 11.81 -12.14 13.39
C GLY C 62 11.55 -10.98 14.33
N ASP C 63 10.70 -10.03 13.96
CA ASP C 63 10.36 -8.93 14.83
C ASP C 63 9.56 -9.46 16.02
N HIS C 64 9.98 -9.10 17.22
CA HIS C 64 9.28 -9.60 18.41
C HIS C 64 7.93 -8.92 18.59
N GLY C 65 7.77 -7.71 18.07
CA GLY C 65 6.55 -6.96 18.29
C GLY C 65 6.46 -6.40 19.70
N ASP C 66 5.35 -5.70 19.95
CA ASP C 66 4.97 -5.23 21.28
C ASP C 66 3.82 -6.09 21.79
N MET C 67 3.93 -6.57 23.03
CA MET C 67 2.90 -7.45 23.57
C MET C 67 1.97 -6.67 24.50
N TYR C 68 0.68 -6.90 24.34
CA TYR C 68 -0.35 -6.27 25.17
C TYR C 68 -1.27 -7.35 25.67
N VAL C 69 -1.75 -7.19 26.90
CA VAL C 69 -2.67 -8.18 27.46
C VAL C 69 -3.64 -7.47 28.38
N TYR C 70 -4.88 -7.92 28.32
CA TYR C 70 -5.97 -7.39 29.13
C TYR C 70 -6.27 -8.35 30.28
N SER C 71 -6.77 -7.80 31.39
CA SER C 71 -7.00 -8.59 32.59
C SER C 71 -8.43 -8.42 33.10
N ALA C 72 -8.89 -9.43 33.84
CA ALA C 72 -10.09 -9.26 34.65
C ALA C 72 -9.80 -8.26 35.76
N GLY C 73 -10.86 -7.60 36.24
CA GLY C 73 -10.73 -6.57 37.25
C GLY C 73 -11.01 -7.07 38.67
N HIS C 74 -10.71 -6.19 39.63
CA HIS C 74 -10.96 -6.47 41.04
C HIS C 74 -12.39 -6.93 41.25
N ALA C 75 -12.55 -7.88 42.18
CA ALA C 75 -13.85 -8.28 42.71
C ALA C 75 -13.66 -8.77 44.13
N THR C 76 -14.77 -8.79 44.90
CA THR C 76 -14.88 -9.63 46.08
C THR C 76 -16.00 -10.62 45.84
N GLY C 77 -17.19 -10.43 46.42
CA GLY C 77 -18.25 -11.40 46.27
C GLY C 77 -18.97 -11.32 44.95
N THR C 78 -20.11 -10.64 44.91
CA THR C 78 -20.81 -10.32 43.67
C THR C 78 -20.56 -8.87 43.29
N THR C 79 -19.52 -8.27 43.85
CA THR C 79 -19.27 -6.84 43.69
C THR C 79 -17.95 -6.59 42.95
N PRO C 80 -18.01 -6.25 41.67
CA PRO C 80 -16.81 -5.78 40.97
C PRO C 80 -16.35 -4.46 41.58
N GLN C 81 -15.03 -4.32 41.74
CA GLN C 81 -14.46 -3.08 42.28
C GLN C 81 -13.65 -2.34 41.20
N LYS C 82 -12.47 -1.84 41.56
CA LYS C 82 -11.63 -1.10 40.61
C LYS C 82 -11.33 -1.92 39.36
N LEU C 83 -10.94 -1.22 38.28
CA LEU C 83 -10.47 -1.88 37.08
C LEU C 83 -8.97 -2.16 37.15
N PHE C 84 -8.54 -3.15 36.38
CA PHE C 84 -7.18 -3.67 36.43
C PHE C 84 -6.56 -3.58 35.04
N VAL C 85 -5.59 -2.69 34.87
CA VAL C 85 -5.05 -2.39 33.56
C VAL C 85 -3.55 -2.12 33.66
N ALA C 86 -2.88 -2.25 32.52
CA ALA C 86 -1.49 -1.86 32.39
C ALA C 86 -1.36 -0.37 32.13
N ASN C 87 -0.12 0.10 32.08
CA ASN C 87 0.20 1.50 31.83
C ASN C 87 0.19 1.84 30.32
N TYR C 88 -0.79 1.31 29.59
CA TYR C 88 -0.77 1.40 28.14
C TYR C 88 -1.22 2.77 27.62
N SER C 89 -2.23 3.39 28.23
CA SER C 89 -2.79 4.61 27.65
C SER C 89 -1.76 5.74 27.62
N GLN C 90 -0.80 5.73 28.55
CA GLN C 90 0.25 6.75 28.58
C GLN C 90 1.36 6.50 27.57
N ASP C 91 1.36 5.34 26.93
CA ASP C 91 2.41 4.94 25.98
C ASP C 91 1.89 5.09 24.57
N VAL C 92 1.97 6.31 24.02
CA VAL C 92 1.56 6.55 22.65
C VAL C 92 2.75 6.28 21.75
N LYS C 93 2.56 5.40 20.78
CA LYS C 93 3.59 5.01 19.84
C LYS C 93 3.33 5.72 18.51
N GLN C 94 4.27 5.58 17.58
CA GLN C 94 4.19 6.25 16.29
C GLN C 94 3.64 5.35 15.20
N PHE C 95 2.63 5.86 14.50
CA PHE C 95 1.91 5.05 13.54
C PHE C 95 2.75 4.69 12.33
N ALA C 96 3.53 5.67 11.83
CA ALA C 96 4.34 5.50 10.63
C ALA C 96 3.55 4.92 9.47
N ASN C 97 3.93 3.72 9.04
CA ASN C 97 3.29 3.09 7.89
C ASN C 97 2.14 2.15 8.27
N GLY C 98 1.82 2.04 9.56
CA GLY C 98 0.77 1.15 10.00
C GLY C 98 1.33 -0.06 10.74
N PHE C 99 0.44 -0.99 11.04
CA PHE C 99 0.85 -2.14 11.82
C PHE C 99 -0.13 -3.29 11.63
N VAL C 100 0.35 -4.49 11.92
CA VAL C 100 -0.51 -5.66 11.98
C VAL C 100 -0.46 -6.20 13.39
N VAL C 101 -1.46 -7.02 13.70
CA VAL C 101 -1.74 -7.46 15.06
C VAL C 101 -2.10 -8.94 15.05
N ARG C 102 -1.41 -9.73 15.89
CA ARG C 102 -1.68 -11.16 16.01
C ARG C 102 -2.62 -11.36 17.20
N ILE C 103 -3.84 -11.84 16.90
CA ILE C 103 -4.96 -11.83 17.83
C ILE C 103 -5.33 -13.27 18.19
N GLY C 104 -5.54 -13.53 19.48
CA GLY C 104 -5.96 -14.85 19.89
C GLY C 104 -4.87 -15.88 19.88
N ALA C 105 -3.61 -15.44 19.98
CA ALA C 105 -2.46 -16.32 19.78
C ALA C 105 -2.50 -17.54 20.70
N ALA C 106 -2.57 -17.32 22.03
CA ALA C 106 -2.40 -18.38 23.02
C ALA C 106 -3.71 -19.05 23.43
N ALA C 107 -4.71 -19.09 22.55
CA ALA C 107 -6.01 -19.60 22.90
C ALA C 107 -5.96 -21.12 23.07
N ASN C 108 -6.94 -21.63 23.82
CA ASN C 108 -7.08 -23.04 24.19
C ASN C 108 -6.03 -23.47 25.21
N SER C 109 -4.90 -22.76 25.27
CA SER C 109 -3.82 -23.07 26.18
C SER C 109 -4.25 -22.75 27.62
N THR C 110 -3.35 -22.97 28.59
CA THR C 110 -3.64 -22.66 29.99
C THR C 110 -2.65 -21.61 30.49
N GLY C 111 -3.17 -20.63 31.25
CA GLY C 111 -2.36 -19.53 31.71
C GLY C 111 -3.00 -18.77 32.86
N THR C 112 -2.32 -17.72 33.28
CA THR C 112 -2.69 -16.95 34.45
C THR C 112 -3.81 -15.97 34.11
N VAL C 113 -4.61 -15.63 35.13
CA VAL C 113 -5.66 -14.61 34.98
C VAL C 113 -5.06 -13.23 35.24
N ILE C 114 -3.73 -13.18 35.38
CA ILE C 114 -2.94 -11.96 35.47
C ILE C 114 -3.18 -11.24 36.80
N ILE C 115 -4.46 -10.98 37.12
CA ILE C 115 -4.83 -10.25 38.34
C ILE C 115 -4.40 -11.01 39.58
N SER C 116 -4.50 -12.35 39.55
CA SER C 116 -4.01 -13.21 40.63
C SER C 116 -3.02 -14.20 40.04
N PRO C 117 -1.71 -13.95 40.17
CA PRO C 117 -0.72 -14.80 39.49
C PRO C 117 -0.80 -16.26 39.92
N SER C 118 -1.41 -16.54 41.07
CA SER C 118 -1.56 -17.91 41.54
C SER C 118 -2.64 -18.66 40.76
N THR C 119 -3.77 -17.99 40.50
CA THR C 119 -4.87 -18.62 39.78
C THR C 119 -4.54 -18.80 38.31
N SER C 120 -5.08 -19.87 37.74
CA SER C 120 -5.00 -20.12 36.31
C SER C 120 -6.34 -20.62 35.80
N ALA C 121 -6.50 -20.58 34.48
CA ALA C 121 -7.72 -20.95 33.79
C ALA C 121 -7.39 -21.08 32.30
N THR C 122 -8.31 -21.68 31.57
CA THR C 122 -8.11 -21.86 30.14
C THR C 122 -8.26 -20.54 29.39
N ILE C 123 -7.25 -20.21 28.56
CA ILE C 123 -7.10 -18.86 27.97
C ILE C 123 -8.04 -18.66 26.79
N ARG C 124 -8.76 -17.54 26.80
CA ARG C 124 -9.76 -17.16 25.80
C ARG C 124 -9.30 -15.93 25.00
N LYS C 125 -9.75 -15.88 23.75
CA LYS C 125 -9.41 -14.79 22.84
C LYS C 125 -10.10 -13.48 23.25
N ILE C 126 -9.38 -12.36 23.08
CA ILE C 126 -9.88 -11.02 23.38
C ILE C 126 -9.50 -10.09 22.24
N TYR C 127 -10.45 -9.17 21.82
CA TYR C 127 -9.99 -8.36 20.70
C TYR C 127 -9.39 -7.04 21.17
N PRO C 128 -8.38 -6.54 20.47
CA PRO C 128 -7.71 -5.31 20.90
C PRO C 128 -8.49 -4.05 20.53
N ALA C 129 -8.27 -2.99 21.29
CA ALA C 129 -8.88 -1.69 21.04
C ALA C 129 -7.78 -0.65 20.87
N PHE C 130 -7.91 0.19 19.84
CA PHE C 130 -6.86 1.14 19.48
C PHE C 130 -7.41 2.56 19.43
N MET C 131 -6.53 3.51 19.67
CA MET C 131 -6.82 4.94 19.54
C MET C 131 -5.74 5.56 18.65
N LEU C 132 -6.17 6.16 17.53
CA LEU C 132 -5.25 6.70 16.54
C LEU C 132 -5.63 8.14 16.23
N GLY C 133 -4.62 8.96 15.94
CA GLY C 133 -4.89 10.35 15.65
C GLY C 133 -3.68 11.07 15.13
N SER C 134 -3.83 12.38 15.00
CA SER C 134 -2.84 13.22 14.38
C SER C 134 -2.20 14.23 15.33
N SER C 135 -2.74 14.41 16.53
CA SER C 135 -2.24 15.40 17.47
C SER C 135 -2.44 14.84 18.87
N VAL C 136 -1.37 14.71 19.66
CA VAL C 136 -1.48 14.21 21.02
C VAL C 136 -0.83 15.18 22.01
N GLY C 137 -1.24 15.05 23.26
CA GLY C 137 -0.75 15.88 24.34
C GLY C 137 -1.09 15.23 25.66
N ASN C 138 -1.10 16.03 26.71
CA ASN C 138 -1.34 15.50 28.05
C ASN C 138 -2.70 15.97 28.61
N PHE C 139 -3.22 15.22 29.57
CA PHE C 139 -4.46 15.60 30.23
C PHE C 139 -4.23 16.68 31.29
N SER C 140 -5.31 17.04 32.01
CA SER C 140 -5.25 18.17 32.92
C SER C 140 -4.19 17.98 34.00
N ASP C 141 -4.02 16.76 34.52
CA ASP C 141 -3.03 16.49 35.57
C ASP C 141 -1.65 16.10 35.02
N GLY C 142 -1.37 16.35 33.75
CA GLY C 142 -0.03 16.17 33.21
C GLY C 142 0.26 14.83 32.55
N LYS C 143 -0.58 13.81 32.77
CA LYS C 143 -0.29 12.49 32.23
C LYS C 143 -0.52 12.48 30.72
N MET C 144 0.39 11.86 29.98
CA MET C 144 0.31 11.85 28.53
C MET C 144 -0.82 10.94 28.05
N GLY C 145 -1.08 11.02 26.75
CA GLY C 145 -1.99 10.09 26.11
C GLY C 145 -3.34 10.63 25.74
N ARG C 146 -3.52 11.95 25.77
CA ARG C 146 -4.75 12.59 25.31
C ARG C 146 -4.67 12.92 23.83
N PHE C 147 -5.71 12.57 23.08
CA PHE C 147 -5.75 12.89 21.66
C PHE C 147 -6.62 14.11 21.39
N PHE C 148 -6.09 15.04 20.60
CA PHE C 148 -6.76 16.29 20.26
C PHE C 148 -7.29 16.22 18.85
N ASN C 149 -8.24 17.10 18.55
CA ASN C 149 -9.02 17.15 17.30
C ASN C 149 -9.65 15.77 17.11
N HIS C 150 -9.83 15.38 15.85
CA HIS C 150 -10.47 14.11 15.52
C HIS C 150 -9.54 12.94 15.78
N THR C 151 -10.12 11.91 16.36
CA THR C 151 -9.40 10.73 16.81
C THR C 151 -10.14 9.53 16.25
N LEU C 152 -9.40 8.59 15.70
CA LEU C 152 -10.02 7.36 15.21
C LEU C 152 -9.98 6.37 16.36
N VAL C 153 -11.15 5.86 16.74
CA VAL C 153 -11.25 4.85 17.77
C VAL C 153 -11.73 3.55 17.15
N LEU C 154 -10.99 2.46 17.41
CA LEU C 154 -11.35 1.09 17.04
C LEU C 154 -11.65 0.35 18.32
N LEU C 155 -12.93 0.09 18.58
CA LEU C 155 -13.39 -0.39 19.88
C LEU C 155 -14.28 -1.61 19.70
N PRO C 156 -13.76 -2.82 19.91
CA PRO C 156 -14.62 -4.01 19.82
C PRO C 156 -15.65 -4.03 20.93
N ASP C 157 -16.83 -4.57 20.61
CA ASP C 157 -17.95 -4.62 21.54
C ASP C 157 -18.67 -5.95 21.40
N GLY C 158 -19.69 -6.14 22.22
CA GLY C 158 -20.51 -7.33 22.21
C GLY C 158 -19.75 -8.58 22.63
N CYS C 159 -18.91 -8.47 23.65
CA CYS C 159 -18.02 -9.56 24.05
C CYS C 159 -17.44 -10.22 22.81
N GLY C 160 -16.89 -9.38 21.93
CA GLY C 160 -16.22 -9.85 20.74
C GLY C 160 -17.08 -10.29 19.56
N THR C 161 -18.27 -9.71 19.38
CA THR C 161 -19.08 -10.06 18.21
C THR C 161 -19.23 -8.89 17.24
N LEU C 162 -18.50 -7.80 17.46
CA LEU C 162 -18.56 -6.62 16.60
C LEU C 162 -17.34 -5.74 16.89
N LEU C 163 -16.89 -5.07 15.84
CA LEU C 163 -15.89 -4.02 15.95
C LEU C 163 -16.53 -2.71 15.50
N ARG C 164 -16.47 -1.70 16.38
CA ARG C 164 -16.98 -0.36 16.08
C ARG C 164 -15.81 0.56 15.76
N ALA C 165 -15.91 1.29 14.65
CA ALA C 165 -14.89 2.23 14.19
C ALA C 165 -15.54 3.60 14.09
N PHE C 166 -14.97 4.59 14.76
CA PHE C 166 -15.56 5.93 14.73
C PHE C 166 -14.50 7.01 14.84
N TYR C 167 -14.85 8.18 14.33
CA TYR C 167 -13.91 9.29 14.14
C TYR C 167 -14.57 10.53 14.75
N CYS C 168 -14.10 10.93 15.94
CA CYS C 168 -14.78 11.91 16.78
C CYS C 168 -13.76 12.81 17.45
N ILE C 169 -14.25 13.91 18.02
CA ILE C 169 -13.50 14.68 19.01
C ILE C 169 -13.77 14.05 20.37
N LEU C 170 -12.72 13.83 21.16
CA LEU C 170 -12.89 13.22 22.48
C LEU C 170 -12.78 14.32 23.54
N GLU C 171 -13.92 14.73 24.06
CA GLU C 171 -13.99 15.75 25.09
C GLU C 171 -13.85 15.09 26.47
N PRO C 172 -12.75 15.31 27.19
CA PRO C 172 -12.61 14.69 28.52
C PRO C 172 -13.66 15.16 29.52
N ARG C 173 -14.23 14.20 30.25
CA ARG C 173 -15.26 14.49 31.24
C ARG C 173 -14.63 14.83 32.59
N SER C 174 -15.46 15.43 33.46
CA SER C 174 -14.97 16.18 34.62
C SER C 174 -15.24 15.48 35.94
N GLY C 175 -15.90 14.33 35.91
CA GLY C 175 -16.24 13.61 37.12
C GLY C 175 -15.02 13.07 37.86
N ASN C 176 -15.30 12.47 39.02
CA ASN C 176 -14.25 11.86 39.81
C ASN C 176 -13.65 10.68 39.05
N HIS C 177 -12.32 10.69 38.89
CA HIS C 177 -11.53 9.68 38.16
C HIS C 177 -11.57 9.86 36.63
N CYS C 178 -12.19 10.91 36.11
CA CYS C 178 -12.29 11.10 34.67
C CYS C 178 -11.15 11.98 34.18
N PRO C 179 -10.82 11.94 32.88
CA PRO C 179 -9.54 12.52 32.44
C PRO C 179 -9.40 14.01 32.66
N ALA C 180 -10.47 14.72 32.95
CA ALA C 180 -10.42 16.15 33.22
C ALA C 180 -10.94 16.48 34.60
N GLY C 181 -10.85 15.52 35.51
CA GLY C 181 -11.38 15.61 36.86
C GLY C 181 -10.38 15.13 37.90
N ASN C 182 -10.85 14.88 39.12
CA ASN C 182 -9.95 14.54 40.20
C ASN C 182 -9.43 13.11 40.07
N SER C 183 -8.18 12.92 40.48
CA SER C 183 -7.59 11.59 40.68
C SER C 183 -7.68 10.74 39.42
N TYR C 184 -7.28 11.31 38.29
CA TYR C 184 -7.23 10.57 37.05
C TYR C 184 -5.93 9.76 36.96
N THR C 185 -6.03 8.48 36.64
CA THR C 185 -4.85 7.65 36.44
C THR C 185 -4.69 7.21 34.99
N SER C 186 -5.68 6.54 34.41
CA SER C 186 -5.75 6.35 32.96
C SER C 186 -7.19 5.98 32.64
N PHE C 187 -7.58 6.20 31.39
CA PHE C 187 -8.91 5.75 30.99
C PHE C 187 -8.88 4.27 30.64
N ALA C 188 -10.07 3.70 30.53
CA ALA C 188 -10.22 2.28 30.26
C ALA C 188 -11.56 2.07 29.60
N THR C 189 -11.70 0.90 29.00
CA THR C 189 -12.99 0.45 28.53
C THR C 189 -13.33 -0.80 29.33
N TYR C 190 -14.61 -1.18 29.36
CA TYR C 190 -15.01 -2.35 30.15
C TYR C 190 -16.39 -2.85 29.73
N HIS C 191 -16.67 -4.08 30.15
CA HIS C 191 -18.02 -4.63 30.16
C HIS C 191 -18.15 -5.54 31.37
N THR C 192 -19.39 -5.86 31.74
CA THR C 192 -19.65 -6.75 32.88
C THR C 192 -20.41 -7.97 32.36
N PRO C 193 -19.77 -9.14 32.25
CA PRO C 193 -20.42 -10.26 31.55
C PRO C 193 -21.70 -10.73 32.23
N ALA C 194 -21.81 -10.51 33.54
CA ALA C 194 -23.04 -10.79 34.27
C ALA C 194 -24.27 -10.16 33.58
N THR C 195 -24.14 -8.92 33.09
CA THR C 195 -25.25 -8.19 32.47
C THR C 195 -25.18 -8.12 30.96
N ASP C 196 -23.99 -8.18 30.34
CA ASP C 196 -23.85 -7.77 28.95
C ASP C 196 -23.84 -8.92 27.94
N CYS C 197 -23.39 -10.10 28.36
CA CYS C 197 -23.39 -11.31 27.53
C CYS C 197 -24.02 -12.47 28.30
N SER C 198 -25.30 -12.30 28.67
CA SER C 198 -26.13 -13.33 29.30
C SER C 198 -26.60 -14.44 28.34
N ASP C 199 -26.03 -14.46 27.13
CA ASP C 199 -26.41 -15.35 26.03
C ASP C 199 -27.80 -15.07 25.46
N GLY C 200 -27.90 -15.17 24.14
CA GLY C 200 -29.11 -14.92 23.39
C GLY C 200 -29.28 -13.48 22.96
N ASN C 201 -28.81 -12.54 23.80
CA ASN C 201 -28.85 -11.10 23.50
C ASN C 201 -27.60 -10.47 24.15
N TYR C 202 -26.50 -10.47 23.39
CA TYR C 202 -25.30 -9.74 23.77
C TYR C 202 -25.55 -8.25 23.62
N ASN C 203 -25.05 -7.47 24.58
CA ASN C 203 -25.18 -6.01 24.50
C ASN C 203 -24.16 -5.43 23.54
N ARG C 204 -24.63 -4.95 22.38
CA ARG C 204 -23.70 -4.44 21.38
C ARG C 204 -23.13 -3.07 21.74
N ASN C 205 -23.54 -2.49 22.86
CA ASN C 205 -23.13 -1.14 23.23
C ASN C 205 -22.37 -1.09 24.55
N ALA C 206 -21.93 -2.22 25.11
CA ALA C 206 -21.46 -2.21 26.49
C ALA C 206 -20.11 -1.52 26.63
N SER C 207 -19.16 -1.83 25.74
CA SER C 207 -17.87 -1.17 25.85
C SER C 207 -17.94 0.29 25.37
N LEU C 208 -18.69 0.56 24.30
CA LEU C 208 -18.93 1.95 23.91
C LEU C 208 -19.50 2.74 25.07
N ASN C 209 -20.47 2.16 25.79
CA ASN C 209 -21.08 2.86 26.91
C ASN C 209 -20.06 3.19 27.97
N SER C 210 -19.06 2.32 28.18
CA SER C 210 -18.03 2.62 29.17
C SER C 210 -17.05 3.69 28.67
N PHE C 211 -16.69 3.64 27.38
CA PHE C 211 -15.85 4.68 26.80
C PHE C 211 -16.49 6.05 26.99
N LYS C 212 -17.80 6.14 26.78
CA LYS C 212 -18.57 7.36 26.90
C LYS C 212 -18.59 7.90 28.33
N GLU C 213 -18.14 7.10 29.30
CA GLU C 213 -18.06 7.59 30.67
C GLU C 213 -16.82 8.48 30.86
N TYR C 214 -15.76 8.23 30.09
CA TYR C 214 -14.55 9.05 30.15
C TYR C 214 -14.56 10.20 29.15
N PHE C 215 -15.26 10.04 28.02
CA PHE C 215 -15.26 11.02 26.94
C PHE C 215 -16.68 11.24 26.43
N ASN C 216 -17.00 12.50 26.14
CA ASN C 216 -18.18 12.81 25.34
C ASN C 216 -17.78 12.78 23.88
N LEU C 217 -18.63 12.19 23.05
CA LEU C 217 -18.31 12.09 21.64
C LEU C 217 -18.95 13.27 20.90
N ARG C 218 -18.10 14.03 20.22
CA ARG C 218 -18.52 15.26 19.58
C ARG C 218 -18.02 15.27 18.14
N ASN C 219 -18.84 15.84 17.25
CA ASN C 219 -18.47 16.07 15.85
C ASN C 219 -17.96 14.78 15.17
N CYS C 220 -18.74 13.70 15.25
CA CYS C 220 -18.35 12.43 14.63
C CYS C 220 -18.76 12.41 13.16
N THR C 221 -17.79 12.10 12.31
CA THR C 221 -18.04 12.06 10.87
C THR C 221 -18.50 10.69 10.41
N PHE C 222 -18.16 9.62 11.13
CA PHE C 222 -18.78 8.34 10.87
C PHE C 222 -18.73 7.49 12.14
N MET C 223 -19.53 6.43 12.11
CA MET C 223 -19.47 5.39 13.12
C MET C 223 -20.00 4.11 12.47
N TYR C 224 -19.08 3.21 12.16
CA TYR C 224 -19.35 1.95 11.48
C TYR C 224 -19.22 0.74 12.41
N THR C 225 -20.03 -0.29 12.14
CA THR C 225 -19.89 -1.59 12.80
C THR C 225 -19.55 -2.71 11.82
N TYR C 226 -18.88 -3.73 12.34
CA TYR C 226 -18.43 -4.87 11.53
C TYR C 226 -18.72 -6.12 12.34
N ASN C 227 -19.75 -6.87 11.91
CA ASN C 227 -20.14 -8.08 12.63
C ASN C 227 -19.00 -9.10 12.63
N ILE C 228 -18.83 -9.76 13.78
CA ILE C 228 -17.79 -10.76 13.98
C ILE C 228 -18.43 -12.05 14.47
N THR C 229 -18.09 -13.16 13.85
CA THR C 229 -18.56 -14.45 14.31
C THR C 229 -17.68 -14.96 15.46
N GLU C 230 -18.33 -15.51 16.48
CA GLU C 230 -17.65 -15.86 17.71
C GLU C 230 -16.97 -17.21 17.56
N ASP C 231 -15.66 -17.25 17.74
CA ASP C 231 -14.91 -18.51 17.83
C ASP C 231 -13.56 -18.22 18.50
N GLU C 232 -12.63 -19.17 18.43
CA GLU C 232 -11.33 -19.03 19.08
C GLU C 232 -10.20 -19.35 18.11
N ILE C 233 -10.33 -18.95 16.85
CA ILE C 233 -9.31 -19.20 15.85
C ILE C 233 -8.36 -18.02 15.81
N LEU C 234 -7.06 -18.29 15.77
CA LEU C 234 -6.07 -17.22 15.57
C LEU C 234 -6.38 -16.45 14.30
N GLU C 235 -6.35 -15.12 14.42
CA GLU C 235 -6.62 -14.24 13.29
C GLU C 235 -5.74 -13.00 13.34
N TRP C 236 -5.65 -12.32 12.20
CA TRP C 236 -4.80 -11.16 12.02
C TRP C 236 -5.62 -9.95 11.63
N PHE C 237 -5.19 -8.80 12.16
CA PHE C 237 -5.78 -7.50 11.88
C PHE C 237 -4.70 -6.57 11.38
N GLY C 238 -5.02 -5.76 10.37
CA GLY C 238 -4.08 -4.79 9.84
C GLY C 238 -4.74 -3.44 9.64
N ILE C 239 -3.91 -2.40 9.73
CA ILE C 239 -4.38 -1.05 9.50
C ILE C 239 -3.27 -0.26 8.82
N THR C 240 -3.61 0.40 7.71
CA THR C 240 -2.67 1.25 7.02
C THR C 240 -3.39 2.51 6.56
N GLN C 241 -2.63 3.48 6.07
CA GLN C 241 -3.25 4.70 5.57
C GLN C 241 -2.53 5.13 4.31
N THR C 242 -3.30 5.43 3.29
CA THR C 242 -2.86 6.02 2.03
C THR C 242 -3.64 7.32 1.80
N ALA C 243 -3.36 7.97 0.67
CA ALA C 243 -4.11 9.18 0.36
C ALA C 243 -5.60 8.91 0.17
N GLN C 244 -5.99 7.67 0.00
CA GLN C 244 -7.38 7.32 -0.20
C GLN C 244 -8.14 7.09 1.10
N GLY C 245 -7.47 7.07 2.25
CA GLY C 245 -8.14 6.83 3.51
C GLY C 245 -7.42 5.82 4.37
N VAL C 246 -8.04 5.41 5.45
CA VAL C 246 -7.51 4.37 6.33
C VAL C 246 -8.09 3.04 5.91
N HIS C 247 -7.23 2.04 5.81
CA HIS C 247 -7.60 0.73 5.32
C HIS C 247 -7.54 -0.27 6.46
N LEU C 248 -8.62 -1.01 6.64
CA LEU C 248 -8.70 -2.03 7.68
C LEU C 248 -8.60 -3.39 7.03
N PHE C 249 -7.74 -4.25 7.59
CA PHE C 249 -7.54 -5.58 7.08
C PHE C 249 -7.89 -6.60 8.16
N SER C 250 -8.43 -7.73 7.72
CA SER C 250 -8.60 -8.83 8.64
C SER C 250 -8.40 -10.11 7.84
N SER C 251 -7.89 -11.12 8.54
CA SER C 251 -7.82 -12.45 7.98
C SER C 251 -9.15 -13.17 8.03
N ARG C 252 -10.06 -12.69 8.87
CA ARG C 252 -11.22 -13.47 9.28
C ARG C 252 -12.25 -13.65 8.16
N TYR C 253 -12.30 -12.75 7.18
CA TYR C 253 -13.44 -12.81 6.28
C TYR C 253 -13.20 -13.63 5.03
N VAL C 254 -11.93 -13.88 4.65
CA VAL C 254 -11.62 -14.65 3.46
C VAL C 254 -10.80 -15.89 3.81
N ASP C 255 -9.74 -15.72 4.59
CA ASP C 255 -8.79 -16.77 4.95
C ASP C 255 -8.77 -16.96 6.47
N LEU C 256 -9.88 -17.46 7.01
CA LEU C 256 -9.98 -17.58 8.46
C LEU C 256 -8.89 -18.50 9.04
N TYR C 257 -8.48 -19.54 8.30
CA TYR C 257 -7.60 -20.58 8.82
C TYR C 257 -6.11 -20.38 8.51
N GLY C 258 -5.74 -19.40 7.69
CA GLY C 258 -4.33 -19.24 7.35
C GLY C 258 -3.68 -17.97 7.87
N GLY C 259 -4.43 -16.88 7.91
CA GLY C 259 -3.94 -15.61 8.40
C GLY C 259 -3.60 -14.59 7.34
N ASN C 260 -3.95 -14.84 6.09
CA ASN C 260 -3.75 -13.82 5.07
C ASN C 260 -4.77 -12.72 5.29
N MET C 261 -4.31 -11.48 5.28
CA MET C 261 -5.17 -10.33 5.51
C MET C 261 -5.68 -9.73 4.20
N PHE C 262 -6.97 -9.43 4.17
CA PHE C 262 -7.61 -8.77 3.04
C PHE C 262 -8.30 -7.51 3.54
N GLN C 263 -8.32 -6.51 2.68
CA GLN C 263 -8.97 -5.25 3.04
C GLN C 263 -10.45 -5.49 3.23
N PHE C 264 -11.00 -5.04 4.37
CA PHE C 264 -12.44 -5.15 4.59
C PHE C 264 -13.16 -3.82 4.77
N ALA C 265 -12.45 -2.69 4.74
CA ALA C 265 -13.06 -1.38 4.86
C ALA C 265 -12.06 -0.31 4.45
N THR C 266 -12.58 0.84 3.97
CA THR C 266 -11.77 2.03 3.80
C THR C 266 -12.49 3.19 4.48
N LEU C 267 -11.88 3.75 5.47
CA LEU C 267 -12.48 4.79 6.29
C LEU C 267 -12.15 6.19 5.77
N PRO C 268 -13.16 7.07 5.70
CA PRO C 268 -12.91 8.45 5.26
C PRO C 268 -12.17 9.27 6.30
N VAL C 269 -10.89 8.95 6.45
CA VAL C 269 -10.00 9.60 7.41
C VAL C 269 -8.81 10.10 6.61
N TYR C 270 -8.73 11.41 6.40
CA TYR C 270 -7.75 11.97 5.48
C TYR C 270 -6.65 12.79 6.17
N ASP C 271 -6.82 13.13 7.45
CA ASP C 271 -5.71 13.70 8.18
C ASP C 271 -4.66 12.61 8.41
N THR C 272 -3.39 13.00 8.30
CA THR C 272 -2.32 12.02 8.49
C THR C 272 -2.30 11.53 9.93
N ILE C 273 -2.37 10.20 10.09
CA ILE C 273 -2.25 9.57 11.39
C ILE C 273 -0.78 9.45 11.76
N LYS C 274 -0.39 10.12 12.83
CA LYS C 274 0.99 10.09 13.30
C LYS C 274 1.19 9.29 14.59
N TYR C 275 0.13 9.05 15.36
CA TYR C 275 0.26 8.45 16.68
C TYR C 275 -0.85 7.45 16.92
N TYR C 276 -0.59 6.49 17.80
CA TYR C 276 -1.64 5.60 18.28
C TYR C 276 -1.30 5.17 19.70
N SER C 277 -2.31 4.68 20.41
CA SER C 277 -2.10 4.08 21.72
C SER C 277 -3.05 2.90 21.86
N ILE C 278 -2.73 2.00 22.80
CA ILE C 278 -3.58 0.84 23.04
C ILE C 278 -4.54 1.20 24.15
N ILE C 279 -5.84 0.95 23.94
CA ILE C 279 -6.88 1.29 24.91
C ILE C 279 -7.01 0.11 25.88
N PRO C 280 -6.65 0.28 27.15
CA PRO C 280 -6.74 -0.86 28.09
C PRO C 280 -8.17 -1.24 28.39
N HIS C 281 -8.47 -2.53 28.30
CA HIS C 281 -9.76 -3.11 28.62
C HIS C 281 -9.68 -3.91 29.91
N SER C 282 -10.79 -3.93 30.63
CA SER C 282 -10.85 -4.71 31.85
C SER C 282 -12.25 -5.29 31.96
N ILE C 283 -12.35 -6.53 32.45
CA ILE C 283 -13.63 -7.22 32.54
C ILE C 283 -14.11 -7.22 33.98
N ARG C 284 -15.35 -6.74 34.19
CA ARG C 284 -16.01 -6.72 35.50
C ARG C 284 -16.59 -8.10 35.78
N SER C 285 -15.71 -9.05 36.03
CA SER C 285 -16.10 -10.39 36.38
C SER C 285 -16.28 -10.54 37.89
N ILE C 286 -16.95 -11.64 38.27
CA ILE C 286 -17.01 -12.11 39.66
C ILE C 286 -15.75 -12.93 39.93
N GLN C 287 -15.31 -12.98 41.20
CA GLN C 287 -14.07 -13.72 41.49
C GLN C 287 -14.14 -15.16 41.01
N SER C 288 -15.29 -15.82 41.20
CA SER C 288 -15.44 -17.22 40.78
C SER C 288 -15.38 -17.36 39.26
N ASP C 289 -15.87 -16.38 38.51
CA ASP C 289 -16.05 -16.51 37.06
C ASP C 289 -14.97 -15.77 36.26
N ARG C 290 -13.81 -15.51 36.85
CA ARG C 290 -12.72 -14.83 36.14
C ARG C 290 -12.23 -15.68 34.98
N LYS C 291 -11.67 -15.02 33.96
CA LYS C 291 -11.09 -15.71 32.82
C LYS C 291 -9.69 -15.16 32.53
N ALA C 292 -8.92 -15.95 31.79
CA ALA C 292 -7.60 -15.55 31.30
C ALA C 292 -7.73 -15.17 29.83
N TRP C 293 -7.12 -14.05 29.45
CA TRP C 293 -7.36 -13.46 28.14
C TRP C 293 -6.08 -13.42 27.32
N ALA C 294 -6.18 -13.87 26.08
CA ALA C 294 -5.02 -14.02 25.20
C ALA C 294 -4.36 -12.69 24.90
N ALA C 295 -3.05 -12.60 25.17
CA ALA C 295 -2.31 -11.40 24.80
C ALA C 295 -2.37 -11.22 23.29
N PHE C 296 -2.26 -9.96 22.86
CA PHE C 296 -2.09 -9.68 21.45
C PHE C 296 -0.75 -8.95 21.21
N TYR C 297 -0.30 -9.03 19.96
CA TYR C 297 1.03 -8.59 19.59
C TYR C 297 0.92 -7.66 18.39
N VAL C 298 1.65 -6.55 18.44
CA VAL C 298 1.57 -5.46 17.46
C VAL C 298 2.94 -5.31 16.80
N TYR C 299 2.99 -5.49 15.48
CA TYR C 299 4.25 -5.40 14.73
C TYR C 299 4.11 -4.32 13.68
N LYS C 300 5.13 -3.48 13.55
CA LYS C 300 5.08 -2.40 12.59
C LYS C 300 5.29 -2.88 11.16
N LEU C 301 4.65 -2.17 10.23
CA LEU C 301 4.78 -2.40 8.80
C LEU C 301 5.78 -1.41 8.24
N GLN C 302 6.60 -1.87 7.32
CA GLN C 302 7.54 -1.04 6.60
C GLN C 302 7.53 -1.45 5.13
N PRO C 303 7.93 -0.55 4.22
CA PRO C 303 7.99 -0.92 2.81
C PRO C 303 9.15 -1.86 2.54
N LEU C 304 8.83 -3.11 2.22
CA LEU C 304 9.84 -4.14 1.99
C LEU C 304 9.45 -4.96 0.77
N THR C 305 10.46 -5.44 0.07
CA THR C 305 10.24 -6.41 -0.98
C THR C 305 10.24 -7.81 -0.38
N PHE C 306 9.23 -8.59 -0.73
CA PHE C 306 9.06 -9.93 -0.24
C PHE C 306 8.96 -10.90 -1.41
N LEU C 307 9.41 -12.11 -1.17
CA LEU C 307 9.09 -13.22 -2.04
C LEU C 307 7.76 -13.78 -1.54
N LEU C 308 6.76 -13.84 -2.41
CA LEU C 308 5.44 -14.38 -2.06
C LEU C 308 5.17 -15.64 -2.87
N ASP C 309 4.78 -16.71 -2.15
CA ASP C 309 4.59 -18.07 -2.66
C ASP C 309 3.11 -18.45 -2.60
N PHE C 310 2.45 -18.43 -3.74
CA PHE C 310 1.03 -18.71 -3.81
C PHE C 310 0.75 -20.19 -4.03
N SER C 311 -0.07 -20.77 -3.15
CA SER C 311 -0.51 -22.16 -3.28
C SER C 311 -1.50 -22.27 -4.46
N VAL C 312 -2.14 -23.43 -4.61
CA VAL C 312 -3.04 -23.62 -5.74
C VAL C 312 -4.39 -22.93 -5.52
N ASP C 313 -4.85 -22.84 -4.26
CA ASP C 313 -6.10 -22.13 -3.96
C ASP C 313 -5.97 -20.62 -4.12
N GLY C 314 -4.75 -20.11 -4.24
CA GLY C 314 -4.53 -18.69 -4.41
C GLY C 314 -4.04 -17.98 -3.17
N TYR C 315 -3.83 -18.70 -2.07
CA TYR C 315 -3.48 -18.13 -0.78
C TYR C 315 -1.96 -18.20 -0.55
N ILE C 316 -1.45 -17.27 0.25
CA ILE C 316 -0.02 -17.21 0.52
C ILE C 316 0.32 -18.08 1.73
N ARG C 317 1.14 -19.11 1.52
CA ARG C 317 1.55 -19.98 2.61
C ARG C 317 3.05 -19.97 2.89
N ARG C 318 3.86 -19.33 2.06
CA ARG C 318 5.28 -19.20 2.32
C ARG C 318 5.72 -17.83 1.84
N ALA C 319 6.68 -17.24 2.56
CA ALA C 319 7.21 -15.96 2.14
C ALA C 319 8.62 -15.82 2.63
N ILE C 320 9.31 -14.86 2.06
CA ILE C 320 10.71 -14.61 2.41
C ILE C 320 10.89 -13.10 2.42
N ASP C 321 11.53 -12.61 3.46
CA ASP C 321 11.88 -11.20 3.56
C ASP C 321 13.25 -11.02 2.92
N CYS C 322 13.22 -10.52 1.67
CA CYS C 322 14.40 -10.55 0.81
C CYS C 322 15.59 -9.87 1.44
N GLY C 323 15.37 -8.79 2.16
CA GLY C 323 16.51 -8.03 2.64
C GLY C 323 16.99 -8.42 4.01
N PHE C 324 16.50 -9.54 4.56
CA PHE C 324 16.80 -9.90 5.95
C PHE C 324 18.29 -10.06 6.19
N ASN C 325 18.87 -11.12 5.63
CA ASN C 325 20.30 -11.35 5.73
C ASN C 325 20.87 -11.73 4.36
N ASP C 326 22.12 -12.18 4.33
CA ASP C 326 22.74 -12.55 3.06
C ASP C 326 21.98 -13.67 2.41
N LEU C 327 21.62 -14.68 3.20
CA LEU C 327 21.08 -15.90 2.65
C LEU C 327 19.70 -15.67 2.01
N SER C 328 18.87 -14.83 2.63
CA SER C 328 17.54 -14.57 2.08
C SER C 328 17.60 -13.82 0.75
N GLN C 329 18.60 -12.95 0.55
CA GLN C 329 18.71 -12.30 -0.75
C GLN C 329 18.99 -13.31 -1.87
N LEU C 330 19.71 -14.40 -1.57
CA LEU C 330 19.94 -15.41 -2.61
C LEU C 330 18.67 -16.14 -2.97
N HIS C 331 17.85 -16.49 -1.99
CA HIS C 331 16.60 -17.17 -2.30
C HIS C 331 15.73 -16.33 -3.21
N CYS C 332 15.68 -15.01 -2.96
CA CYS C 332 14.87 -14.13 -3.79
C CYS C 332 15.41 -14.08 -5.21
N SER C 333 16.71 -13.85 -5.35
CA SER C 333 17.25 -13.77 -6.70
C SER C 333 17.16 -15.10 -7.43
N TYR C 334 17.14 -16.21 -6.70
CA TYR C 334 17.15 -17.52 -7.37
C TYR C 334 15.77 -17.95 -7.86
N GLU C 335 14.69 -17.61 -7.15
CA GLU C 335 13.34 -17.96 -7.59
C GLU C 335 12.76 -16.79 -8.40
N SER C 336 12.17 -17.11 -9.54
CA SER C 336 11.68 -16.04 -10.43
C SER C 336 10.76 -16.58 -11.55
N GLY D 5 -49.87 53.29 -24.03
CA GLY D 5 -48.88 52.29 -23.69
C GLY D 5 -47.45 52.79 -23.51
N GLY D 6 -47.21 53.63 -22.49
CA GLY D 6 -45.85 54.06 -22.14
C GLY D 6 -45.30 53.64 -20.78
N GLY D 7 -45.48 52.36 -20.38
CA GLY D 7 -45.31 51.89 -18.99
C GLY D 7 -43.95 52.09 -18.33
N SER D 8 -43.73 53.29 -17.83
CA SER D 8 -42.46 53.71 -17.26
C SER D 8 -42.63 53.83 -15.74
N GLY D 9 -42.22 54.93 -15.11
CA GLY D 9 -42.08 55.08 -13.68
C GLY D 9 -40.70 55.63 -13.39
N GLY D 10 -39.77 54.78 -12.91
CA GLY D 10 -38.37 55.13 -12.76
C GLY D 10 -37.48 54.37 -13.75
N GLY D 11 -36.17 54.28 -13.40
CA GLY D 11 -35.21 53.58 -14.24
C GLY D 11 -34.65 52.28 -13.68
N SER D 12 -34.18 51.36 -14.53
CA SER D 12 -33.50 50.16 -14.07
C SER D 12 -31.97 50.29 -14.25
N GLU D 13 -31.22 49.37 -13.63
CA GLU D 13 -29.76 49.49 -13.62
C GLU D 13 -29.17 49.35 -15.01
N VAL D 14 -29.53 48.25 -15.65
CA VAL D 14 -29.12 47.96 -17.02
C VAL D 14 -30.08 48.67 -17.97
N GLN D 15 -29.49 49.45 -18.90
CA GLN D 15 -30.24 50.15 -19.94
C GLN D 15 -29.48 50.07 -21.25
N LEU D 16 -30.23 49.86 -22.33
CA LEU D 16 -29.77 50.02 -23.72
C LEU D 16 -30.54 51.19 -24.28
N VAL D 17 -29.84 52.24 -24.71
CA VAL D 17 -30.48 53.46 -25.24
C VAL D 17 -30.08 53.62 -26.69
N GLU D 18 -30.98 53.24 -27.59
CA GLU D 18 -30.76 53.43 -29.01
C GLU D 18 -30.87 54.88 -29.43
N SER D 19 -30.18 55.20 -30.52
CA SER D 19 -30.20 56.54 -31.08
C SER D 19 -31.58 56.87 -31.66
N GLY D 20 -31.73 58.12 -32.10
CA GLY D 20 -32.98 58.67 -32.55
C GLY D 20 -33.42 58.15 -33.90
N ALA D 21 -34.53 58.71 -34.38
CA ALA D 21 -35.16 58.15 -35.56
C ALA D 21 -34.63 58.77 -36.83
N GLU D 22 -34.89 58.09 -37.94
CA GLU D 22 -34.21 58.37 -39.20
C GLU D 22 -35.19 58.36 -40.35
N VAL D 23 -35.00 59.29 -41.29
CA VAL D 23 -35.68 59.29 -42.58
C VAL D 23 -34.60 59.55 -43.61
N VAL D 24 -34.52 58.69 -44.63
CA VAL D 24 -33.43 58.73 -45.58
C VAL D 24 -33.94 58.33 -46.95
N LYS D 25 -33.11 58.54 -47.97
CA LYS D 25 -33.58 58.27 -49.32
C LYS D 25 -33.14 56.88 -49.71
N PRO D 26 -33.82 56.24 -50.65
CA PRO D 26 -33.35 54.93 -51.13
C PRO D 26 -31.90 55.05 -51.60
N GLY D 27 -31.14 54.00 -51.42
CA GLY D 27 -29.75 54.04 -51.81
C GLY D 27 -28.83 54.58 -50.75
N ALA D 28 -29.38 55.20 -49.71
CA ALA D 28 -28.51 55.74 -48.68
C ALA D 28 -28.06 54.64 -47.70
N SER D 29 -27.33 55.05 -46.69
CA SER D 29 -27.05 54.15 -45.59
C SER D 29 -27.39 54.92 -44.32
N VAL D 30 -27.53 54.19 -43.23
CA VAL D 30 -27.85 54.79 -41.96
C VAL D 30 -27.06 54.03 -40.91
N LYS D 31 -26.62 54.71 -39.85
CA LYS D 31 -25.83 54.04 -38.82
C LYS D 31 -26.37 54.40 -37.43
N MET D 32 -26.95 53.40 -36.76
CA MET D 32 -27.63 53.63 -35.50
C MET D 32 -26.83 53.03 -34.35
N SER D 33 -26.97 53.65 -33.18
CA SER D 33 -26.17 53.26 -32.02
C SER D 33 -27.06 52.70 -30.91
N CYS D 34 -26.40 52.02 -29.99
CA CYS D 34 -27.00 51.37 -28.84
C CYS D 34 -26.01 51.52 -27.70
N LYS D 35 -26.34 52.39 -26.73
CA LYS D 35 -25.43 52.75 -25.65
C LYS D 35 -25.85 52.02 -24.38
N ALA D 36 -24.99 51.11 -23.91
CA ALA D 36 -25.22 50.28 -22.73
C ALA D 36 -24.63 50.90 -21.48
N SER D 37 -25.22 50.53 -20.36
CA SER D 37 -24.89 51.11 -19.06
C SER D 37 -25.39 50.14 -18.00
N GLY D 38 -24.66 50.09 -16.88
CA GLY D 38 -25.08 49.33 -15.72
C GLY D 38 -24.54 47.93 -15.61
N TYR D 39 -23.68 47.52 -16.52
CA TYR D 39 -23.12 46.17 -16.50
C TYR D 39 -21.76 46.22 -17.15
N PRO D 40 -20.91 45.18 -16.95
CA PRO D 40 -19.62 45.04 -17.67
C PRO D 40 -19.71 44.81 -19.17
N PHE D 41 -19.38 45.83 -19.98
CA PHE D 41 -19.85 45.89 -21.35
C PHE D 41 -19.37 44.72 -22.22
N THR D 42 -18.17 44.20 -21.96
CA THR D 42 -17.57 43.27 -22.90
C THR D 42 -17.91 41.81 -22.59
N SER D 43 -18.65 41.52 -21.52
CA SER D 43 -19.02 40.14 -21.26
C SER D 43 -20.42 39.77 -21.76
N TYR D 44 -21.09 40.65 -22.49
CA TYR D 44 -22.46 40.39 -22.93
C TYR D 44 -22.59 40.69 -24.41
N ASN D 45 -23.01 39.70 -25.18
CA ASN D 45 -23.23 39.91 -26.60
C ASN D 45 -24.43 40.84 -26.81
N ILE D 46 -24.35 41.66 -27.86
CA ILE D 46 -25.45 42.53 -28.25
C ILE D 46 -25.99 41.94 -29.53
N HIS D 47 -27.30 41.70 -29.56
CA HIS D 47 -28.05 41.17 -30.69
C HIS D 47 -28.94 42.28 -31.27
N TRP D 48 -29.19 42.24 -32.58
CA TRP D 48 -30.02 43.22 -33.28
C TRP D 48 -31.24 42.54 -33.93
N ILE D 49 -32.40 43.20 -33.85
CA ILE D 49 -33.66 42.62 -34.28
C ILE D 49 -34.43 43.64 -35.09
N LYS D 50 -34.94 43.22 -36.26
CA LYS D 50 -35.77 44.07 -37.11
C LYS D 50 -37.25 43.75 -36.91
N GLN D 51 -38.06 44.78 -36.73
CA GLN D 51 -39.50 44.58 -36.53
C GLN D 51 -40.31 45.42 -37.50
N THR D 52 -40.90 44.75 -38.45
CA THR D 52 -41.76 45.42 -39.38
C THR D 52 -43.18 44.85 -39.24
N PRO D 53 -44.21 45.67 -39.48
CA PRO D 53 -45.58 45.24 -39.16
C PRO D 53 -45.99 43.85 -39.68
N GLY D 54 -45.58 43.45 -40.88
CA GLY D 54 -46.00 42.15 -41.37
C GLY D 54 -44.95 41.08 -41.42
N GLN D 55 -44.09 41.02 -40.38
CA GLN D 55 -43.18 39.89 -40.19
C GLN D 55 -42.81 39.67 -38.73
N GLY D 56 -43.30 40.49 -37.80
CA GLY D 56 -42.98 40.25 -36.41
C GLY D 56 -41.54 40.64 -36.15
N LEU D 57 -40.84 39.75 -35.47
CA LEU D 57 -39.45 39.99 -35.10
C LEU D 57 -38.58 39.16 -36.02
N GLU D 58 -37.56 39.80 -36.60
CA GLU D 58 -36.55 39.15 -37.43
C GLU D 58 -35.20 39.37 -36.77
N TRP D 59 -34.53 38.27 -36.46
CA TRP D 59 -33.18 38.37 -35.91
C TRP D 59 -32.19 38.71 -37.02
N ILE D 60 -31.38 39.75 -36.80
CA ILE D 60 -30.39 40.19 -37.79
C ILE D 60 -29.05 39.52 -37.54
N GLY D 61 -28.48 39.75 -36.36
CA GLY D 61 -27.21 39.14 -36.00
C GLY D 61 -26.78 39.57 -34.62
N ALA D 62 -25.50 39.33 -34.30
CA ALA D 62 -25.04 39.72 -32.98
C ALA D 62 -23.55 39.96 -33.02
N ILE D 63 -23.07 40.66 -31.99
CA ILE D 63 -21.67 41.03 -31.86
C ILE D 63 -21.21 40.77 -30.43
N TYR D 64 -19.95 40.31 -30.31
CA TYR D 64 -19.27 40.16 -29.04
C TYR D 64 -18.31 41.33 -28.82
N PRO D 65 -18.65 42.27 -27.92
CA PRO D 65 -17.79 43.45 -27.73
C PRO D 65 -16.39 43.15 -27.25
N GLY D 66 -16.13 41.94 -26.75
CA GLY D 66 -14.79 41.60 -26.26
C GLY D 66 -13.76 41.49 -27.37
N ASN D 67 -14.15 40.97 -28.54
CA ASN D 67 -13.19 40.85 -29.64
C ASN D 67 -13.79 41.21 -30.99
N GLY D 68 -14.95 41.85 -31.03
CA GLY D 68 -15.51 42.35 -32.26
C GLY D 68 -16.10 41.32 -33.19
N ASP D 69 -16.13 40.04 -32.79
CA ASP D 69 -16.72 38.98 -33.58
C ASP D 69 -18.22 39.23 -33.85
N THR D 70 -18.70 38.73 -34.98
CA THR D 70 -20.07 38.97 -35.40
C THR D 70 -20.67 37.75 -36.05
N SER D 71 -22.00 37.74 -36.10
CA SER D 71 -22.76 36.68 -36.73
C SER D 71 -23.95 37.35 -37.38
N TYR D 72 -24.33 36.86 -38.55
CA TYR D 72 -25.50 37.40 -39.23
C TYR D 72 -26.33 36.23 -39.74
N THR D 73 -27.62 36.46 -39.83
CA THR D 73 -28.47 35.56 -40.60
C THR D 73 -28.32 35.87 -42.09
N GLN D 74 -28.52 34.85 -42.93
CA GLN D 74 -28.17 34.96 -44.35
C GLN D 74 -28.79 36.18 -45.02
N LYS D 75 -30.06 36.45 -44.73
CA LYS D 75 -30.74 37.54 -45.40
C LYS D 75 -30.10 38.91 -45.11
N PHE D 76 -29.18 39.00 -44.16
CA PHE D 76 -28.62 40.29 -43.76
C PHE D 76 -27.10 40.33 -43.79
N LYS D 77 -26.42 39.26 -44.26
CA LYS D 77 -24.96 39.21 -44.21
C LYS D 77 -24.35 40.48 -44.83
N VAL D 78 -25.01 41.06 -45.83
CA VAL D 78 -24.48 42.20 -46.56
C VAL D 78 -25.13 43.52 -46.15
N LYS D 79 -26.45 43.51 -45.89
CA LYS D 79 -27.17 44.75 -45.60
C LYS D 79 -26.62 45.42 -44.35
N ALA D 80 -26.27 44.61 -43.34
CA ALA D 80 -25.95 45.11 -42.01
C ALA D 80 -24.48 44.83 -41.68
N THR D 81 -23.92 45.74 -40.89
CA THR D 81 -22.57 45.65 -40.39
C THR D 81 -22.57 46.06 -38.94
N LEU D 82 -22.08 45.17 -38.08
CA LEU D 82 -22.13 45.39 -36.66
C LEU D 82 -20.74 45.73 -36.15
N THR D 83 -20.66 46.77 -35.32
CA THR D 83 -19.41 47.23 -34.71
C THR D 83 -19.69 47.67 -33.28
N SER D 84 -18.63 47.71 -32.48
CA SER D 84 -18.79 48.13 -31.09
C SER D 84 -17.62 49.02 -30.69
N ASP D 85 -17.84 49.86 -29.67
CA ASP D 85 -16.77 50.63 -29.06
C ASP D 85 -16.76 50.41 -27.56
N LYS D 86 -15.63 49.91 -27.05
CA LYS D 86 -15.44 49.58 -25.64
C LYS D 86 -15.44 50.84 -24.78
N SER D 87 -14.70 51.85 -25.20
CA SER D 87 -14.55 53.03 -24.38
C SER D 87 -15.91 53.68 -24.09
N SER D 88 -16.75 53.86 -25.11
CA SER D 88 -18.09 54.42 -24.95
C SER D 88 -19.16 53.39 -24.61
N SER D 89 -18.83 52.09 -24.52
CA SER D 89 -19.83 51.08 -24.21
C SER D 89 -20.99 51.15 -25.19
N THR D 90 -20.68 51.29 -26.47
CA THR D 90 -21.70 51.45 -27.49
C THR D 90 -21.56 50.37 -28.54
N ALA D 91 -22.72 49.94 -29.05
CA ALA D 91 -22.80 49.05 -30.18
C ALA D 91 -23.43 49.81 -31.34
N TYR D 92 -22.97 49.55 -32.55
CA TYR D 92 -23.45 50.20 -33.76
C TYR D 92 -23.93 49.17 -34.77
N MET D 93 -24.99 49.51 -35.47
CA MET D 93 -25.41 48.75 -36.63
C MET D 93 -25.53 49.74 -37.78
N GLN D 94 -24.87 49.44 -38.89
CA GLN D 94 -24.98 50.25 -40.10
C GLN D 94 -25.72 49.46 -41.15
N LEU D 95 -26.77 50.07 -41.71
CA LEU D 95 -27.52 49.48 -42.80
C LEU D 95 -27.24 50.27 -44.08
N SER D 96 -26.87 49.56 -45.16
CA SER D 96 -26.49 50.17 -46.44
C SER D 96 -27.45 49.76 -47.56
N SER D 97 -27.36 50.46 -48.70
CA SER D 97 -28.15 50.12 -49.90
C SER D 97 -29.64 50.11 -49.58
N LEU D 98 -30.10 51.09 -48.81
CA LEU D 98 -31.45 51.05 -48.27
C LEU D 98 -32.53 51.07 -49.34
N THR D 99 -33.49 50.17 -49.23
CA THR D 99 -34.72 50.20 -50.01
C THR D 99 -35.91 50.43 -49.08
N SER D 100 -37.10 50.55 -49.66
CA SER D 100 -38.30 50.68 -48.84
C SER D 100 -38.51 49.44 -47.98
N GLU D 101 -37.97 48.30 -48.40
CA GLU D 101 -38.21 47.07 -47.64
C GLU D 101 -37.53 47.09 -46.30
N ASP D 102 -36.79 48.16 -46.01
CA ASP D 102 -36.05 48.29 -44.76
C ASP D 102 -36.70 49.26 -43.79
N SER D 103 -37.78 49.91 -44.18
CA SER D 103 -38.51 50.69 -43.22
C SER D 103 -39.03 49.76 -42.12
N ALA D 104 -38.64 50.07 -40.88
CA ALA D 104 -38.89 49.17 -39.75
C ALA D 104 -38.44 49.87 -38.48
N VAL D 105 -38.83 49.30 -37.34
CA VAL D 105 -38.19 49.63 -36.08
C VAL D 105 -37.13 48.58 -35.80
N TYR D 106 -35.92 49.03 -35.46
CA TYR D 106 -34.78 48.17 -35.17
C TYR D 106 -34.42 48.19 -33.68
N PHE D 107 -34.17 47.01 -33.13
CA PHE D 107 -33.87 46.86 -31.71
C PHE D 107 -32.48 46.29 -31.51
N CYS D 108 -31.81 46.75 -30.44
CA CYS D 108 -30.68 46.03 -29.88
C CYS D 108 -31.14 45.41 -28.58
N ALA D 109 -30.57 44.24 -28.26
CA ALA D 109 -30.89 43.57 -27.01
C ALA D 109 -29.64 42.83 -26.56
N ARG D 110 -29.56 42.61 -25.25
CA ARG D 110 -28.47 41.93 -24.58
C ARG D 110 -28.85 40.47 -24.33
N TYR D 111 -27.94 39.56 -24.69
CA TYR D 111 -28.04 38.14 -24.35
C TYR D 111 -27.46 37.94 -22.96
N GLY D 112 -28.28 37.47 -22.02
CA GLY D 112 -27.98 37.37 -20.58
C GLY D 112 -26.99 36.32 -20.09
N ASN D 113 -26.44 35.46 -20.93
CA ASN D 113 -25.56 34.38 -20.47
C ASN D 113 -26.31 33.57 -19.42
N TYR D 114 -25.62 33.03 -18.41
CA TYR D 114 -26.28 32.24 -17.36
C TYR D 114 -26.94 33.10 -16.27
N PRO D 115 -28.16 32.73 -15.89
CA PRO D 115 -28.92 31.66 -16.56
C PRO D 115 -29.84 32.34 -17.55
N SER D 116 -30.81 31.60 -18.06
CA SER D 116 -31.78 32.10 -19.05
C SER D 116 -31.30 32.01 -20.50
N TYR D 117 -30.11 32.49 -20.80
CA TYR D 117 -29.66 32.47 -22.18
C TYR D 117 -30.66 33.19 -23.10
N ALA D 118 -31.40 34.16 -22.55
CA ALA D 118 -32.42 34.92 -23.27
C ALA D 118 -31.99 36.37 -23.51
N MET D 119 -32.80 37.10 -24.29
CA MET D 119 -32.62 38.55 -24.46
C MET D 119 -33.24 39.21 -23.24
N ASP D 120 -32.44 39.36 -22.18
CA ASP D 120 -32.97 39.87 -20.91
C ASP D 120 -33.30 41.35 -20.99
N TYR D 121 -32.59 42.14 -21.78
CA TYR D 121 -32.79 43.59 -21.78
C TYR D 121 -32.82 44.13 -23.20
N TRP D 122 -33.77 45.02 -23.49
CA TRP D 122 -33.93 45.53 -24.85
C TRP D 122 -33.82 47.05 -24.86
N GLY D 123 -33.23 47.59 -25.91
CA GLY D 123 -33.29 49.01 -26.17
C GLY D 123 -34.69 49.38 -26.61
N GLN D 124 -34.93 50.67 -26.73
CA GLN D 124 -36.30 51.10 -26.99
C GLN D 124 -36.67 51.11 -28.46
N GLY D 125 -35.72 50.85 -29.35
CA GLY D 125 -36.02 50.78 -30.77
C GLY D 125 -35.65 52.04 -31.50
N THR D 126 -35.19 51.89 -32.75
CA THR D 126 -34.87 53.00 -33.65
C THR D 126 -35.74 52.86 -34.87
N SER D 127 -36.50 53.91 -35.19
CA SER D 127 -37.40 53.89 -36.34
C SER D 127 -36.65 54.40 -37.55
N VAL D 128 -36.58 53.58 -38.58
CA VAL D 128 -35.91 53.91 -39.84
C VAL D 128 -36.95 53.87 -40.95
N THR D 129 -37.08 54.99 -41.68
CA THR D 129 -38.03 55.08 -42.79
C THR D 129 -37.30 55.46 -44.06
N VAL D 130 -37.64 54.79 -45.16
CA VAL D 130 -36.94 54.91 -46.44
C VAL D 130 -37.98 55.33 -47.48
N SER D 131 -38.09 56.65 -47.69
CA SER D 131 -39.09 57.28 -48.55
C SER D 131 -38.61 57.44 -49.98
N SER D 132 -39.45 57.04 -50.95
CA SER D 132 -39.03 57.00 -52.36
C SER D 132 -39.16 58.36 -53.03
N ASP E 1 -30.71 25.19 -38.84
CA ASP E 1 -31.45 26.46 -39.01
C ASP E 1 -32.94 26.37 -38.61
N ILE E 2 -33.23 26.56 -37.32
CA ILE E 2 -34.57 26.27 -36.80
C ILE E 2 -35.53 27.40 -37.13
N VAL E 3 -36.75 27.03 -37.51
CA VAL E 3 -37.81 27.96 -37.86
C VAL E 3 -38.96 27.79 -36.86
N MET E 4 -39.46 28.91 -36.33
CA MET E 4 -40.53 28.87 -35.34
C MET E 4 -41.90 29.15 -35.98
N THR E 5 -42.90 28.38 -35.57
CA THR E 5 -44.26 28.61 -36.03
C THR E 5 -45.17 28.90 -34.84
N GLN E 6 -45.89 30.01 -34.89
CA GLN E 6 -46.81 30.33 -33.80
C GLN E 6 -48.25 30.24 -34.29
N SER E 7 -49.11 29.84 -33.36
CA SER E 7 -50.53 29.69 -33.58
C SER E 7 -51.24 30.03 -32.30
N PRO E 8 -52.40 30.69 -32.41
CA PRO E 8 -52.95 31.27 -33.63
C PRO E 8 -52.32 32.62 -33.96
N ALA E 9 -52.83 33.31 -34.97
CA ALA E 9 -52.34 34.63 -35.29
C ALA E 9 -52.85 35.68 -34.31
N SER E 10 -54.15 35.65 -34.02
CA SER E 10 -54.74 36.47 -32.96
C SER E 10 -55.87 35.69 -32.33
N LEU E 11 -56.23 36.09 -31.11
CA LEU E 11 -57.30 35.45 -30.34
C LEU E 11 -57.82 36.45 -29.33
N THR E 12 -59.14 36.47 -29.16
CA THR E 12 -59.80 37.32 -28.18
C THR E 12 -60.43 36.46 -27.09
N VAL E 13 -60.26 36.89 -25.83
CA VAL E 13 -60.60 36.07 -24.68
C VAL E 13 -61.32 36.94 -23.65
N SER E 14 -62.26 36.33 -22.92
CA SER E 14 -62.98 37.05 -21.88
C SER E 14 -62.18 37.05 -20.57
N LEU E 15 -62.38 38.11 -19.77
CA LEU E 15 -61.71 38.16 -18.47
C LEU E 15 -61.85 36.85 -17.74
N GLY E 16 -60.75 36.35 -17.21
CA GLY E 16 -60.80 35.17 -16.40
C GLY E 16 -60.80 33.87 -17.14
N GLN E 17 -60.88 33.90 -18.47
CA GLN E 17 -60.76 32.67 -19.24
C GLN E 17 -59.28 32.36 -19.48
N ARG E 18 -59.01 31.34 -20.27
CA ARG E 18 -57.64 30.89 -20.47
C ARG E 18 -57.23 31.15 -21.92
N ALA E 19 -56.01 31.60 -22.12
CA ALA E 19 -55.46 31.79 -23.46
C ALA E 19 -54.35 30.78 -23.67
N THR E 20 -54.34 30.12 -24.81
CA THR E 20 -53.30 29.14 -25.09
C THR E 20 -52.68 29.50 -26.43
N ILE E 21 -51.36 29.71 -26.43
CA ILE E 21 -50.58 30.01 -27.62
C ILE E 21 -49.60 28.88 -27.84
N SER E 22 -49.47 28.41 -29.08
CA SER E 22 -48.60 27.30 -29.42
C SER E 22 -47.41 27.80 -30.23
N CYS E 23 -46.30 27.08 -30.11
CA CYS E 23 -45.08 27.37 -30.83
C CYS E 23 -44.54 26.01 -31.24
N ARG E 24 -44.16 25.87 -32.52
CA ARG E 24 -43.56 24.64 -33.00
C ARG E 24 -42.28 25.01 -33.72
N ALA E 25 -41.22 24.24 -33.43
CA ALA E 25 -39.91 24.39 -34.04
C ALA E 25 -39.66 23.31 -35.09
N SER E 26 -39.05 23.71 -36.19
CA SER E 26 -38.79 22.79 -37.29
C SER E 26 -37.80 21.70 -36.90
N LYS E 27 -37.10 21.86 -35.79
CA LYS E 27 -36.07 20.94 -35.32
C LYS E 27 -35.92 21.12 -33.80
N SER E 28 -35.67 20.01 -33.09
CA SER E 28 -35.61 20.05 -31.64
C SER E 28 -34.70 21.15 -31.14
N VAL E 29 -35.14 21.84 -30.10
CA VAL E 29 -34.39 22.90 -29.45
C VAL E 29 -33.91 22.41 -28.09
N SER E 30 -33.74 21.09 -27.94
CA SER E 30 -33.31 20.49 -26.67
C SER E 30 -31.86 20.06 -26.70
N ALA E 31 -31.13 20.42 -25.64
CA ALA E 31 -29.73 20.02 -25.42
C ALA E 31 -29.37 20.25 -23.96
N SER E 32 -28.46 19.43 -23.47
CA SER E 32 -27.86 19.57 -22.13
C SER E 32 -28.91 19.63 -21.03
N GLY E 33 -30.12 19.12 -21.25
CA GLY E 33 -31.13 19.21 -20.20
C GLY E 33 -31.92 20.49 -20.19
N TYR E 34 -31.77 21.33 -21.20
CA TYR E 34 -32.54 22.55 -21.31
C TYR E 34 -33.45 22.49 -22.54
N ASN E 35 -34.45 23.35 -22.56
CA ASN E 35 -35.18 23.64 -23.79
C ASN E 35 -35.01 25.11 -24.11
N TYR E 36 -34.26 25.39 -25.16
CA TYR E 36 -33.86 26.77 -25.46
C TYR E 36 -35.00 27.48 -26.20
N LEU E 37 -36.06 27.73 -25.46
CA LEU E 37 -37.23 28.41 -25.98
C LEU E 37 -37.60 29.49 -24.99
N HIS E 38 -37.85 30.70 -25.46
CA HIS E 38 -38.22 31.85 -24.62
C HIS E 38 -39.47 32.54 -25.16
N TRP E 39 -40.21 33.20 -24.28
CA TRP E 39 -41.44 33.92 -24.63
C TRP E 39 -41.25 35.39 -24.32
N TYR E 40 -41.65 36.26 -25.23
CA TYR E 40 -41.60 37.69 -24.98
C TYR E 40 -43.01 38.22 -25.15
N GLN E 41 -43.34 39.18 -24.30
CA GLN E 41 -44.60 39.90 -24.37
C GLN E 41 -44.28 41.31 -24.82
N GLN E 42 -45.07 41.84 -25.76
CA GLN E 42 -44.82 43.17 -26.31
C GLN E 42 -46.11 43.97 -26.39
N ARG E 43 -46.15 45.05 -25.68
CA ARG E 43 -47.22 46.05 -25.73
C ARG E 43 -46.93 47.11 -26.77
N PRO E 44 -47.97 47.81 -27.22
CA PRO E 44 -47.77 48.78 -28.31
C PRO E 44 -46.82 49.93 -27.96
N GLY E 45 -45.95 50.23 -28.91
CA GLY E 45 -44.98 51.31 -28.79
C GLY E 45 -43.82 51.04 -27.86
N GLN E 46 -43.81 49.92 -27.18
CA GLN E 46 -42.76 49.48 -26.29
C GLN E 46 -41.95 48.37 -26.93
N PRO E 47 -40.75 48.10 -26.44
CA PRO E 47 -39.97 46.95 -26.95
C PRO E 47 -40.45 45.65 -26.33
N PRO E 48 -40.02 44.50 -26.82
CA PRO E 48 -40.46 43.24 -26.16
C PRO E 48 -39.92 43.18 -24.73
N LYS E 49 -40.68 42.51 -23.87
CA LYS E 49 -40.22 42.12 -22.54
C LYS E 49 -40.07 40.61 -22.50
N LEU E 50 -38.99 40.15 -21.85
CA LEU E 50 -38.88 38.74 -21.52
C LEU E 50 -39.90 38.34 -20.45
N LEU E 51 -40.68 37.28 -20.72
CA LEU E 51 -41.65 36.69 -19.80
C LEU E 51 -41.15 35.38 -19.22
N ILE E 52 -40.84 34.44 -20.11
CA ILE E 52 -40.42 33.10 -19.75
C ILE E 52 -39.15 32.77 -20.51
N TYR E 53 -38.22 32.13 -19.84
CA TYR E 53 -36.94 31.74 -20.42
C TYR E 53 -36.70 30.26 -20.19
N LEU E 54 -36.05 29.63 -21.16
CA LEU E 54 -35.77 28.20 -21.12
C LEU E 54 -37.04 27.40 -20.86
N ALA E 55 -38.08 27.71 -21.64
CA ALA E 55 -39.31 26.94 -21.79
C ALA E 55 -40.32 27.16 -20.66
N PHE E 56 -39.87 27.24 -19.40
CA PHE E 56 -40.85 27.30 -18.33
C PHE E 56 -40.47 28.17 -17.14
N ASN E 57 -39.37 28.91 -17.16
CA ASN E 57 -38.95 29.72 -16.02
C ASN E 57 -39.51 31.14 -16.12
N LEU E 58 -40.28 31.57 -15.12
CA LEU E 58 -40.79 32.94 -15.14
C LEU E 58 -39.72 33.98 -14.75
N GLU E 59 -39.64 35.06 -15.52
CA GLU E 59 -38.78 36.17 -15.12
C GLU E 59 -39.38 36.89 -13.93
N SER E 60 -38.52 37.53 -13.13
CA SER E 60 -38.98 38.19 -11.92
C SER E 60 -40.04 39.26 -12.22
N GLY E 61 -41.06 39.32 -11.38
CA GLY E 61 -42.17 40.25 -11.52
C GLY E 61 -43.29 39.76 -12.41
N VAL E 62 -43.16 38.56 -12.96
CA VAL E 62 -44.14 37.98 -13.86
C VAL E 62 -45.04 37.07 -13.03
N PRO E 63 -46.35 37.28 -13.05
CA PRO E 63 -47.24 36.55 -12.13
C PRO E 63 -47.41 35.11 -12.53
N ALA E 64 -47.79 34.27 -11.57
CA ALA E 64 -47.85 32.84 -11.85
C ALA E 64 -48.98 32.43 -12.78
N ARG E 65 -49.85 33.36 -13.21
CA ARG E 65 -50.85 32.95 -14.17
C ARG E 65 -50.24 32.58 -15.52
N PHE E 66 -49.02 33.06 -15.82
CA PHE E 66 -48.30 32.59 -16.98
C PHE E 66 -47.60 31.26 -16.69
N ASN E 67 -47.87 30.25 -17.52
CA ASN E 67 -47.29 28.90 -17.39
C ASN E 67 -46.73 28.56 -18.76
N GLY E 68 -45.43 28.31 -18.83
CA GLY E 68 -44.79 27.86 -20.04
C GLY E 68 -44.46 26.38 -19.93
N SER E 69 -44.58 25.67 -21.03
CA SER E 69 -44.39 24.22 -20.97
C SER E 69 -44.10 23.68 -22.35
N GLY E 70 -43.59 22.47 -22.37
CA GLY E 70 -43.24 21.77 -23.60
C GLY E 70 -41.79 21.35 -23.62
N SER E 71 -41.46 20.57 -24.64
CA SER E 71 -40.07 20.19 -24.86
C SER E 71 -39.91 19.73 -26.30
N GLY E 72 -38.65 19.78 -26.77
CA GLY E 72 -38.29 19.30 -28.09
C GLY E 72 -38.70 20.21 -29.21
N THR E 73 -39.92 20.05 -29.73
CA THR E 73 -40.37 20.88 -30.84
C THR E 73 -41.68 21.60 -30.60
N ASP E 74 -42.44 21.24 -29.55
CA ASP E 74 -43.78 21.78 -29.34
C ASP E 74 -43.88 22.39 -27.94
N PHE E 75 -44.26 23.66 -27.89
CA PHE E 75 -44.33 24.44 -26.67
C PHE E 75 -45.63 25.23 -26.63
N THR E 76 -46.13 25.49 -25.42
CA THR E 76 -47.32 26.31 -25.29
C THR E 76 -47.14 27.24 -24.12
N LEU E 77 -47.62 28.46 -24.30
CA LEU E 77 -47.80 29.44 -23.23
C LEU E 77 -49.28 29.49 -22.87
N ASN E 78 -49.60 29.30 -21.59
CA ASN E 78 -50.96 29.44 -21.09
C ASN E 78 -51.06 30.63 -20.17
N ILE E 79 -52.13 31.40 -20.34
CA ILE E 79 -52.44 32.50 -19.44
C ILE E 79 -53.78 32.19 -18.81
N HIS E 80 -53.77 31.92 -17.51
CA HIS E 80 -54.98 31.62 -16.80
C HIS E 80 -54.94 31.96 -15.33
N PRO E 81 -55.84 32.82 -14.89
CA PRO E 81 -56.86 33.48 -15.71
C PRO E 81 -56.42 34.83 -16.23
N VAL E 82 -56.87 35.24 -17.42
CA VAL E 82 -56.34 36.42 -18.08
C VAL E 82 -56.92 37.67 -17.44
N GLU E 83 -56.07 38.69 -17.30
CA GLU E 83 -56.44 39.99 -16.79
C GLU E 83 -56.33 41.02 -17.91
N GLU E 84 -56.90 42.20 -17.68
CA GLU E 84 -56.98 43.20 -18.74
C GLU E 84 -55.59 43.60 -19.22
N GLU E 85 -54.61 43.61 -18.31
CA GLU E 85 -53.21 43.96 -18.57
C GLU E 85 -52.47 42.93 -19.40
N ASP E 86 -53.11 41.83 -19.78
CA ASP E 86 -52.38 40.81 -20.52
C ASP E 86 -52.53 40.97 -22.02
N ALA E 87 -53.28 41.97 -22.48
CA ALA E 87 -53.43 42.26 -23.90
C ALA E 87 -52.11 42.74 -24.48
N ALA E 88 -51.50 41.89 -25.29
CA ALA E 88 -50.19 42.18 -25.82
C ALA E 88 -50.00 41.29 -27.03
N THR E 89 -48.82 41.36 -27.61
CA THR E 89 -48.42 40.35 -28.59
C THR E 89 -47.31 39.53 -27.98
N TYR E 90 -47.40 38.22 -28.19
CA TYR E 90 -46.51 37.24 -27.58
C TYR E 90 -45.66 36.64 -28.69
N TYR E 91 -44.37 36.52 -28.44
CA TYR E 91 -43.44 35.98 -29.41
C TYR E 91 -42.59 34.92 -28.75
N CYS E 92 -42.37 33.84 -29.47
CA CYS E 92 -41.40 32.84 -29.07
C CYS E 92 -40.14 32.96 -29.91
N GLN E 93 -39.00 32.65 -29.29
CA GLN E 93 -37.70 32.64 -29.94
C GLN E 93 -36.94 31.43 -29.41
N HIS E 94 -36.13 30.81 -30.26
CA HIS E 94 -35.23 29.76 -29.81
C HIS E 94 -33.80 30.30 -29.78
N SER E 95 -32.95 29.64 -29.00
CA SER E 95 -31.54 29.96 -28.88
C SER E 95 -30.73 28.66 -28.86
N ARG E 96 -31.19 27.70 -29.64
CA ARG E 96 -30.53 26.40 -29.66
C ARG E 96 -29.19 26.47 -30.38
N ASP E 97 -29.12 27.24 -31.47
CA ASP E 97 -27.95 27.39 -32.32
C ASP E 97 -28.17 28.60 -33.19
N LEU E 98 -27.08 29.19 -33.68
CA LEU E 98 -27.22 30.37 -34.56
C LEU E 98 -27.51 29.90 -35.97
N PRO E 99 -28.33 30.66 -36.70
CA PRO E 99 -29.00 31.91 -36.28
C PRO E 99 -30.28 31.71 -35.45
N PHE E 100 -30.50 32.58 -34.48
CA PHE E 100 -31.72 32.59 -33.68
C PHE E 100 -32.91 33.02 -34.54
N THR E 101 -34.11 32.53 -34.20
CA THR E 101 -35.30 33.02 -34.91
C THR E 101 -36.48 33.16 -33.95
N PHE E 102 -37.41 34.06 -34.31
CA PHE E 102 -38.65 34.27 -33.58
C PHE E 102 -39.83 33.71 -34.36
N GLY E 103 -40.97 33.60 -33.67
CA GLY E 103 -42.22 33.24 -34.32
C GLY E 103 -42.94 34.47 -34.88
N SER E 104 -44.01 34.19 -35.66
CA SER E 104 -44.77 35.27 -36.27
C SER E 104 -45.41 36.18 -35.24
N GLY E 105 -45.68 35.69 -34.04
CA GLY E 105 -46.37 36.44 -33.02
C GLY E 105 -47.85 36.12 -32.96
N THR E 106 -48.41 36.24 -31.75
CA THR E 106 -49.81 35.97 -31.46
C THR E 106 -50.36 37.16 -30.71
N LYS E 107 -51.35 37.83 -31.29
CA LYS E 107 -51.93 39.04 -30.72
C LYS E 107 -53.12 38.67 -29.84
N LEU E 108 -53.03 38.97 -28.53
CA LEU E 108 -54.12 38.68 -27.60
C LEU E 108 -54.88 39.96 -27.28
N GLU E 109 -56.19 39.92 -27.47
CA GLU E 109 -57.08 41.01 -27.13
C GLU E 109 -58.03 40.54 -26.03
N ILE E 110 -58.49 41.46 -25.19
CA ILE E 110 -59.51 41.18 -24.19
C ILE E 110 -60.79 41.94 -24.48
N LYS E 111 -61.93 41.25 -24.34
CA LYS E 111 -63.27 41.84 -24.59
C LYS E 111 -63.44 43.36 -24.45
N GLU F 13 -45.31 14.48 17.51
CA GLU F 13 -44.93 13.10 17.12
C GLU F 13 -44.37 12.29 18.29
N VAL F 14 -43.14 12.65 18.69
CA VAL F 14 -42.61 12.21 19.98
C VAL F 14 -43.49 12.78 21.09
N GLN F 15 -43.88 11.93 22.05
CA GLN F 15 -44.70 12.40 23.17
C GLN F 15 -44.22 11.77 24.46
N LEU F 16 -44.14 12.59 25.49
CA LEU F 16 -43.97 12.11 26.85
C LEU F 16 -45.23 12.46 27.61
N VAL F 17 -45.87 11.45 28.18
CA VAL F 17 -47.07 11.65 28.97
C VAL F 17 -46.75 11.15 30.37
N GLU F 18 -46.21 12.04 31.19
CA GLU F 18 -46.17 11.77 32.62
C GLU F 18 -47.56 11.97 33.18
N SER F 19 -47.98 11.09 34.08
CA SER F 19 -49.35 11.22 34.51
C SER F 19 -49.50 10.89 35.98
N GLY F 20 -50.63 11.36 36.49
CA GLY F 20 -51.08 11.31 37.86
C GLY F 20 -50.83 12.62 38.55
N ALA F 21 -51.86 13.16 39.20
CA ALA F 21 -51.74 14.44 39.90
C ALA F 21 -51.84 14.27 41.42
N GLU F 22 -51.02 13.40 42.02
CA GLU F 22 -51.25 12.94 43.39
C GLU F 22 -51.10 14.04 44.45
N VAL F 23 -51.86 13.87 45.54
CA VAL F 23 -51.73 14.62 46.78
C VAL F 23 -51.67 13.62 47.94
N VAL F 24 -50.71 13.81 48.85
CA VAL F 24 -50.41 12.85 49.91
C VAL F 24 -50.06 13.61 51.19
N LYS F 25 -49.87 12.82 52.32
CA LYS F 25 -49.67 13.38 53.66
C LYS F 25 -48.18 13.45 54.01
N PRO F 26 -47.77 14.35 54.91
CA PRO F 26 -46.35 14.42 55.29
C PRO F 26 -45.81 13.10 55.80
N GLY F 27 -44.53 12.86 55.51
CA GLY F 27 -43.88 11.62 55.85
C GLY F 27 -44.04 10.50 54.84
N ALA F 28 -44.97 10.64 53.88
CA ALA F 28 -45.32 9.58 52.94
C ALA F 28 -44.34 9.48 51.76
N SER F 29 -44.68 8.63 50.78
CA SER F 29 -43.97 8.54 49.52
C SER F 29 -44.96 8.57 48.37
N VAL F 30 -44.43 8.84 47.17
CA VAL F 30 -45.20 8.79 45.92
C VAL F 30 -44.25 8.33 44.82
N LYS F 31 -44.80 7.62 43.84
CA LYS F 31 -44.03 7.14 42.70
C LYS F 31 -44.80 7.55 41.44
N MET F 32 -44.18 8.46 40.68
CA MET F 32 -44.75 9.14 39.53
C MET F 32 -44.14 8.65 38.23
N SER F 33 -44.94 8.65 37.17
CA SER F 33 -44.53 8.02 35.92
C SER F 33 -44.41 9.02 34.77
N CYS F 34 -43.66 8.59 33.75
CA CYS F 34 -43.42 9.32 32.51
C CYS F 34 -43.35 8.25 31.43
N LYS F 35 -44.35 8.20 30.55
CA LYS F 35 -44.46 7.13 29.54
C LYS F 35 -44.10 7.70 28.17
N ALA F 36 -43.06 7.11 27.55
CA ALA F 36 -42.52 7.60 26.29
C ALA F 36 -43.21 6.96 25.10
N SER F 37 -43.11 7.64 23.96
CA SER F 37 -43.81 7.25 22.75
C SER F 37 -43.18 7.98 21.57
N GLY F 38 -43.08 7.31 20.43
CA GLY F 38 -42.66 7.98 19.22
C GLY F 38 -41.18 7.97 18.91
N TYR F 39 -40.36 7.28 19.70
CA TYR F 39 -38.92 7.26 19.48
C TYR F 39 -38.33 5.96 20.02
N PRO F 40 -37.12 5.58 19.58
CA PRO F 40 -36.44 4.43 20.19
C PRO F 40 -36.06 4.65 21.65
N PHE F 41 -36.87 4.09 22.55
CA PHE F 41 -36.90 4.54 23.94
C PHE F 41 -35.55 4.47 24.62
N THR F 42 -34.71 3.54 24.22
CA THR F 42 -33.57 3.22 25.05
C THR F 42 -32.31 4.01 24.68
N SER F 43 -32.33 4.80 23.61
CA SER F 43 -31.14 5.56 23.21
C SER F 43 -31.16 7.01 23.70
N TYR F 44 -32.12 7.38 24.55
CA TYR F 44 -32.30 8.77 24.98
C TYR F 44 -32.47 8.81 26.49
N ASN F 45 -31.62 9.59 27.17
CA ASN F 45 -31.71 9.75 28.61
C ASN F 45 -32.95 10.56 28.99
N ILE F 46 -33.49 10.30 30.17
CA ILE F 46 -34.64 11.05 30.70
C ILE F 46 -34.19 11.85 31.91
N HIS F 47 -34.50 13.16 31.92
CA HIS F 47 -34.15 14.06 33.02
C HIS F 47 -35.37 14.50 33.80
N TRP F 48 -35.18 14.74 35.09
CA TRP F 48 -36.27 15.16 35.96
C TRP F 48 -36.02 16.55 36.56
N ILE F 49 -37.09 17.35 36.60
CA ILE F 49 -37.04 18.76 36.96
C ILE F 49 -38.18 19.09 37.91
N LYS F 50 -37.86 19.79 39.00
CA LYS F 50 -38.83 20.30 39.97
C LYS F 50 -39.10 21.78 39.72
N GLN F 51 -40.37 22.17 39.78
CA GLN F 51 -40.75 23.58 39.63
C GLN F 51 -41.70 24.02 40.75
N THR F 52 -41.18 24.69 41.76
CA THR F 52 -42.18 25.26 42.67
C THR F 52 -42.54 26.68 42.21
N PRO F 53 -43.75 27.17 42.55
CA PRO F 53 -44.25 28.42 41.92
C PRO F 53 -43.23 29.57 41.88
N GLY F 54 -42.50 29.75 42.98
CA GLY F 54 -41.41 30.71 43.05
C GLY F 54 -40.06 30.06 43.27
N GLN F 55 -39.53 29.36 42.26
CA GLN F 55 -38.20 28.76 42.36
C GLN F 55 -37.51 28.60 41.01
N GLY F 56 -38.16 28.95 39.90
CA GLY F 56 -37.63 28.59 38.60
C GLY F 56 -37.59 27.09 38.44
N LEU F 57 -36.55 26.59 37.77
CA LEU F 57 -36.42 25.17 37.49
C LEU F 57 -35.24 24.57 38.26
N GLU F 58 -35.48 23.45 38.94
CA GLU F 58 -34.44 22.72 39.66
C GLU F 58 -34.25 21.37 39.00
N TRP F 59 -33.03 21.10 38.55
CA TRP F 59 -32.69 19.80 37.97
C TRP F 59 -32.55 18.78 39.07
N ILE F 60 -33.19 17.61 38.89
CA ILE F 60 -33.18 16.54 39.89
C ILE F 60 -32.06 15.54 39.59
N GLY F 61 -32.17 14.93 38.42
CA GLY F 61 -31.20 13.93 37.99
C GLY F 61 -31.57 13.41 36.62
N ALA F 62 -30.96 12.28 36.26
CA ALA F 62 -31.16 11.70 34.93
C ALA F 62 -31.02 10.19 34.99
N ILE F 63 -31.52 9.53 33.96
CA ILE F 63 -31.53 8.07 33.86
C ILE F 63 -31.18 7.63 32.44
N TYR F 64 -30.35 6.56 32.31
CA TYR F 64 -30.15 5.91 31.00
C TYR F 64 -31.03 4.68 30.99
N PRO F 65 -32.09 4.64 30.19
CA PRO F 65 -32.96 3.45 30.19
C PRO F 65 -32.22 2.17 29.76
N GLY F 66 -31.12 2.31 29.02
CA GLY F 66 -30.41 1.16 28.49
C GLY F 66 -29.68 0.31 29.51
N ASN F 67 -29.22 0.91 30.61
CA ASN F 67 -28.56 0.13 31.65
C ASN F 67 -28.87 0.62 33.06
N GLY F 68 -29.86 1.50 33.23
CA GLY F 68 -30.32 1.95 34.54
C GLY F 68 -29.41 2.87 35.30
N ASP F 69 -28.33 3.36 34.68
CA ASP F 69 -27.44 4.31 35.35
C ASP F 69 -28.18 5.60 35.69
N THR F 70 -27.74 6.23 36.78
CA THR F 70 -28.42 7.39 37.32
C THR F 70 -27.39 8.44 37.73
N SER F 71 -27.88 9.67 37.82
CA SER F 71 -27.10 10.78 38.31
C SER F 71 -28.04 11.69 39.08
N TYR F 72 -27.57 12.22 40.18
CA TYR F 72 -28.38 13.11 40.98
C TYR F 72 -27.55 14.32 41.36
N THR F 73 -28.22 15.47 41.46
CA THR F 73 -27.60 16.60 42.09
C THR F 73 -27.66 16.42 43.60
N GLN F 74 -26.72 17.05 44.31
CA GLN F 74 -26.48 16.71 45.70
C GLN F 74 -27.74 16.81 46.55
N LYS F 75 -28.55 17.86 46.34
CA LYS F 75 -29.75 18.07 47.14
C LYS F 75 -30.84 17.02 46.94
N PHE F 76 -30.71 16.08 46.01
CA PHE F 76 -31.80 15.14 45.77
C PHE F 76 -31.42 13.66 45.76
N LYS F 77 -30.26 13.25 46.31
CA LYS F 77 -29.93 11.82 46.27
C LYS F 77 -30.80 11.02 47.23
N VAL F 78 -30.75 11.38 48.53
CA VAL F 78 -31.63 10.74 49.50
C VAL F 78 -33.09 10.92 49.08
N LYS F 79 -33.42 12.08 48.51
CA LYS F 79 -34.80 12.44 48.24
C LYS F 79 -35.45 11.56 47.17
N ALA F 80 -34.75 11.35 46.05
CA ALA F 80 -35.35 10.75 44.86
C ALA F 80 -34.61 9.51 44.38
N THR F 81 -35.36 8.64 43.70
CA THR F 81 -34.79 7.48 43.03
C THR F 81 -35.48 7.32 41.68
N LEU F 82 -34.66 7.19 40.63
CA LEU F 82 -35.13 7.11 39.26
C LEU F 82 -35.03 5.65 38.79
N THR F 83 -36.07 5.19 38.10
CA THR F 83 -36.13 3.83 37.61
C THR F 83 -36.75 3.84 36.21
N SER F 84 -36.44 2.81 35.43
CA SER F 84 -36.97 2.70 34.09
C SER F 84 -37.40 1.26 33.82
N ASP F 85 -38.34 1.11 32.91
CA ASP F 85 -38.77 -0.18 32.39
C ASP F 85 -38.66 -0.11 30.87
N LYS F 86 -37.67 -0.83 30.33
CA LYS F 86 -37.45 -0.88 28.89
C LYS F 86 -38.68 -1.43 28.16
N SER F 87 -39.45 -2.30 28.84
CA SER F 87 -40.57 -2.99 28.23
C SER F 87 -41.81 -2.08 28.10
N SER F 88 -42.15 -1.37 29.17
CA SER F 88 -43.30 -0.48 29.11
C SER F 88 -42.97 0.86 28.46
N SER F 89 -41.69 1.14 28.20
CA SER F 89 -41.25 2.42 27.66
C SER F 89 -41.69 3.58 28.57
N THR F 90 -41.54 3.38 29.89
CA THR F 90 -41.90 4.38 30.90
C THR F 90 -40.73 4.58 31.86
N ALA F 91 -40.60 5.82 32.35
CA ALA F 91 -39.67 6.17 33.40
C ALA F 91 -40.40 6.55 34.69
N TYR F 92 -39.79 6.21 35.83
CA TYR F 92 -40.42 6.48 37.13
C TYR F 92 -39.49 7.33 37.98
N MET F 93 -40.10 8.22 38.74
CA MET F 93 -39.43 8.94 39.81
C MET F 93 -40.26 8.77 41.07
N GLN F 94 -39.63 8.31 42.15
CA GLN F 94 -40.33 8.19 43.42
C GLN F 94 -39.66 9.08 44.45
N LEU F 95 -40.47 9.86 45.16
CA LEU F 95 -40.03 10.76 46.21
C LEU F 95 -40.48 10.22 47.58
N SER F 96 -39.52 10.11 48.50
CA SER F 96 -39.78 9.55 49.83
C SER F 96 -39.63 10.61 50.90
N SER F 97 -40.21 10.32 52.07
CA SER F 97 -40.11 11.18 53.27
C SER F 97 -40.58 12.61 52.95
N LEU F 98 -41.72 12.71 52.28
CA LEU F 98 -42.18 13.97 51.73
C LEU F 98 -42.38 15.03 52.81
N THR F 99 -41.87 16.22 52.55
CA THR F 99 -42.06 17.39 53.40
C THR F 99 -42.97 18.36 52.67
N SER F 100 -43.30 19.45 53.35
CA SER F 100 -44.05 20.52 52.68
C SER F 100 -43.23 21.12 51.55
N GLU F 101 -41.91 21.11 51.68
CA GLU F 101 -40.97 21.69 50.74
C GLU F 101 -40.92 20.96 49.41
N ASP F 102 -41.71 19.91 49.27
CA ASP F 102 -41.74 19.08 48.07
C ASP F 102 -43.01 19.28 47.25
N SER F 103 -43.93 20.14 47.71
CA SER F 103 -45.03 20.55 46.87
C SER F 103 -44.48 21.26 45.65
N ALA F 104 -44.77 20.72 44.48
CA ALA F 104 -44.23 21.26 43.24
C ALA F 104 -44.85 20.50 42.08
N VAL F 105 -44.71 21.08 40.91
CA VAL F 105 -44.90 20.33 39.68
C VAL F 105 -43.54 19.75 39.31
N TYR F 106 -43.51 18.46 39.01
CA TYR F 106 -42.29 17.78 38.63
C TYR F 106 -42.38 17.43 37.15
N PHE F 107 -41.29 17.64 36.42
CA PHE F 107 -41.22 17.45 34.98
C PHE F 107 -40.22 16.34 34.62
N CYS F 108 -40.54 15.57 33.59
CA CYS F 108 -39.57 14.75 32.89
C CYS F 108 -39.34 15.34 31.51
N ALA F 109 -38.12 15.19 31.01
CA ALA F 109 -37.82 15.65 29.67
C ALA F 109 -36.76 14.73 29.07
N ARG F 110 -36.72 14.72 27.73
CA ARG F 110 -35.78 13.91 26.99
C ARG F 110 -34.58 14.76 26.63
N TYR F 111 -33.39 14.26 26.95
CA TYR F 111 -32.15 14.86 26.48
C TYR F 111 -31.88 14.35 25.09
N GLY F 112 -32.13 15.18 24.08
CA GLY F 112 -31.88 14.78 22.71
C GLY F 112 -30.39 14.71 22.46
N ASN F 113 -29.97 13.75 21.66
CA ASN F 113 -28.53 13.60 21.50
C ASN F 113 -28.07 14.63 20.49
N TYR F 114 -27.20 14.23 19.56
CA TYR F 114 -26.79 15.14 18.50
C TYR F 114 -28.08 15.43 17.75
N PRO F 115 -28.29 16.67 17.31
CA PRO F 115 -27.38 17.82 17.39
C PRO F 115 -27.65 18.86 18.49
N SER F 116 -28.74 18.74 19.22
CA SER F 116 -29.14 19.76 20.17
C SER F 116 -29.04 19.19 21.57
N TYR F 117 -27.85 19.24 22.16
CA TYR F 117 -27.66 18.55 23.42
C TYR F 117 -28.51 19.11 24.56
N ALA F 118 -29.76 19.48 24.24
CA ALA F 118 -30.73 20.13 25.10
C ALA F 118 -31.90 19.20 25.42
N MET F 119 -32.83 19.72 26.24
CA MET F 119 -34.10 19.07 26.54
C MET F 119 -35.03 19.21 25.33
N ASP F 120 -35.07 18.15 24.53
CA ASP F 120 -35.81 18.14 23.26
C ASP F 120 -37.31 18.31 23.46
N TYR F 121 -37.88 17.50 24.35
CA TYR F 121 -39.32 17.30 24.47
C TYR F 121 -39.64 17.14 25.94
N TRP F 122 -40.73 17.75 26.36
CA TRP F 122 -41.09 17.75 27.77
C TRP F 122 -42.44 17.06 27.99
N GLY F 123 -42.57 16.42 29.14
CA GLY F 123 -43.88 15.98 29.58
C GLY F 123 -44.74 17.15 30.01
N GLN F 124 -46.02 16.87 30.27
CA GLN F 124 -46.95 17.93 30.64
C GLN F 124 -46.93 18.26 32.13
N GLY F 125 -46.20 17.49 32.95
CA GLY F 125 -46.05 17.80 34.35
C GLY F 125 -46.99 17.06 35.26
N THR F 126 -46.52 16.66 36.45
CA THR F 126 -47.36 16.05 37.48
C THR F 126 -47.20 16.87 38.75
N SER F 127 -48.32 17.38 39.29
CA SER F 127 -48.28 18.22 40.48
C SER F 127 -48.40 17.37 41.74
N VAL F 128 -47.48 17.58 42.67
CA VAL F 128 -47.47 16.88 43.95
C VAL F 128 -47.77 17.90 45.04
N THR F 129 -48.75 17.61 45.89
CA THR F 129 -49.16 18.49 46.97
C THR F 129 -49.08 17.72 48.28
N VAL F 130 -48.63 18.37 49.35
CA VAL F 130 -48.49 17.73 50.65
C VAL F 130 -49.19 18.60 51.69
N SER F 131 -50.45 18.28 51.97
CA SER F 131 -51.26 19.06 52.90
C SER F 131 -51.01 18.56 54.33
N SER F 132 -51.52 19.30 55.30
CA SER F 132 -51.15 19.09 56.71
C SER F 132 -52.15 18.21 57.45
N ASP G 1 -21.36 22.43 40.18
CA ASP G 1 -20.13 23.14 39.87
C ASP G 1 -20.48 24.49 39.24
N ILE G 2 -21.28 24.46 38.16
CA ILE G 2 -21.65 25.68 37.43
C ILE G 2 -23.04 26.12 37.91
N VAL G 3 -23.20 27.41 38.21
CA VAL G 3 -24.50 27.96 38.62
C VAL G 3 -24.88 29.08 37.63
N MET G 4 -26.15 29.11 37.24
CA MET G 4 -26.64 30.07 36.24
C MET G 4 -27.32 31.27 36.90
N THR G 5 -27.02 32.45 36.37
CA THR G 5 -27.66 33.70 36.78
C THR G 5 -28.33 34.36 35.59
N GLN G 6 -29.56 34.83 35.80
CA GLN G 6 -30.30 35.58 34.81
C GLN G 6 -30.58 36.98 35.31
N SER G 7 -30.64 37.94 34.38
CA SER G 7 -31.02 39.30 34.77
C SER G 7 -31.64 40.00 33.57
N PRO G 8 -32.69 40.80 33.80
CA PRO G 8 -33.32 41.01 35.09
C PRO G 8 -34.26 39.90 35.51
N ALA G 9 -34.86 40.07 36.69
CA ALA G 9 -35.83 39.11 37.20
C ALA G 9 -37.16 39.27 36.47
N SER G 10 -37.57 40.49 36.22
CA SER G 10 -38.75 40.78 35.43
C SER G 10 -38.41 41.91 34.47
N LEU G 11 -39.15 41.98 33.38
CA LEU G 11 -38.79 42.87 32.29
C LEU G 11 -40.06 43.25 31.55
N THR G 12 -40.31 44.55 31.44
CA THR G 12 -41.47 45.03 30.72
C THR G 12 -41.01 45.84 29.52
N VAL G 13 -41.62 45.57 28.38
CA VAL G 13 -41.22 46.09 27.08
C VAL G 13 -42.50 46.37 26.30
N SER G 14 -42.46 47.42 25.49
CA SER G 14 -43.59 47.78 24.65
C SER G 14 -43.53 47.02 23.32
N LEU G 15 -44.71 46.75 22.76
CA LEU G 15 -44.85 46.04 21.50
C LEU G 15 -43.93 46.63 20.44
N GLY G 16 -43.23 45.75 19.73
CA GLY G 16 -42.38 46.16 18.65
C GLY G 16 -41.02 46.67 19.07
N GLN G 17 -40.78 46.88 20.36
CA GLN G 17 -39.43 47.20 20.83
C GLN G 17 -38.65 45.88 20.97
N ARG G 18 -37.50 45.92 21.61
CA ARG G 18 -36.62 44.76 21.74
C ARG G 18 -36.52 44.30 23.20
N ALA G 19 -36.59 42.98 23.38
CA ALA G 19 -36.43 42.38 24.71
C ALA G 19 -35.08 41.71 24.76
N THR G 20 -34.32 42.00 25.82
CA THR G 20 -33.02 41.41 26.05
C THR G 20 -32.94 40.88 27.47
N ILE G 21 -32.65 39.59 27.56
CA ILE G 21 -32.48 38.86 28.80
C ILE G 21 -31.05 38.36 28.86
N SER G 22 -30.43 38.45 30.03
CA SER G 22 -29.05 38.03 30.18
C SER G 22 -28.93 36.77 31.03
N CYS G 23 -27.89 36.00 30.75
CA CYS G 23 -27.55 34.76 31.42
C CYS G 23 -26.05 34.79 31.65
N ARG G 24 -25.64 34.47 32.87
CA ARG G 24 -24.22 34.40 33.21
C ARG G 24 -23.92 33.08 33.92
N ALA G 25 -22.90 32.38 33.44
CA ALA G 25 -22.45 31.11 34.02
C ALA G 25 -21.20 31.36 34.87
N SER G 26 -21.13 30.70 36.04
CA SER G 26 -20.04 30.96 36.99
C SER G 26 -18.69 30.47 36.49
N LYS G 27 -18.67 29.32 35.83
CA LYS G 27 -17.50 28.85 35.10
C LYS G 27 -17.90 28.79 33.65
N SER G 28 -16.91 28.58 32.78
CA SER G 28 -17.17 28.59 31.34
C SER G 28 -17.96 27.37 30.94
N VAL G 29 -18.88 27.55 30.00
CA VAL G 29 -19.65 26.44 29.48
C VAL G 29 -19.29 26.14 28.03
N SER G 30 -18.11 26.53 27.60
CA SER G 30 -17.68 26.24 26.23
C SER G 30 -16.61 25.17 26.27
N ALA G 31 -16.72 24.23 25.32
CA ALA G 31 -15.75 23.15 25.14
C ALA G 31 -15.91 22.58 23.76
N SER G 32 -14.79 22.12 23.20
CA SER G 32 -14.78 21.36 21.95
C SER G 32 -15.49 22.14 20.83
N GLY G 33 -15.48 23.46 20.94
CA GLY G 33 -16.05 24.33 19.93
C GLY G 33 -17.52 24.63 20.06
N TYR G 34 -18.16 24.26 21.16
CA TYR G 34 -19.56 24.56 21.40
C TYR G 34 -19.67 25.42 22.66
N ASN G 35 -20.83 26.08 22.82
CA ASN G 35 -21.23 26.68 24.08
C ASN G 35 -22.49 25.96 24.54
N TYR G 36 -22.38 25.20 25.62
CA TYR G 36 -23.50 24.37 26.05
C TYR G 36 -24.47 25.19 26.89
N LEU G 37 -25.18 26.08 26.20
CA LEU G 37 -26.18 26.92 26.84
C LEU G 37 -27.45 26.90 26.02
N HIS G 38 -28.58 26.65 26.68
CA HIS G 38 -29.87 26.56 26.00
C HIS G 38 -30.90 27.46 26.66
N TRP G 39 -31.86 27.90 25.82
CA TRP G 39 -32.92 28.83 26.22
C TRP G 39 -34.28 28.17 26.07
N TYR G 40 -35.12 28.30 27.11
CA TYR G 40 -36.47 27.77 27.10
C TYR G 40 -37.50 28.88 27.40
N GLN G 41 -38.67 28.74 26.79
CA GLN G 41 -39.83 29.59 27.06
C GLN G 41 -40.92 28.80 27.78
N GLN G 42 -41.54 29.40 28.79
CA GLN G 42 -42.58 28.70 29.55
C GLN G 42 -43.75 29.63 29.86
N ARG G 43 -44.92 29.32 29.31
CA ARG G 43 -46.19 29.99 29.61
C ARG G 43 -46.86 29.32 30.80
N PRO G 44 -47.83 29.98 31.45
CA PRO G 44 -48.42 29.39 32.66
C PRO G 44 -49.13 28.06 32.38
N GLY G 45 -48.95 27.12 33.29
CA GLY G 45 -49.56 25.81 33.16
C GLY G 45 -49.02 24.91 32.08
N GLN G 46 -48.13 25.40 31.23
CA GLN G 46 -47.48 24.57 30.22
C GLN G 46 -46.05 24.24 30.62
N PRO G 47 -45.46 23.20 30.02
CA PRO G 47 -44.06 22.89 30.30
C PRO G 47 -43.13 23.79 29.49
N PRO G 48 -41.84 23.81 29.83
CA PRO G 48 -40.89 24.60 29.04
C PRO G 48 -40.79 24.09 27.61
N LYS G 49 -40.52 25.00 26.71
CA LYS G 49 -40.38 24.74 25.29
C LYS G 49 -38.98 25.17 24.86
N LEU G 50 -38.28 24.31 24.14
CA LEU G 50 -36.94 24.64 23.71
C LEU G 50 -36.99 25.74 22.67
N LEU G 51 -36.21 26.80 22.87
CA LEU G 51 -36.14 27.93 21.94
C LEU G 51 -34.81 27.99 21.23
N ILE G 52 -33.71 28.03 21.97
CA ILE G 52 -32.37 28.12 21.42
C ILE G 52 -31.56 26.99 22.03
N TYR G 53 -30.72 26.34 21.22
CA TYR G 53 -29.86 25.27 21.71
C TYR G 53 -28.42 25.55 21.29
N LEU G 54 -27.48 25.22 22.17
CA LEU G 54 -26.06 25.51 21.96
C LEU G 54 -25.81 26.99 21.62
N ALA G 55 -26.38 27.87 22.47
CA ALA G 55 -26.11 29.32 22.51
C ALA G 55 -26.84 30.14 21.46
N PHE G 56 -26.91 29.65 20.23
CA PHE G 56 -27.45 30.46 19.17
C PHE G 56 -28.23 29.73 18.08
N ASN G 57 -28.59 28.46 18.24
CA ASN G 57 -29.30 27.75 17.19
C ASN G 57 -30.80 27.81 17.45
N LEU G 58 -31.55 28.29 16.46
CA LEU G 58 -33.00 28.32 16.55
C LEU G 58 -33.57 26.91 16.39
N GLU G 59 -34.43 26.50 17.32
CA GLU G 59 -35.16 25.25 17.18
C GLU G 59 -36.16 25.34 16.03
N SER G 60 -36.40 24.19 15.38
CA SER G 60 -37.31 24.21 14.24
C SER G 60 -38.70 24.64 14.70
N GLY G 61 -39.32 25.53 13.93
CA GLY G 61 -40.61 26.08 14.30
C GLY G 61 -40.54 27.32 15.17
N VAL G 62 -39.36 27.81 15.46
CA VAL G 62 -39.17 29.00 16.29
C VAL G 62 -38.90 30.19 15.37
N PRO G 63 -39.64 31.29 15.50
CA PRO G 63 -39.51 32.40 14.54
C PRO G 63 -38.17 33.12 14.66
N ALA G 64 -37.74 33.73 13.55
CA ALA G 64 -36.42 34.37 13.53
C ALA G 64 -36.34 35.67 14.36
N ARG G 65 -37.40 36.09 15.05
CA ARG G 65 -37.26 37.22 15.97
C ARG G 65 -36.35 36.89 17.14
N PHE G 66 -36.19 35.60 17.46
CA PHE G 66 -35.30 35.16 18.53
C PHE G 66 -33.86 35.02 18.05
N ASN G 67 -32.95 35.67 18.78
CA ASN G 67 -31.51 35.64 18.52
C ASN G 67 -30.86 35.29 19.86
N GLY G 68 -30.12 34.20 19.86
CA GLY G 68 -29.28 33.85 20.99
C GLY G 68 -27.84 34.19 20.63
N SER G 69 -27.08 34.63 21.62
CA SER G 69 -25.70 35.01 21.39
C SER G 69 -24.95 34.98 22.72
N GLY G 70 -23.63 35.03 22.61
CA GLY G 70 -22.75 34.99 23.75
C GLY G 70 -21.74 33.87 23.61
N SER G 71 -20.78 33.88 24.55
CA SER G 71 -19.86 32.76 24.65
C SER G 71 -19.17 32.83 26.01
N GLY G 72 -18.65 31.68 26.43
CA GLY G 72 -17.87 31.56 27.64
C GLY G 72 -18.71 31.57 28.89
N THR G 73 -19.02 32.78 29.40
CA THR G 73 -19.82 32.91 30.59
C THR G 73 -21.02 33.82 30.44
N ASP G 74 -21.12 34.61 29.36
CA ASP G 74 -22.14 35.65 29.24
C ASP G 74 -22.96 35.44 27.97
N PHE G 75 -24.27 35.35 28.13
CA PHE G 75 -25.15 35.07 27.02
C PHE G 75 -26.38 35.97 27.10
N THR G 76 -26.95 36.26 25.94
CA THR G 76 -28.16 37.08 25.90
C THR G 76 -29.17 36.44 24.96
N LEU G 77 -30.43 36.52 25.36
CA LEU G 77 -31.55 36.22 24.47
C LEU G 77 -32.19 37.54 23.99
N ASN G 78 -32.30 37.72 22.68
CA ASN G 78 -32.91 38.90 22.08
C ASN G 78 -34.19 38.52 21.36
N ILE G 79 -35.25 39.29 21.58
CA ILE G 79 -36.50 39.14 20.86
C ILE G 79 -36.82 40.47 20.18
N HIS G 80 -36.82 40.49 18.85
CA HIS G 80 -37.09 41.70 18.09
C HIS G 80 -37.69 41.48 16.69
N PRO G 81 -38.85 42.06 16.44
CA PRO G 81 -39.64 42.86 17.38
C PRO G 81 -40.66 42.00 18.12
N VAL G 82 -40.98 42.39 19.36
CA VAL G 82 -41.74 41.55 20.30
C VAL G 82 -43.22 41.57 19.93
N GLU G 83 -43.87 40.41 20.06
CA GLU G 83 -45.32 40.30 19.84
C GLU G 83 -46.00 39.84 21.11
N GLU G 84 -47.34 40.00 21.15
CA GLU G 84 -48.09 39.67 22.36
C GLU G 84 -47.90 38.21 22.76
N GLU G 85 -47.72 37.32 21.78
CA GLU G 85 -47.58 35.92 22.10
C GLU G 85 -46.28 35.61 22.83
N ASP G 86 -45.41 36.60 23.03
CA ASP G 86 -44.11 36.36 23.65
C ASP G 86 -44.10 36.58 25.16
N ALA G 87 -45.24 36.91 25.76
CA ALA G 87 -45.31 37.03 27.21
C ALA G 87 -45.12 35.64 27.81
N ALA G 88 -43.99 35.43 28.45
CA ALA G 88 -43.68 34.13 29.01
C ALA G 88 -42.62 34.35 30.08
N THR G 89 -42.13 33.26 30.65
CA THR G 89 -40.91 33.28 31.43
C THR G 89 -39.83 32.50 30.70
N TYR G 90 -38.61 33.05 30.66
CA TYR G 90 -37.52 32.46 29.89
C TYR G 90 -36.44 31.97 30.83
N TYR G 91 -35.88 30.81 30.52
CA TYR G 91 -34.85 30.19 31.35
C TYR G 91 -33.66 29.80 30.49
N CYS G 92 -32.47 30.01 31.02
CA CYS G 92 -31.29 29.44 30.40
C CYS G 92 -30.84 28.25 31.22
N GLN G 93 -30.28 27.27 30.53
CA GLN G 93 -29.77 26.08 31.18
C GLN G 93 -28.46 25.75 30.48
N HIS G 94 -27.52 25.18 31.25
CA HIS G 94 -26.27 24.71 30.69
C HIS G 94 -26.24 23.19 30.70
N SER G 95 -25.42 22.63 29.83
CA SER G 95 -25.21 21.19 29.76
C SER G 95 -23.73 20.89 29.57
N ARG G 96 -22.86 21.68 30.23
CA ARG G 96 -21.41 21.52 30.06
C ARG G 96 -20.88 20.29 30.80
N ASP G 97 -21.43 20.00 31.97
CA ASP G 97 -21.00 18.90 32.83
C ASP G 97 -22.09 18.71 33.87
N LEU G 98 -22.12 17.51 34.45
CA LEU G 98 -23.10 17.26 35.49
C LEU G 98 -22.60 17.81 36.83
N PRO G 99 -23.51 18.32 37.67
CA PRO G 99 -24.95 18.46 37.39
C PRO G 99 -25.35 19.66 36.53
N PHE G 100 -26.39 19.46 35.70
CA PHE G 100 -27.02 20.54 34.93
C PHE G 100 -27.74 21.51 35.86
N THR G 101 -27.84 22.77 35.44
CA THR G 101 -28.61 23.77 36.19
C THR G 101 -29.34 24.72 35.26
N PHE G 102 -30.40 25.30 35.79
CA PHE G 102 -31.17 26.34 35.12
C PHE G 102 -30.90 27.67 35.81
N GLY G 103 -31.32 28.73 35.14
CA GLY G 103 -31.27 30.07 35.68
C GLY G 103 -32.47 30.42 36.55
N SER G 104 -32.41 31.62 37.12
CA SER G 104 -33.50 32.13 37.95
C SER G 104 -34.78 32.28 37.15
N GLY G 105 -34.66 32.54 35.86
CA GLY G 105 -35.84 32.87 35.08
C GLY G 105 -36.06 34.37 34.98
N THR G 106 -36.59 34.78 33.84
CA THR G 106 -36.90 36.17 33.54
C THR G 106 -38.31 36.26 32.99
N LYS G 107 -39.19 36.96 33.70
CA LYS G 107 -40.57 37.11 33.25
C LYS G 107 -40.71 38.34 32.38
N LEU G 108 -41.10 38.14 31.12
CA LEU G 108 -41.34 39.23 30.18
C LEU G 108 -42.82 39.53 30.09
N GLU G 109 -43.18 40.79 30.31
CA GLU G 109 -44.56 41.24 30.11
C GLU G 109 -44.56 42.30 29.03
N ILE G 110 -45.67 42.35 28.30
CA ILE G 110 -45.90 43.31 27.23
C ILE G 110 -47.06 44.22 27.65
N LYS G 111 -46.88 45.52 27.49
CA LYS G 111 -47.78 46.45 28.20
C LYS G 111 -49.20 46.59 27.62
N GLU H 13 14.15 -45.03 17.68
CA GLU H 13 13.41 -44.58 16.50
C GLU H 13 14.00 -45.06 15.18
N VAL H 14 15.31 -44.86 15.00
CA VAL H 14 16.01 -45.53 13.91
C VAL H 14 15.88 -47.03 14.12
N GLN H 15 15.44 -47.75 13.07
CA GLN H 15 15.30 -49.19 13.18
C GLN H 15 15.81 -49.82 11.91
N LEU H 16 16.60 -50.88 12.05
CA LEU H 16 16.96 -51.72 10.94
C LEU H 16 16.32 -53.06 11.20
N VAL H 17 15.44 -53.47 10.30
CA VAL H 17 14.76 -54.75 10.44
C VAL H 17 15.18 -55.59 9.24
N GLU H 18 16.28 -56.31 9.39
CA GLU H 18 16.51 -57.39 8.47
C GLU H 18 15.55 -58.48 8.85
N SER H 19 15.28 -59.38 7.93
CA SER H 19 14.36 -60.42 8.34
C SER H 19 14.59 -61.63 7.46
N GLY H 20 13.89 -62.70 7.85
CA GLY H 20 13.86 -63.95 7.15
C GLY H 20 14.90 -64.88 7.72
N ALA H 21 14.50 -65.77 8.61
CA ALA H 21 15.47 -66.66 9.22
C ALA H 21 15.46 -67.88 8.33
N GLU H 22 16.44 -67.97 7.43
CA GLU H 22 16.31 -68.87 6.29
C GLU H 22 17.27 -70.05 6.41
N VAL H 23 16.85 -71.18 5.85
CA VAL H 23 17.69 -72.37 5.75
C VAL H 23 17.62 -72.91 4.32
N VAL H 24 18.79 -73.23 3.75
CA VAL H 24 18.93 -73.70 2.39
C VAL H 24 20.04 -74.75 2.39
N LYS H 25 20.17 -75.47 1.29
CA LYS H 25 21.15 -76.54 1.28
C LYS H 25 22.37 -76.18 0.42
N PRO H 26 23.48 -76.90 0.59
CA PRO H 26 24.72 -76.55 -0.14
C PRO H 26 24.54 -76.38 -1.64
N GLY H 27 25.38 -75.52 -2.21
CA GLY H 27 25.40 -75.19 -3.62
C GLY H 27 24.45 -74.09 -4.05
N ALA H 28 23.46 -73.75 -3.23
CA ALA H 28 22.43 -72.79 -3.62
C ALA H 28 22.92 -71.35 -3.40
N SER H 29 21.98 -70.41 -3.53
CA SER H 29 22.17 -69.02 -3.15
C SER H 29 21.00 -68.58 -2.27
N VAL H 30 21.20 -67.51 -1.52
CA VAL H 30 20.15 -66.91 -0.70
C VAL H 30 20.40 -65.41 -0.70
N LYS H 31 19.31 -64.65 -0.58
CA LYS H 31 19.38 -63.19 -0.59
C LYS H 31 18.54 -62.62 0.55
N MET H 32 19.21 -61.99 1.52
CA MET H 32 18.58 -61.48 2.73
C MET H 32 18.48 -59.97 2.64
N SER H 33 17.44 -59.42 3.25
CA SER H 33 17.17 -58.01 3.13
C SER H 33 17.29 -57.35 4.49
N CYS H 34 17.40 -56.02 4.46
CA CYS H 34 17.57 -55.18 5.64
C CYS H 34 16.81 -53.90 5.36
N LYS H 35 15.68 -53.67 6.04
CA LYS H 35 14.81 -52.53 5.77
C LYS H 35 15.01 -51.43 6.82
N ALA H 36 15.46 -50.27 6.37
CA ALA H 36 15.69 -49.15 7.27
C ALA H 36 14.46 -48.25 7.32
N SER H 37 14.34 -47.54 8.44
CA SER H 37 13.20 -46.68 8.72
C SER H 37 13.65 -45.75 9.83
N GLY H 38 13.09 -44.54 9.82
CA GLY H 38 13.37 -43.55 10.85
C GLY H 38 14.47 -42.56 10.54
N TYR H 39 15.08 -42.60 9.36
CA TYR H 39 16.16 -41.69 9.01
C TYR H 39 16.21 -41.52 7.50
N PRO H 40 16.90 -40.45 7.00
CA PRO H 40 17.17 -40.31 5.55
C PRO H 40 18.08 -41.35 4.92
N PHE H 41 17.47 -42.30 4.19
CA PHE H 41 18.08 -43.59 3.88
C PHE H 41 19.36 -43.45 3.06
N THR H 42 19.48 -42.40 2.26
CA THR H 42 20.56 -42.38 1.29
C THR H 42 21.82 -41.68 1.82
N SER H 43 21.77 -41.08 3.00
CA SER H 43 22.93 -40.38 3.56
C SER H 43 23.72 -41.24 4.53
N TYR H 44 23.37 -42.53 4.68
CA TYR H 44 24.01 -43.39 5.66
C TYR H 44 24.39 -44.70 5.01
N ASN H 45 25.68 -45.08 5.13
CA ASN H 45 26.14 -46.37 4.60
C ASN H 45 25.66 -47.55 5.45
N ILE H 46 25.44 -48.68 4.79
CA ILE H 46 25.03 -49.91 5.46
C ILE H 46 26.18 -50.89 5.36
N HIS H 47 26.57 -51.45 6.50
CA HIS H 47 27.63 -52.45 6.59
C HIS H 47 27.05 -53.80 6.92
N TRP H 48 27.71 -54.86 6.46
CA TRP H 48 27.29 -56.23 6.73
C TRP H 48 28.37 -56.97 7.51
N ILE H 49 27.92 -57.76 8.49
CA ILE H 49 28.80 -58.44 9.43
C ILE H 49 28.34 -59.89 9.57
N LYS H 50 29.30 -60.81 9.44
CA LYS H 50 29.07 -62.23 9.65
C LYS H 50 29.52 -62.64 11.03
N GLN H 51 28.68 -63.40 11.73
CA GLN H 51 29.07 -63.95 13.03
C GLN H 51 28.88 -65.46 12.98
N THR H 52 29.96 -66.15 12.65
CA THR H 52 29.94 -67.60 12.57
C THR H 52 29.65 -68.17 13.97
N PRO H 53 29.00 -69.35 14.06
CA PRO H 53 28.25 -69.74 15.28
C PRO H 53 28.96 -69.59 16.63
N GLY H 54 30.22 -69.97 16.76
CA GLY H 54 30.92 -69.80 18.01
C GLY H 54 32.06 -68.79 18.04
N GLN H 55 32.26 -68.01 16.98
CA GLN H 55 33.38 -67.08 16.90
C GLN H 55 32.87 -65.65 17.01
N GLY H 56 33.72 -64.70 16.60
CA GLY H 56 33.42 -63.31 16.81
C GLY H 56 32.75 -62.68 15.62
N LEU H 57 33.11 -61.45 15.30
CA LEU H 57 32.48 -60.70 14.22
C LEU H 57 33.43 -60.58 13.05
N GLU H 58 32.95 -60.84 11.85
CA GLU H 58 33.72 -60.67 10.62
C GLU H 58 33.04 -59.60 9.77
N TRP H 59 33.76 -58.52 9.48
CA TRP H 59 33.23 -57.49 8.60
C TRP H 59 33.29 -58.00 7.17
N ILE H 60 32.16 -57.93 6.46
CA ILE H 60 32.08 -58.37 5.07
C ILE H 60 32.31 -57.23 4.11
N GLY H 61 31.44 -56.22 4.20
CA GLY H 61 31.57 -55.07 3.33
C GLY H 61 30.53 -54.02 3.67
N ALA H 62 30.40 -53.07 2.73
CA ALA H 62 29.51 -51.93 2.95
C ALA H 62 29.01 -51.41 1.61
N ILE H 63 27.90 -50.66 1.66
CA ILE H 63 27.28 -50.08 0.48
C ILE H 63 26.81 -48.66 0.80
N TYR H 64 26.94 -47.76 -0.17
CA TYR H 64 26.38 -46.42 -0.11
C TYR H 64 25.08 -46.38 -0.90
N PRO H 65 23.93 -46.28 -0.25
CA PRO H 65 22.64 -46.28 -0.98
C PRO H 65 22.47 -45.10 -1.94
N GLY H 66 23.27 -44.04 -1.79
CA GLY H 66 23.14 -42.87 -2.63
C GLY H 66 23.55 -43.11 -4.07
N ASN H 67 24.47 -44.04 -4.30
CA ASN H 67 24.84 -44.38 -5.67
C ASN H 67 25.18 -45.85 -5.83
N GLY H 68 24.90 -46.70 -4.84
CA GLY H 68 25.17 -48.11 -4.94
C GLY H 68 26.63 -48.50 -4.89
N ASP H 69 27.54 -47.56 -4.62
CA ASP H 69 28.97 -47.88 -4.56
C ASP H 69 29.22 -48.92 -3.47
N THR H 70 30.21 -49.78 -3.68
CA THR H 70 30.26 -50.89 -2.76
C THR H 70 31.72 -51.26 -2.48
N SER H 71 31.95 -51.90 -1.33
CA SER H 71 33.28 -52.33 -0.97
C SER H 71 33.20 -53.63 -0.18
N TYR H 72 34.18 -54.52 -0.39
CA TYR H 72 34.21 -55.80 0.28
C TYR H 72 35.61 -56.06 0.82
N THR H 73 35.68 -56.81 1.91
CA THR H 73 36.95 -57.39 2.32
C THR H 73 37.28 -58.57 1.41
N GLN H 74 38.57 -58.83 1.23
CA GLN H 74 39.01 -59.70 0.14
C GLN H 74 38.39 -61.09 0.23
N LYS H 75 38.25 -61.62 1.46
CA LYS H 75 37.66 -62.94 1.69
C LYS H 75 36.21 -63.05 1.21
N PHE H 76 35.58 -61.94 0.82
CA PHE H 76 34.18 -61.97 0.39
C PHE H 76 33.94 -61.27 -0.93
N LYS H 77 34.98 -60.78 -1.63
CA LYS H 77 34.73 -60.00 -2.85
C LYS H 77 33.97 -60.83 -3.87
N VAL H 78 34.10 -62.16 -3.81
CA VAL H 78 33.40 -63.08 -4.71
C VAL H 78 32.11 -63.61 -4.08
N LYS H 79 32.16 -63.94 -2.79
CA LYS H 79 31.04 -64.62 -2.13
C LYS H 79 29.80 -63.73 -2.02
N ALA H 80 29.98 -62.43 -1.83
CA ALA H 80 28.87 -61.54 -1.53
C ALA H 80 28.68 -60.46 -2.60
N THR H 81 27.43 -60.02 -2.74
CA THR H 81 27.11 -58.86 -3.59
C THR H 81 26.05 -58.05 -2.84
N LEU H 82 26.34 -56.77 -2.65
CA LEU H 82 25.50 -55.87 -1.89
C LEU H 82 24.75 -54.93 -2.85
N THR H 83 23.46 -54.73 -2.59
CA THR H 83 22.64 -53.85 -3.41
C THR H 83 21.73 -53.05 -2.51
N SER H 84 21.19 -51.97 -3.05
CA SER H 84 20.25 -51.14 -2.32
C SER H 84 19.07 -50.77 -3.23
N ASP H 85 17.94 -50.47 -2.62
CA ASP H 85 16.75 -50.02 -3.33
C ASP H 85 16.26 -48.74 -2.64
N LYS H 86 16.51 -47.57 -3.27
CA LYS H 86 16.27 -46.28 -2.62
C LYS H 86 14.80 -46.08 -2.29
N SER H 87 13.89 -46.73 -3.03
CA SER H 87 12.47 -46.44 -2.90
C SER H 87 11.84 -47.16 -1.72
N SER H 88 12.14 -48.46 -1.53
CA SER H 88 11.66 -49.20 -0.38
C SER H 88 12.52 -49.00 0.86
N SER H 89 13.63 -48.27 0.76
CA SER H 89 14.58 -48.04 1.87
C SER H 89 15.15 -49.35 2.41
N THR H 90 15.54 -50.26 1.50
CA THR H 90 16.08 -51.53 1.96
C THR H 90 17.40 -51.82 1.26
N ALA H 91 18.30 -52.48 1.99
CA ALA H 91 19.55 -52.99 1.47
C ALA H 91 19.51 -54.51 1.47
N TYR H 92 20.15 -55.11 0.48
CA TYR H 92 20.14 -56.54 0.26
C TYR H 92 21.56 -57.07 0.25
N MET H 93 21.73 -58.28 0.78
CA MET H 93 22.97 -59.02 0.62
C MET H 93 22.62 -60.37 0.03
N GLN H 94 23.29 -60.74 -1.06
CA GLN H 94 23.11 -62.03 -1.69
C GLN H 94 24.44 -62.78 -1.58
N LEU H 95 24.38 -63.99 -1.05
CA LEU H 95 25.52 -64.89 -0.93
C LEU H 95 25.32 -66.03 -1.90
N SER H 96 26.32 -66.29 -2.74
CA SER H 96 26.21 -67.28 -3.80
C SER H 96 27.20 -68.40 -3.55
N SER H 97 26.96 -69.54 -4.22
CA SER H 97 27.86 -70.69 -4.17
C SER H 97 28.07 -71.20 -2.73
N LEU H 98 26.95 -71.35 -1.99
CA LEU H 98 27.01 -71.63 -0.56
C LEU H 98 27.71 -72.96 -0.25
N THR H 99 28.58 -72.93 0.76
CA THR H 99 29.21 -74.09 1.39
C THR H 99 28.68 -74.21 2.82
N SER H 100 29.14 -75.23 3.55
CA SER H 100 28.85 -75.31 4.98
C SER H 100 29.54 -74.19 5.76
N GLU H 101 30.68 -73.72 5.27
CA GLU H 101 31.48 -72.68 5.92
C GLU H 101 30.77 -71.35 5.97
N ASP H 102 29.54 -71.24 5.49
CA ASP H 102 28.81 -69.99 5.49
C ASP H 102 27.67 -69.97 6.50
N SER H 103 27.43 -71.06 7.20
CA SER H 103 26.42 -71.03 8.26
C SER H 103 26.84 -70.04 9.35
N ALA H 104 25.98 -69.07 9.61
CA ALA H 104 26.29 -67.98 10.54
C ALA H 104 25.06 -67.10 10.70
N VAL H 105 25.11 -66.24 11.71
CA VAL H 105 24.19 -65.12 11.79
C VAL H 105 24.81 -63.93 11.06
N TYR H 106 24.03 -63.32 10.18
CA TYR H 106 24.47 -62.18 9.39
C TYR H 106 23.75 -60.93 9.90
N PHE H 107 24.53 -59.85 10.07
CA PHE H 107 24.02 -58.60 10.59
C PHE H 107 24.20 -57.51 9.56
N CYS H 108 23.25 -56.59 9.48
CA CYS H 108 23.45 -55.32 8.81
C CYS H 108 23.49 -54.24 9.87
N ALA H 109 24.29 -53.19 9.64
CA ALA H 109 24.32 -52.09 10.58
C ALA H 109 24.60 -50.77 9.85
N ARG H 110 24.18 -49.69 10.49
CA ARG H 110 24.31 -48.36 9.92
C ARG H 110 25.57 -47.72 10.45
N TYR H 111 26.42 -47.24 9.54
CA TYR H 111 27.56 -46.44 9.91
C TYR H 111 27.09 -45.02 10.13
N GLY H 112 26.97 -44.61 11.38
CA GLY H 112 26.61 -43.24 11.64
C GLY H 112 27.77 -42.35 11.26
N ASN H 113 27.50 -41.11 10.94
CA ASN H 113 28.54 -40.22 10.43
C ASN H 113 29.06 -39.41 11.60
N TYR H 114 29.21 -38.09 11.49
CA TYR H 114 29.60 -37.31 12.63
C TYR H 114 28.44 -37.45 13.63
N PRO H 115 28.73 -37.59 14.92
CA PRO H 115 30.06 -37.58 15.52
C PRO H 115 30.70 -38.94 15.82
N SER H 116 29.93 -40.02 15.93
CA SER H 116 30.47 -41.30 16.36
C SER H 116 30.71 -42.16 15.14
N TYR H 117 31.84 -42.01 14.49
CA TYR H 117 32.06 -42.69 13.21
C TYR H 117 31.97 -44.22 13.36
N ALA H 118 31.03 -44.69 14.17
CA ALA H 118 30.83 -46.08 14.56
C ALA H 118 29.55 -46.64 13.96
N MET H 119 29.33 -47.93 14.25
CA MET H 119 28.06 -48.63 13.95
C MET H 119 27.05 -48.19 14.99
N ASP H 120 26.27 -47.18 14.61
CA ASP H 120 25.26 -46.54 15.45
C ASP H 120 24.18 -47.52 15.89
N TYR H 121 23.66 -48.28 14.93
CA TYR H 121 22.43 -49.04 15.03
C TYR H 121 22.60 -50.34 14.27
N TRP H 122 22.14 -51.44 14.85
CA TRP H 122 22.30 -52.76 14.26
C TRP H 122 20.93 -53.37 14.00
N GLY H 123 20.84 -54.17 12.94
CA GLY H 123 19.68 -55.02 12.75
C GLY H 123 19.68 -56.16 13.74
N GLN H 124 18.57 -56.90 13.80
CA GLN H 124 18.49 -57.96 14.82
C GLN H 124 19.14 -59.26 14.37
N GLY H 125 19.62 -59.33 13.14
CA GLY H 125 20.34 -60.53 12.71
C GLY H 125 19.49 -61.48 11.91
N THR H 126 20.11 -62.14 10.93
CA THR H 126 19.44 -63.15 10.11
C THR H 126 20.29 -64.41 10.13
N SER H 127 19.76 -65.50 10.66
CA SER H 127 20.53 -66.74 10.75
C SER H 127 20.29 -67.57 9.50
N VAL H 128 21.37 -67.87 8.77
CA VAL H 128 21.27 -68.71 7.57
C VAL H 128 22.10 -69.96 7.79
N THR H 129 21.49 -71.11 7.60
CA THR H 129 22.13 -72.39 7.84
C THR H 129 22.04 -73.28 6.61
N VAL H 130 23.11 -74.03 6.34
CA VAL H 130 23.20 -74.90 5.16
C VAL H 130 23.55 -76.31 5.64
N SER H 131 22.51 -77.12 5.96
CA SER H 131 22.76 -78.45 6.53
C SER H 131 22.82 -79.60 5.52
N SER H 132 22.43 -80.80 5.98
CA SER H 132 22.56 -82.04 5.20
C SER H 132 21.27 -82.88 5.28
N ASP I 1 43.64 -55.19 5.59
CA ASP I 1 44.84 -54.45 6.01
C ASP I 1 45.08 -54.38 7.53
N ILE I 2 44.31 -53.58 8.28
CA ILE I 2 44.54 -53.46 9.72
C ILE I 2 43.78 -54.55 10.45
N VAL I 3 44.47 -55.19 11.39
CA VAL I 3 43.95 -56.33 12.11
C VAL I 3 43.88 -56.03 13.60
N MET I 4 42.79 -56.45 14.23
CA MET I 4 42.63 -56.26 15.67
C MET I 4 42.95 -57.54 16.40
N THR I 5 43.68 -57.41 17.49
CA THR I 5 43.96 -58.52 18.38
C THR I 5 43.39 -58.17 19.74
N GLN I 6 42.54 -59.05 20.27
CA GLN I 6 41.89 -58.82 21.55
C GLN I 6 42.40 -59.81 22.59
N SER I 7 42.48 -59.34 23.83
CA SER I 7 42.90 -60.13 24.96
C SER I 7 42.28 -59.62 26.25
N PRO I 8 41.89 -60.51 27.16
CA PRO I 8 41.91 -61.97 27.00
C PRO I 8 40.75 -62.51 26.18
N ALA I 9 40.70 -63.83 26.02
CA ALA I 9 39.58 -64.47 25.33
C ALA I 9 38.37 -64.58 26.23
N SER I 10 38.57 -64.99 27.48
CA SER I 10 37.53 -65.13 28.46
C SER I 10 38.05 -64.58 29.77
N LEU I 11 37.14 -64.15 30.62
CA LEU I 11 37.53 -63.46 31.84
C LEU I 11 36.42 -63.66 32.87
N THR I 12 36.76 -64.10 34.07
CA THR I 12 35.80 -64.24 35.16
C THR I 12 36.23 -63.38 36.33
N VAL I 13 35.30 -62.60 36.87
CA VAL I 13 35.58 -61.55 37.83
C VAL I 13 34.53 -61.58 38.94
N SER I 14 34.92 -61.24 40.15
CA SER I 14 33.95 -61.17 41.23
C SER I 14 33.21 -59.85 41.19
N LEU I 15 31.99 -59.86 41.72
CA LEU I 15 31.23 -58.62 41.84
C LEU I 15 32.06 -57.50 42.46
N GLY I 16 32.01 -56.35 41.82
CA GLY I 16 32.61 -55.14 42.36
C GLY I 16 34.10 -54.97 42.16
N GLN I 17 34.84 -56.00 41.73
CA GLN I 17 36.24 -55.78 41.39
C GLN I 17 36.30 -55.31 39.93
N ARG I 18 37.49 -55.32 39.32
CA ARG I 18 37.72 -54.68 38.03
C ARG I 18 38.00 -55.70 36.93
N ALA I 19 37.48 -55.43 35.74
CA ALA I 19 37.76 -56.21 34.54
C ALA I 19 38.47 -55.31 33.54
N THR I 20 39.53 -55.82 32.92
CA THR I 20 40.29 -55.05 31.95
C THR I 20 40.41 -55.86 30.67
N ILE I 21 40.00 -55.28 29.55
CA ILE I 21 40.08 -55.90 28.23
C ILE I 21 41.00 -55.06 27.34
N SER I 22 41.92 -55.72 26.66
CA SER I 22 42.87 -55.04 25.78
C SER I 22 42.61 -55.37 24.31
N CYS I 23 42.94 -54.39 23.48
CA CYS I 23 42.81 -54.46 22.03
C CYS I 23 44.08 -53.86 21.44
N ARG I 24 44.68 -54.53 20.46
CA ARG I 24 45.87 -54.03 19.77
C ARG I 24 45.66 -54.05 18.27
N ALA I 25 45.99 -52.95 17.60
CA ALA I 25 45.85 -52.84 16.16
C ALA I 25 47.20 -53.01 15.47
N SER I 26 47.20 -53.74 14.35
CA SER I 26 48.46 -54.06 13.68
C SER I 26 49.17 -52.82 13.17
N LYS I 27 48.41 -51.80 12.79
CA LYS I 27 48.91 -50.50 12.38
C LYS I 27 48.19 -49.43 13.22
N SER I 28 48.74 -48.23 13.29
CA SER I 28 48.11 -47.19 14.09
C SER I 28 46.74 -46.80 13.52
N VAL I 29 45.80 -46.50 14.43
CA VAL I 29 44.46 -46.07 14.05
C VAL I 29 44.21 -44.61 14.42
N SER I 30 45.27 -43.79 14.45
CA SER I 30 45.14 -42.37 14.80
C SER I 30 45.23 -41.51 13.54
N ALA I 31 44.34 -40.52 13.48
CA ALA I 31 44.35 -39.54 12.40
C ALA I 31 43.52 -38.35 12.83
N SER I 32 43.91 -37.18 12.33
CA SER I 32 43.07 -35.98 12.44
C SER I 32 42.63 -35.70 13.87
N GLY I 33 43.39 -36.17 14.85
CA GLY I 33 43.08 -35.94 16.25
C GLY I 33 42.12 -36.93 16.87
N TYR I 34 41.78 -38.01 16.16
CA TYR I 34 40.89 -39.05 16.62
C TYR I 34 41.63 -40.38 16.69
N ASN I 35 41.07 -41.30 17.46
CA ASN I 35 41.48 -42.70 17.43
C ASN I 35 40.26 -43.50 16.98
N TYR I 36 40.32 -44.09 15.79
CA TYR I 36 39.14 -44.74 15.21
C TYR I 36 39.03 -46.16 15.74
N LEU I 37 38.69 -46.24 17.01
CA LEU I 37 38.50 -47.50 17.71
C LEU I 37 37.21 -47.43 18.49
N HIS I 38 36.35 -48.44 18.31
CA HIS I 38 35.05 -48.48 18.98
C HIS I 38 34.88 -49.80 19.72
N TRP I 39 34.09 -49.77 20.79
CA TRP I 39 33.82 -50.92 21.65
C TRP I 39 32.34 -51.25 21.59
N TYR I 40 32.03 -52.53 21.42
CA TYR I 40 30.65 -53.02 21.40
C TYR I 40 30.44 -54.09 22.46
N GLN I 41 29.24 -54.09 23.05
CA GLN I 41 28.82 -55.13 23.97
C GLN I 41 27.76 -55.99 23.28
N GLN I 42 27.82 -57.31 23.48
CA GLN I 42 26.85 -58.19 22.83
C GLN I 42 26.42 -59.27 23.81
N ARG I 43 25.12 -59.25 24.20
CA ARG I 43 24.50 -60.30 24.99
C ARG I 43 23.98 -61.40 24.08
N PRO I 44 23.76 -62.60 24.62
CA PRO I 44 23.40 -63.74 23.75
C PRO I 44 22.04 -63.53 23.08
N GLY I 45 21.98 -63.91 21.81
CA GLY I 45 20.76 -63.81 21.02
C GLY I 45 20.37 -62.40 20.65
N GLN I 46 21.09 -61.42 21.14
CA GLN I 46 20.91 -60.03 20.81
C GLN I 46 21.99 -59.62 19.81
N PRO I 47 21.81 -58.49 19.12
CA PRO I 47 22.88 -57.99 18.25
C PRO I 47 23.91 -57.21 19.06
N PRO I 48 25.05 -56.90 18.47
CA PRO I 48 26.01 -56.01 19.15
C PRO I 48 25.40 -54.64 19.41
N LYS I 49 25.91 -53.99 20.44
CA LYS I 49 25.46 -52.65 20.82
C LYS I 49 26.69 -51.76 21.01
N LEU I 50 26.64 -50.56 20.44
CA LEU I 50 27.73 -49.61 20.61
C LEU I 50 27.85 -49.23 22.07
N LEU I 51 29.06 -49.33 22.60
CA LEU I 51 29.36 -49.02 23.99
C LEU I 51 30.20 -47.76 24.09
N ILE I 52 31.38 -47.76 23.45
CA ILE I 52 32.28 -46.62 23.42
C ILE I 52 32.68 -46.37 21.98
N TYR I 53 32.74 -45.10 21.58
CA TYR I 53 33.11 -44.74 20.22
C TYR I 53 34.28 -43.75 20.24
N LEU I 54 35.13 -43.87 19.21
CA LEU I 54 36.33 -43.04 19.08
C LEU I 54 37.19 -43.10 20.33
N ALA I 55 37.47 -44.33 20.78
CA ALA I 55 38.42 -44.70 21.82
C ALA I 55 37.89 -44.47 23.23
N PHE I 56 37.21 -43.35 23.47
CA PHE I 56 36.89 -43.06 24.86
C PHE I 56 35.56 -42.36 25.11
N ASN I 57 34.68 -42.17 24.12
CA ASN I 57 33.43 -41.46 24.34
C ASN I 57 32.34 -42.45 24.65
N LEU I 58 31.71 -42.29 25.83
CA LEU I 58 30.62 -43.18 26.22
C LEU I 58 29.36 -42.85 25.44
N GLU I 59 28.73 -43.87 24.85
CA GLU I 59 27.45 -43.65 24.17
C GLU I 59 26.39 -43.30 25.21
N SER I 60 25.37 -42.56 24.79
CA SER I 60 24.39 -42.09 25.75
C SER I 60 23.76 -43.25 26.52
N GLY I 61 23.61 -43.06 27.84
CA GLY I 61 22.96 -44.05 28.65
C GLY I 61 23.84 -45.16 29.18
N VAL I 62 25.12 -45.14 28.91
CA VAL I 62 26.06 -46.17 29.37
C VAL I 62 26.75 -45.64 30.62
N PRO I 63 26.83 -46.41 31.71
CA PRO I 63 27.31 -45.88 32.98
C PRO I 63 28.79 -45.53 32.93
N ALA I 64 29.18 -44.65 33.86
CA ALA I 64 30.56 -44.18 33.89
C ALA I 64 31.55 -45.22 34.41
N ARG I 65 31.08 -46.39 34.88
CA ARG I 65 32.04 -47.42 35.25
C ARG I 65 32.79 -47.98 34.04
N PHE I 66 32.25 -47.80 32.82
CA PHE I 66 33.01 -48.08 31.60
C PHE I 66 33.91 -46.89 31.28
N ASN I 67 35.23 -47.14 31.19
CA ASN I 67 36.26 -46.17 30.85
C ASN I 67 37.06 -46.81 29.74
N GLY I 68 37.06 -46.20 28.57
CA GLY I 68 37.84 -46.63 27.42
C GLY I 68 38.99 -45.65 27.22
N SER I 69 40.14 -46.17 26.85
CA SER I 69 41.33 -45.34 26.80
C SER I 69 42.37 -46.01 25.92
N GLY I 70 43.38 -45.22 25.56
CA GLY I 70 44.44 -45.65 24.68
C GLY I 70 44.58 -44.72 23.49
N SER I 71 45.63 -44.98 22.71
CA SER I 71 45.82 -44.27 21.45
C SER I 71 46.83 -45.03 20.58
N GLY I 72 46.75 -44.75 19.28
CA GLY I 72 47.70 -45.29 18.33
C GLY I 72 47.46 -46.76 18.01
N THR I 73 48.02 -47.68 18.79
CA THR I 73 47.85 -49.10 18.50
C THR I 73 47.31 -49.91 19.67
N ASP I 74 47.35 -49.40 20.89
CA ASP I 74 47.02 -50.17 22.08
C ASP I 74 45.92 -49.46 22.85
N PHE I 75 44.82 -50.18 23.10
CA PHE I 75 43.62 -49.64 23.71
C PHE I 75 43.09 -50.54 24.82
N THR I 76 42.37 -49.92 25.75
CA THR I 76 41.84 -50.68 26.86
C THR I 76 40.41 -50.25 27.18
N LEU I 77 39.54 -51.25 27.41
CA LEU I 77 38.24 -51.06 28.02
C LEU I 77 38.30 -51.55 29.45
N ASN I 78 37.99 -50.68 30.41
CA ASN I 78 37.92 -51.04 31.82
C ASN I 78 36.50 -50.92 32.34
N ILE I 79 36.07 -51.91 33.10
CA ILE I 79 34.79 -51.89 33.79
C ILE I 79 35.07 -51.97 35.29
N HIS I 80 34.75 -50.90 36.01
CA HIS I 80 34.96 -50.88 37.45
C HIS I 80 34.03 -49.87 38.15
N PRO I 81 33.21 -50.34 39.11
CA PRO I 81 33.18 -51.74 39.56
C PRO I 81 32.18 -52.55 38.78
N VAL I 82 32.50 -53.82 38.60
CA VAL I 82 31.74 -54.68 37.72
C VAL I 82 30.44 -55.07 38.42
N GLU I 83 29.33 -55.05 37.68
CA GLU I 83 28.03 -55.49 38.18
C GLU I 83 27.51 -56.62 37.31
N GLU I 84 26.50 -57.35 37.84
CA GLU I 84 26.08 -58.57 37.14
C GLU I 84 25.55 -58.27 35.75
N GLU I 85 24.91 -57.13 35.54
CA GLU I 85 24.39 -56.87 34.20
C GLU I 85 25.50 -56.68 33.14
N ASP I 86 26.77 -56.72 33.53
CA ASP I 86 27.89 -56.47 32.63
C ASP I 86 28.43 -57.76 32.01
N ALA I 87 27.89 -58.92 32.36
CA ALA I 87 28.28 -60.17 31.72
C ALA I 87 27.84 -60.14 30.27
N ALA I 88 28.81 -60.09 29.37
CA ALA I 88 28.55 -59.97 27.95
C ALA I 88 29.78 -60.46 27.21
N THR I 89 29.75 -60.32 25.91
CA THR I 89 30.95 -60.42 25.11
C THR I 89 31.23 -59.05 24.53
N TYR I 90 32.50 -58.64 24.60
CA TYR I 90 32.93 -57.31 24.22
C TYR I 90 33.81 -57.40 22.99
N TYR I 91 33.59 -56.47 22.05
CA TYR I 91 34.34 -56.45 20.80
C TYR I 91 34.87 -55.06 20.53
N CYS I 92 36.09 -55.00 20.01
CA CYS I 92 36.62 -53.77 19.47
C CYS I 92 36.62 -53.83 17.95
N GLN I 93 36.42 -52.67 17.34
CA GLN I 93 36.45 -52.54 15.90
C GLN I 93 37.15 -51.23 15.58
N HIS I 94 37.90 -51.21 14.48
CA HIS I 94 38.48 -49.97 14.02
C HIS I 94 37.73 -49.47 12.79
N SER I 95 37.81 -48.15 12.58
CA SER I 95 37.24 -47.53 11.38
C SER I 95 38.22 -46.53 10.79
N ARG I 96 39.52 -46.82 10.89
CA ARG I 96 40.56 -45.94 10.38
C ARG I 96 40.64 -45.96 8.87
N ASP I 97 40.42 -47.12 8.27
CA ASP I 97 40.70 -47.40 6.87
C ASP I 97 39.93 -48.64 6.46
N LEU I 98 39.49 -48.69 5.21
CA LEU I 98 38.79 -49.92 4.73
C LEU I 98 39.83 -50.93 4.28
N PRO I 99 39.57 -52.22 4.55
CA PRO I 99 38.40 -52.76 5.25
C PRO I 99 38.46 -52.67 6.77
N PHE I 100 37.30 -52.42 7.37
CA PHE I 100 37.16 -52.43 8.83
C PHE I 100 37.36 -53.85 9.36
N THR I 101 37.82 -53.96 10.60
CA THR I 101 37.89 -55.28 11.25
C THR I 101 37.50 -55.18 12.72
N PHE I 102 37.05 -56.30 13.24
CA PHE I 102 36.74 -56.43 14.66
C PHE I 102 37.81 -57.29 15.35
N GLY I 103 37.76 -57.29 16.68
CA GLY I 103 38.58 -58.18 17.48
C GLY I 103 37.96 -59.56 17.62
N SER I 104 38.74 -60.46 18.24
CA SER I 104 38.27 -61.82 18.51
C SER I 104 37.07 -61.82 19.45
N GLY I 105 36.98 -60.84 20.33
CA GLY I 105 35.96 -60.78 21.36
C GLY I 105 36.45 -61.31 22.69
N THR I 106 35.90 -60.76 23.77
CA THR I 106 36.23 -61.12 25.14
C THR I 106 34.95 -61.38 25.91
N LYS I 107 34.76 -62.60 26.38
CA LYS I 107 33.58 -62.99 27.13
C LYS I 107 33.85 -62.74 28.61
N LEU I 108 33.05 -61.87 29.23
CA LEU I 108 33.14 -61.54 30.66
C LEU I 108 32.06 -62.24 31.49
N GLU I 109 32.47 -62.93 32.56
CA GLU I 109 31.56 -63.58 33.50
C GLU I 109 31.76 -63.05 34.91
N ILE I 110 30.71 -63.13 35.75
CA ILE I 110 30.78 -62.77 37.16
C ILE I 110 30.72 -64.03 38.01
N LYS I 111 31.52 -64.09 39.07
CA LYS I 111 31.66 -65.33 39.87
C LYS I 111 30.42 -65.60 40.74
C1 NAG J . -13.57 36.25 -19.26
C2 NAG J . -14.93 36.90 -19.41
C3 NAG J . -15.61 37.06 -18.06
C4 NAG J . -15.57 35.76 -17.27
C5 NAG J . -14.17 35.17 -17.28
C6 NAG J . -14.09 33.80 -16.65
C7 NAG J . -15.08 38.37 -21.37
C8 NAG J . -14.89 39.76 -21.88
N2 NAG J . -14.81 38.19 -20.08
O3 NAG J . -16.96 37.44 -18.32
O4 NAG J . -15.92 35.96 -15.91
O5 NAG J . -13.71 35.03 -18.62
O6 NAG J . -13.07 33.72 -15.67
O7 NAG J . -15.47 37.44 -22.10
C1 NAG J . -17.32 35.98 -15.63
C2 NAG J . -17.48 35.72 -14.16
C3 NAG J . -18.93 35.91 -13.78
C4 NAG J . -19.39 37.32 -14.11
C5 NAG J . -19.01 37.74 -15.53
C6 NAG J . -18.83 39.24 -15.61
C7 NAG J . -15.82 34.09 -13.32
C8 NAG J . -15.58 32.66 -13.03
N2 NAG J . -17.04 34.38 -13.80
O3 NAG J . -19.07 35.73 -12.38
O4 NAG J . -20.81 37.34 -14.01
O5 NAG J . -17.72 37.24 -15.93
O6 NAG J . -20.01 39.86 -16.09
O7 NAG J . -14.95 34.95 -13.15
C1 BMA J . -21.24 38.08 -12.86
C2 BMA J . -22.76 38.15 -13.02
C3 BMA J . -23.37 38.84 -11.81
C4 BMA J . -22.88 38.26 -10.46
C5 BMA J . -21.35 38.09 -10.34
C6 BMA J . -20.93 37.24 -9.03
O2 BMA J . -23.29 36.88 -13.10
O3 BMA J . -24.75 38.72 -11.86
O4 BMA J . -23.29 39.13 -9.46
O5 BMA J . -20.83 37.48 -11.59
O6 BMA J . -19.58 37.65 -8.36
C1 MAN J . -25.46 39.73 -12.58
C2 MAN J . -26.13 40.46 -11.49
C3 MAN J . -27.63 40.08 -11.54
C4 MAN J . -28.20 40.56 -12.88
C5 MAN J . -27.37 40.07 -14.05
C6 MAN J . -26.61 41.22 -14.74
O2 MAN J . -25.94 41.87 -11.77
O3 MAN J . -28.46 40.53 -10.38
O4 MAN J . -29.50 40.11 -13.05
O5 MAN J . -26.41 39.19 -13.54
O6 MAN J . -26.79 41.15 -16.07
C1 MAN J . -28.04 41.84 -9.90
C2 MAN J . -27.85 41.90 -8.33
C3 MAN J . -27.43 43.36 -7.98
C4 MAN J . -26.98 44.11 -9.29
C5 MAN J . -28.22 44.17 -10.30
C6 MAN J . -27.86 44.48 -11.76
O2 MAN J . -26.81 41.04 -7.88
O3 MAN J . -26.40 43.43 -6.99
O4 MAN J . -26.44 45.41 -8.97
O5 MAN J . -28.95 42.89 -10.27
O6 MAN J . -29.09 44.45 -12.50
C1 MAN J . -18.49 36.74 -8.71
C2 MAN J . -18.71 35.42 -7.91
C3 MAN J . -17.50 34.57 -7.99
C4 MAN J . -16.63 35.00 -9.25
C5 MAN J . -15.98 36.39 -9.03
C6 MAN J . -15.17 36.93 -10.34
O2 MAN J . -19.67 34.66 -8.49
O3 MAN J . -17.77 33.12 -8.05
O4 MAN J . -15.61 34.05 -9.49
O5 MAN J . -17.11 37.28 -8.53
O6 MAN J . -14.21 38.07 -10.17
C1 MAN J . -18.48 32.32 -7.05
C2 MAN J . -17.87 32.10 -5.63
C3 MAN J . -16.38 31.87 -5.73
C4 MAN J . -16.01 30.80 -6.77
C5 MAN J . -17.01 30.74 -8.01
C6 MAN J . -17.01 29.39 -8.68
O2 MAN J . -18.39 30.89 -4.94
O3 MAN J . -15.85 31.48 -4.49
O4 MAN J . -14.71 31.11 -7.23
O5 MAN J . -18.41 31.09 -7.63
O6 MAN J . -16.07 29.55 -9.72
C1 NAG K . -6.51 9.92 -35.58
C2 NAG K . -6.71 9.58 -37.05
C3 NAG K . -7.81 8.53 -37.22
C4 NAG K . -7.56 7.32 -36.34
C5 NAG K . -7.46 7.82 -34.91
C6 NAG K . -7.34 6.72 -33.86
C7 NAG K . -6.13 11.53 -38.46
C8 NAG K . -6.65 12.76 -39.14
N2 NAG K . -7.03 10.80 -37.79
O3 NAG K . -7.88 8.16 -38.59
O4 NAG K . -8.62 6.38 -36.34
O5 NAG K . -6.33 8.70 -34.81
O6 NAG K . -6.03 6.20 -33.69
O7 NAG K . -4.92 11.20 -38.53
C1 NAG K . -8.72 5.54 -37.50
C2 NAG K . -9.15 4.15 -37.06
C3 NAG K . -9.35 3.24 -38.25
C4 NAG K . -10.26 3.89 -39.28
C5 NAG K . -9.73 5.27 -39.63
C6 NAG K . -10.62 6.01 -40.61
C7 NAG K . -8.44 3.34 -34.86
C8 NAG K . -7.32 2.73 -34.07
N2 NAG K . -8.17 3.56 -36.15
O3 NAG K . -9.90 2.01 -37.77
O4 NAG K . -10.26 3.11 -40.46
O5 NAG K . -9.65 6.06 -38.44
O6 NAG K . -10.37 7.41 -40.61
O7 NAG K . -9.51 3.65 -34.37
C1 BMA K . -11.16 2.02 -40.41
C2 BMA K . -11.98 2.31 -41.57
C3 BMA K . -12.90 1.19 -41.84
C4 BMA K . -12.20 -0.24 -41.73
C5 BMA K . -11.17 -0.34 -40.62
C6 BMA K . -10.21 -1.52 -40.86
O2 BMA K . -11.14 2.38 -42.73
O3 BMA K . -13.30 1.41 -43.16
O4 BMA K . -13.15 -1.25 -41.49
O5 BMA K . -10.42 0.84 -40.56
O6 BMA K . -10.14 -1.81 -42.30
C1 MAN K . -14.71 1.35 -43.29
C2 MAN K . -14.88 0.23 -44.34
C3 MAN K . -14.34 0.77 -45.65
C4 MAN K . -15.15 2.05 -46.05
C5 MAN K . -14.92 3.15 -45.00
C6 MAN K . -15.77 4.38 -45.27
O2 MAN K . -16.26 -0.15 -44.58
O3 MAN K . -14.37 -0.24 -46.63
O4 MAN K . -14.76 2.59 -47.33
O5 MAN K . -15.26 2.63 -43.67
O6 MAN K . -15.70 5.20 -44.12
C1 NAG L . -28.59 21.45 -16.01
C2 NAG L . -29.21 20.09 -16.02
C3 NAG L . -30.72 20.22 -16.12
C4 NAG L . -31.28 21.00 -14.94
C5 NAG L . -30.51 22.30 -14.63
C6 NAG L . -30.65 22.69 -13.17
C7 NAG L . -27.97 18.17 -16.90
C8 NAG L . -27.57 17.41 -18.12
N2 NAG L . -28.72 19.26 -17.11
O3 NAG L . -31.26 18.90 -16.14
O4 NAG L . -32.63 21.34 -15.22
O5 NAG L . -29.08 22.18 -14.86
O6 NAG L . -30.78 24.09 -12.95
O7 NAG L . -27.61 17.85 -15.78
C1 NAG L . -33.57 20.58 -14.44
C2 NAG L . -34.80 21.45 -14.20
C3 NAG L . -35.80 20.69 -13.33
C4 NAG L . -36.14 19.35 -13.95
C5 NAG L . -34.87 18.55 -14.28
C6 NAG L . -35.14 17.28 -15.04
C7 NAG L . -34.34 23.87 -14.26
C8 NAG L . -34.56 23.80 -15.74
N2 NAG L . -34.45 22.71 -13.58
O3 NAG L . -36.96 21.49 -13.16
O4 NAG L . -36.96 18.54 -13.10
O5 NAG L . -33.97 19.34 -15.08
O6 NAG L . -34.25 17.15 -16.14
O7 NAG L . -34.05 24.93 -13.70
C1 NAG M . -3.41 38.27 -11.68
C2 NAG M . -3.73 39.15 -10.51
C3 NAG M . -4.49 40.37 -10.99
C4 NAG M . -3.74 41.18 -12.04
C5 NAG M . -2.87 40.41 -13.07
C6 NAG M . -1.52 41.11 -13.26
C7 NAG M . -4.01 37.83 -8.43
C8 NAG M . -5.01 37.23 -7.49
N2 NAG M . -4.53 38.45 -9.50
O3 NAG M . -4.67 41.21 -9.85
O4 NAG M . -4.70 41.97 -12.73
O5 NAG M . -2.58 39.04 -12.70
O6 NAG M . -0.96 41.24 -14.57
O7 NAG M . -2.80 37.72 -8.26
C1 NAG M . -4.16 43.31 -12.80
C2 NAG M . -4.92 44.10 -13.85
C3 NAG M . -4.31 45.49 -13.97
C4 NAG M . -4.33 46.18 -12.61
C5 NAG M . -3.70 45.29 -11.52
C6 NAG M . -3.90 45.85 -10.14
C7 NAG M . -6.05 42.97 -15.72
C8 NAG M . -7.32 43.18 -14.95
N2 NAG M . -4.93 43.42 -15.14
O3 NAG M . -5.02 46.23 -14.95
O4 NAG M . -3.61 47.40 -12.66
O5 NAG M . -4.28 43.98 -11.53
O6 NAG M . -3.66 44.86 -9.14
O7 NAG M . -6.03 42.41 -16.81
C1 NAG N . 16.27 29.34 -20.05
C2 NAG N . 16.39 28.34 -18.91
C3 NAG N . 16.05 29.00 -17.58
C4 NAG N . 16.86 30.27 -17.39
C5 NAG N . 16.71 31.19 -18.59
C6 NAG N . 17.53 32.47 -18.51
C7 NAG N . 15.99 26.04 -19.65
C8 NAG N . 14.97 24.98 -19.86
N2 NAG N . 15.54 27.20 -19.15
O3 NAG N . 16.31 28.10 -16.52
O4 NAG N . 16.32 30.94 -16.26
O5 NAG N . 17.08 30.49 -19.77
O6 NAG N . 18.94 32.32 -18.31
O7 NAG N . 17.18 25.86 -19.91
C1 NAG N . 17.27 30.97 -15.21
C2 NAG N . 16.75 32.13 -14.42
C3 NAG N . 17.53 32.30 -13.13
C4 NAG N . 17.75 30.97 -12.40
C5 NAG N . 18.13 29.86 -13.36
C6 NAG N . 18.08 28.50 -12.71
C7 NAG N . 15.76 34.15 -15.39
C8 NAG N . 15.97 35.34 -16.28
N2 NAG N . 16.80 33.33 -15.23
O3 NAG N . 16.74 33.17 -12.31
O4 NAG N . 18.79 31.08 -11.44
O5 NAG N . 17.22 29.82 -14.45
O6 NAG N . 17.10 27.67 -13.32
O7 NAG N . 14.69 33.96 -14.81
C1 BMA N . 18.19 31.36 -10.14
C2 BMA N . 18.60 30.19 -9.17
C3 BMA N . 18.51 30.57 -7.65
C4 BMA N . 18.57 32.15 -7.34
C5 BMA N . 17.79 32.91 -8.44
C6 BMA N . 17.41 34.45 -8.20
O2 BMA N . 19.89 29.72 -9.42
O3 BMA N . 19.43 29.75 -6.89
O4 BMA N . 18.01 32.47 -6.08
O5 BMA N . 18.53 32.68 -9.62
O6 BMA N . 18.50 35.34 -8.44
C1 NAG O . 24.56 -34.73 0.31
C2 NAG O . 24.29 -35.79 1.37
C3 NAG O . 23.71 -35.15 2.63
C4 NAG O . 24.52 -33.93 3.08
C5 NAG O . 24.77 -33.00 1.89
C6 NAG O . 25.68 -31.85 2.24
C7 NAG O . 23.71 -37.95 0.36
C8 NAG O . 22.59 -38.83 -0.10
N2 NAG O . 23.35 -36.77 0.87
O3 NAG O . 23.66 -36.15 3.65
O4 NAG O . 23.79 -33.15 4.02
O5 NAG O . 25.40 -33.73 0.83
O6 NAG O . 25.31 -30.70 1.49
O7 NAG O . 24.89 -38.27 0.24
C1 NAG O . 23.90 -33.57 5.38
C2 NAG O . 23.53 -32.38 6.22
C3 NAG O . 23.51 -32.77 7.68
C4 NAG O . 22.51 -33.89 7.92
C5 NAG O . 22.69 -35.05 6.94
C6 NAG O . 21.44 -35.87 6.84
C7 NAG O . 24.22 -30.27 5.18
C8 NAG O . 25.29 -29.23 5.10
N2 NAG O . 24.47 -31.28 6.01
O3 NAG O . 23.06 -31.64 8.41
O4 NAG O . 22.67 -34.42 9.21
O5 NAG O . 22.99 -34.60 5.60
O6 NAG O . 21.73 -37.24 7.00
O7 NAG O . 23.18 -30.19 4.53
C1 BMA O . 21.51 -34.28 10.03
C2 BMA O . 21.78 -35.15 11.22
C3 BMA O . 20.75 -34.92 12.26
C4 BMA O . 20.56 -33.42 12.57
C5 BMA O . 20.34 -32.56 11.31
C6 BMA O . 20.47 -31.05 11.61
O2 BMA O . 22.99 -34.74 11.80
O3 BMA O . 21.13 -35.55 13.45
O4 BMA O . 19.43 -33.28 13.39
O5 BMA O . 21.35 -32.89 10.35
O6 BMA O . 19.59 -30.26 10.76
C1 MAN O . 20.66 -36.89 13.49
C2 MAN O . 19.63 -36.79 14.53
C3 MAN O . 20.19 -37.47 15.81
C4 MAN O . 20.51 -38.97 15.52
C5 MAN O . 21.32 -39.11 14.25
C6 MAN O . 20.52 -39.74 13.11
O2 MAN O . 18.46 -37.49 14.06
O3 MAN O . 19.38 -37.25 17.05
O4 MAN O . 21.19 -39.60 16.63
O5 MAN O . 21.70 -37.82 13.85
O6 MAN O . 21.31 -40.69 12.52
C1 MAN O . 17.90 -37.23 17.04
C2 MAN O . 17.35 -38.63 16.56
C3 MAN O . 15.96 -38.49 15.91
C4 MAN O . 15.16 -37.29 16.54
C5 MAN O . 15.87 -35.95 16.23
C6 MAN O . 15.49 -34.81 17.20
O2 MAN O . 17.26 -39.56 17.64
O3 MAN O . 15.23 -39.70 15.97
O4 MAN O . 13.82 -37.23 16.07
O5 MAN O . 17.33 -36.14 16.23
O6 MAN O . 16.39 -33.69 17.03
C1 MAN O . 20.34 -29.51 9.76
C2 MAN O . 21.17 -28.36 10.49
C3 MAN O . 21.66 -27.36 9.53
C4 MAN O . 21.67 -28.03 8.06
C5 MAN O . 20.24 -28.35 7.55
C6 MAN O . 20.26 -29.21 6.18
O2 MAN O . 22.35 -28.87 11.00
O3 MAN O . 23.06 -26.96 9.93
O4 MAN O . 22.34 -27.19 7.08
O5 MAN O . 19.51 -29.00 8.64
O6 MAN O . 18.97 -29.39 5.52
C1 MAN O . 23.54 -26.09 11.02
C2 MAN O . 23.05 -24.60 11.17
C3 MAN O . 23.00 -23.93 9.79
C4 MAN O . 24.32 -24.12 9.00
C5 MAN O . 25.09 -25.46 9.34
C6 MAN O . 26.57 -25.30 9.09
O2 MAN O . 24.00 -23.75 11.98
O3 MAN O . 22.72 -22.55 9.89
O4 MAN O . 23.99 -24.14 7.58
O5 MAN O . 24.87 -25.93 10.73
O6 MAN O . 26.78 -25.71 7.76
C1 NAG P . 52.94 -27.84 -14.24
C2 NAG P . 54.46 -27.98 -14.30
C3 NAG P . 55.07 -26.60 -14.54
C4 NAG P . 54.47 -25.93 -15.78
C5 NAG P . 52.94 -25.95 -15.71
C6 NAG P . 52.29 -25.44 -16.98
C7 NAG P . 55.08 -29.92 -12.92
C8 NAG P . 55.64 -30.37 -11.59
N2 NAG P . 54.99 -28.59 -13.09
O3 NAG P . 56.49 -26.75 -14.67
O4 NAG P . 54.88 -24.57 -15.89
O5 NAG P . 52.45 -27.27 -15.48
O6 NAG P . 53.06 -25.77 -18.13
O7 NAG P . 54.73 -30.73 -13.77
C1 NAG P . 56.10 -24.37 -16.66
C2 NAG P . 56.11 -23.02 -17.41
C3 NAG P . 57.45 -22.83 -18.14
C4 NAG P . 58.61 -22.98 -17.15
C5 NAG P . 58.53 -24.32 -16.44
C6 NAG P . 59.59 -24.50 -15.38
C7 NAG P . 53.98 -22.05 -18.20
C8 NAG P . 52.92 -22.09 -19.25
N2 NAG P . 55.00 -22.92 -18.34
O3 NAG P . 57.51 -21.55 -18.77
O4 NAG P . 59.85 -22.84 -17.85
O5 NAG P . 57.26 -24.45 -15.78
O6 NAG P . 59.34 -25.63 -14.55
O7 NAG P . 53.94 -21.26 -17.26
C1 NAG Q . 26.22 -17.96 -25.28
C2 NAG Q . 26.56 -16.58 -24.76
C3 NAG Q . 25.44 -16.08 -23.87
C4 NAG Q . 24.11 -16.07 -24.63
C5 NAG Q . 23.83 -17.47 -25.19
C6 NAG Q . 22.57 -17.56 -26.07
C7 NAG Q . 28.99 -16.25 -24.65
C8 NAG Q . 30.21 -16.29 -23.78
N2 NAG Q . 27.83 -16.57 -24.06
O3 NAG Q . 25.75 -14.76 -23.43
O4 NAG Q . 23.09 -15.80 -23.70
O5 NAG Q . 24.95 -17.92 -25.98
O6 NAG Q . 22.25 -16.46 -26.93
O7 NAG Q . 29.05 -15.95 -25.83
C1 NAG Q . 22.39 -14.64 -24.05
C2 NAG Q . 21.08 -14.83 -23.30
C3 NAG Q . 20.20 -13.60 -23.44
C4 NAG Q . 20.98 -12.33 -23.15
C5 NAG Q . 22.30 -12.29 -23.90
C6 NAG Q . 23.16 -11.10 -23.53
C7 NAG Q . 20.04 -17.06 -23.04
C8 NAG Q . 19.35 -18.20 -23.75
N2 NAG Q . 20.37 -16.01 -23.80
O3 NAG Q . 19.14 -13.77 -22.49
O4 NAG Q . 20.29 -11.19 -23.63
O5 NAG Q . 23.04 -13.49 -23.59
O6 NAG Q . 24.34 -11.48 -22.84
O7 NAG Q . 20.29 -17.10 -21.83
C1 BMA Q . 19.56 -10.65 -22.54
C2 BMA Q . 19.79 -9.21 -22.71
C3 BMA Q . 18.95 -8.44 -21.64
C4 BMA Q . 17.47 -8.90 -21.59
C5 BMA Q . 17.29 -10.52 -21.61
C6 BMA Q . 15.85 -11.28 -21.94
O2 BMA Q . 19.37 -8.88 -24.05
O3 BMA Q . 19.05 -6.96 -21.65
O4 BMA Q . 16.88 -8.36 -20.43
O5 BMA Q . 18.17 -11.01 -22.64
O6 BMA Q . 14.56 -10.74 -21.41
C1 MAN Q . 19.70 -6.43 -22.84
C2 MAN Q . 21.23 -6.17 -22.49
C3 MAN Q . 21.46 -4.75 -22.07
C4 MAN Q . 21.07 -3.84 -23.24
C5 MAN Q . 19.53 -3.87 -23.34
C6 MAN Q . 19.00 -3.12 -24.56
O2 MAN Q . 22.02 -6.40 -23.66
O3 MAN Q . 22.80 -4.53 -21.61
O4 MAN Q . 21.52 -2.50 -23.04
O5 MAN Q . 18.99 -5.25 -23.42
O6 MAN Q . 17.64 -3.52 -24.76
C1 MAN Q . 14.37 -9.31 -21.68
C2 MAN Q . 13.38 -8.69 -20.61
C3 MAN Q . 13.40 -7.16 -20.84
C4 MAN Q . 14.47 -6.77 -21.94
C5 MAN Q . 14.10 -7.47 -23.30
C6 MAN Q . 15.17 -7.27 -24.41
O2 MAN Q . 13.85 -8.91 -19.26
O3 MAN Q . 13.63 -6.46 -19.63
O4 MAN Q . 14.64 -5.35 -22.08
O5 MAN Q . 13.88 -8.94 -23.04
O6 MAN Q . 14.57 -7.42 -25.72
C1 NAG R . 38.80 -32.60 16.02
C2 NAG R . 40.16 -32.38 16.62
C3 NAG R . 40.31 -33.28 17.83
C4 NAG R . 39.25 -32.95 18.89
C5 NAG R . 37.82 -32.86 18.33
C6 NAG R . 36.96 -31.93 19.19
C7 NAG R . 42.14 -31.77 15.27
C8 NAG R . 43.14 -32.23 14.27
N2 NAG R . 41.21 -32.66 15.64
O3 NAG R . 41.60 -33.11 18.42
O4 NAG R . 39.30 -33.92 19.94
O5 NAG R . 37.78 -32.29 17.01
O6 NAG R . 35.58 -32.25 19.27
O7 NAG R . 42.17 -30.64 15.73
C1 NAG R . 39.74 -33.42 21.22
C2 NAG R . 38.99 -34.18 22.32
C3 NAG R . 39.50 -33.77 23.69
C4 NAG R . 40.99 -34.04 23.78
C5 NAG R . 41.70 -33.26 22.67
C6 NAG R . 43.17 -33.57 22.59
C7 NAG R . 36.70 -34.92 21.79
C8 NAG R . 37.32 -36.19 21.28
N2 NAG R . 37.55 -33.99 22.23
O3 NAG R . 38.80 -34.51 24.67
O4 NAG R . 41.49 -33.70 25.07
O5 NAG R . 41.15 -33.58 21.39
O6 NAG R . 43.60 -33.54 21.23
O7 NAG R . 35.49 -34.73 21.76
C1 NAG S . 17.97 -25.27 -4.81
C2 NAG S . 16.95 -25.09 -3.74
C3 NAG S . 16.29 -26.42 -3.45
C4 NAG S . 15.68 -27.04 -4.70
C5 NAG S . 16.44 -26.84 -6.03
C6 NAG S . 15.48 -26.67 -7.20
C7 NAG S . 17.59 -23.25 -2.23
C8 NAG S . 18.24 -22.89 -0.93
N2 NAG S . 17.54 -24.56 -2.52
O3 NAG S . 15.26 -26.21 -2.48
O4 NAG S . 15.66 -28.45 -4.49
O5 NAG S . 17.30 -25.68 -6.03
O6 NAG S . 15.80 -27.43 -8.37
O7 NAG S . 17.15 -22.39 -2.98
C1 NAG S . 14.33 -28.96 -4.58
C2 NAG S . 14.39 -30.50 -4.62
C3 NAG S . 12.98 -31.07 -4.71
C4 NAG S . 12.11 -30.53 -3.57
C5 NAG S . 12.18 -29.00 -3.50
C6 NAG S . 11.51 -28.43 -2.28
C7 NAG S . 16.35 -31.64 -5.61
C8 NAG S . 16.79 -31.94 -4.21
N2 NAG S . 15.20 -30.95 -5.75
O3 NAG S . 13.04 -32.49 -4.63
O4 NAG S . 10.76 -30.93 -3.76
O5 NAG S . 13.55 -28.55 -3.46
O6 NAG S . 12.17 -27.26 -1.82
O7 NAG S . 17.01 -31.99 -6.59
C1 NAG T . 3.53 4.96 33.19
C2 NAG T . 3.95 5.30 34.64
C3 NAG T . 4.45 6.75 34.71
C4 NAG T . 5.46 7.07 33.61
C5 NAG T . 4.90 6.64 32.26
C6 NAG T . 5.86 6.86 31.10
C7 NAG T . 2.78 4.05 36.41
C8 NAG T . 1.56 4.00 37.29
N2 NAG T . 2.87 5.10 35.58
O3 NAG T . 4.99 6.97 36.00
O4 NAG T . 5.69 8.47 33.57
O5 NAG T . 4.58 5.25 32.30
O6 NAG T . 6.37 5.65 30.56
O7 NAG T . 3.63 3.16 36.44
C1 NAG T . 6.82 8.85 34.39
C2 NAG T . 7.55 9.98 33.71
C3 NAG T . 8.75 10.41 34.56
C4 NAG T . 8.28 10.77 35.96
C5 NAG T . 7.44 9.65 36.58
C6 NAG T . 6.79 10.06 37.87
C7 NAG T . 7.71 10.34 31.28
C8 NAG T . 8.23 9.80 29.97
N2 NAG T . 7.99 9.61 32.36
O3 NAG T . 9.39 11.54 33.96
O4 NAG T . 9.40 11.02 36.81
O5 NAG T . 6.38 9.26 35.69
O6 NAG T . 6.07 8.99 38.46
O7 NAG T . 7.09 11.40 31.35
C1 NAG U . -17.74 21.02 15.88
C2 NAG U . -16.68 22.11 15.84
C3 NAG U . -17.35 23.47 15.92
C4 NAG U . -18.35 23.68 14.78
C5 NAG U . -19.28 22.47 14.53
C6 NAG U . -19.75 22.45 13.08
C7 NAG U . -14.43 21.67 16.74
C8 NAG U . -13.57 21.64 17.98
N2 NAG U . -15.71 21.99 16.93
O3 NAG U . -16.35 24.47 15.87
O4 NAG U . -19.16 24.78 15.14
O5 NAG U . -18.65 21.19 14.77
O6 NAG U . -21.13 22.14 12.90
O7 NAG U . -13.97 21.39 15.63
C1 NAG U . -18.96 25.90 14.26
C2 NAG U . -20.25 26.72 14.24
C3 NAG U . -20.09 27.94 13.34
C4 NAG U . -18.89 28.77 13.79
C5 NAG U . -17.63 27.90 13.85
C6 NAG U . -16.44 28.65 14.42
C7 NAG U . -22.35 25.48 14.60
C8 NAG U . -22.22 25.86 16.05
N2 NAG U . -21.38 25.91 13.79
O3 NAG U . -21.28 28.71 13.40
O4 NAG U . -18.66 29.85 12.90
O5 NAG U . -17.86 26.75 14.69
O6 NAG U . -15.56 27.78 15.11
O7 NAG U . -23.30 24.81 14.19
C1 NAG V . -25.12 -8.45 13.16
C2 NAG V . -26.25 -8.28 12.19
C3 NAG V . -27.49 -7.86 12.95
C4 NAG V . -27.91 -8.93 13.95
C5 NAG V . -26.77 -9.55 14.78
C6 NAG V . -27.01 -11.03 15.06
C7 NAG V . -25.43 -7.72 9.94
C8 NAG V . -25.18 -6.61 8.94
N2 NAG V . -25.93 -7.35 11.12
O3 NAG V . -28.54 -7.59 12.03
O4 NAG V . -28.89 -8.42 14.85
O5 NAG V . -25.46 -9.49 14.14
O6 NAG V . -26.95 -11.41 16.43
O7 NAG V . -25.19 -8.89 9.67
C1 NAG V . -30.02 -9.32 14.86
C2 NAG V . -30.83 -9.29 16.17
C3 NAG V . -31.98 -10.29 16.08
C4 NAG V . -32.83 -10.04 14.83
C5 NAG V . -31.96 -9.94 13.57
C6 NAG V . -32.73 -9.49 12.36
C7 NAG V . -30.07 -8.92 18.49
C8 NAG V . -31.10 -7.83 18.56
N2 NAG V . -29.98 -9.58 17.33
O3 NAG V . -32.80 -10.20 17.25
O4 NAG V . -33.76 -11.10 14.66
O5 NAG V . -30.89 -9.00 13.76
O6 NAG V . -31.91 -8.76 11.46
O7 NAG V . -29.35 -9.19 19.45
C1 NAG W . -8.59 -23.45 19.65
C2 NAG W . -7.81 -23.33 18.33
C3 NAG W . -8.77 -23.27 17.14
C4 NAG W . -9.75 -24.44 17.19
C5 NAG W . -10.44 -24.52 18.55
C6 NAG W . -11.32 -25.75 18.70
C7 NAG W . -5.66 -22.20 18.72
C8 NAG W . -4.91 -20.89 18.68
N2 NAG W . -6.94 -22.16 18.34
O3 NAG W . -8.00 -23.30 15.94
O4 NAG W . -10.78 -24.25 16.23
O5 NAG W . -9.46 -24.56 19.59
O6 NAG W . -10.60 -26.97 18.66
O7 NAG W . -5.11 -23.24 19.07
C1 NAG W . -10.70 -25.20 15.17
C2 NAG W . -12.09 -25.20 14.55
C3 NAG W . -12.13 -26.07 13.30
C4 NAG W . -10.99 -25.73 12.36
C5 NAG W . -9.66 -25.75 13.11
C6 NAG W . -8.49 -25.33 12.27
C7 NAG W . -14.22 -25.02 15.81
C8 NAG W . -15.09 -25.66 16.86
N2 NAG W . -13.07 -25.66 15.53
O3 NAG W . -13.39 -25.88 12.66
O4 NAG W . -10.87 -26.68 11.31
O5 NAG W . -9.74 -24.84 14.21
O6 NAG W . -7.89 -24.15 12.80
O7 NAG W . -14.55 -23.98 15.23
C1 BMA W . -11.58 -26.23 10.13
C2 BMA W . -10.58 -26.25 8.88
C3 BMA W . -11.32 -26.39 7.48
C4 BMA W . -12.76 -27.09 7.55
C5 BMA W . -13.54 -26.56 8.77
C6 BMA W . -15.08 -26.92 8.86
O2 BMA W . -9.52 -27.24 8.95
O3 BMA W . -10.47 -26.96 6.50
O4 BMA W . -13.49 -26.84 6.37
O5 BMA W . -12.80 -27.00 9.92
O6 BMA W . -15.32 -28.31 8.70
C1 NAG X . -25.97 2.04 20.91
C2 NAG X . -27.03 3.11 21.19
C3 NAG X . -27.62 3.60 19.87
C4 NAG X . -26.53 3.99 18.87
C5 NAG X . -25.46 2.91 18.76
C6 NAG X . -24.28 3.35 17.92
C7 NAG X . -28.17 2.64 23.40
C8 NAG X . -29.39 2.00 23.99
N2 NAG X . -28.09 2.59 22.05
O3 NAG X . -28.53 4.66 20.09
O4 NAG X . -27.05 4.11 17.54
O5 NAG X . -24.97 2.57 20.06
O6 NAG X . -23.71 2.30 17.15
O7 NAG X . -27.30 3.18 24.13
C1 NAG X . -27.61 5.39 17.19
C2 NAG X . -27.60 5.50 15.69
C3 NAG X . -28.23 6.81 15.29
C4 NAG X . -29.66 6.88 15.79
C5 NAG X . -29.79 6.52 17.27
C6 NAG X . -31.20 6.07 17.60
C7 NAG X . -25.83 4.23 14.58
C8 NAG X . -24.43 4.24 14.05
N2 NAG X . -26.26 5.37 15.13
O3 NAG X . -28.25 6.91 13.87
O4 NAG X . -30.16 8.20 15.64
O5 NAG X . -28.94 5.42 17.66
O6 NAG X . -31.67 6.76 18.74
O7 NAG X . -26.54 3.21 14.53
C1 BMA X . -31.23 8.34 14.70
C2 BMA X . -31.76 9.75 14.94
C3 BMA X . -32.79 10.14 13.94
C4 BMA X . -32.34 9.86 12.49
C5 BMA X . -31.75 8.43 12.30
C6 BMA X . -31.03 8.27 10.93
O2 BMA X . -30.71 10.73 14.82
O3 BMA X . -33.05 11.53 14.09
O4 BMA X . -33.46 10.02 11.64
O5 BMA X . -30.80 8.12 13.35
O6 BMA X . -31.10 6.87 10.42
C1 MAN X . -34.13 11.72 15.01
C2 MAN X . -35.27 11.97 14.09
C3 MAN X . -35.60 13.46 14.17
C4 MAN X . -36.00 13.84 15.62
C5 MAN X . -35.00 13.35 16.66
C6 MAN X . -35.58 12.22 17.56
O2 MAN X . -36.40 11.22 14.54
O3 MAN X . -36.57 13.98 13.14
O4 MAN X . -36.15 15.27 15.74
O5 MAN X . -33.88 12.83 15.90
O6 MAN X . -35.35 12.53 18.96
C1 MAN X . -37.79 13.24 12.75
C2 MAN X . -38.83 13.12 13.94
C3 MAN X . -39.65 11.82 13.80
C4 MAN X . -39.93 11.54 12.31
C5 MAN X . -38.59 11.21 11.59
C6 MAN X . -38.56 11.55 10.10
O2 MAN X . -39.74 14.23 13.96
O3 MAN X . -40.84 11.82 14.55
O4 MAN X . -40.84 10.45 12.17
O5 MAN X . -37.50 11.93 12.23
O6 MAN X . -37.26 11.25 9.57
C1 MAN X . -29.82 6.16 10.55
C2 MAN X . -28.76 6.80 9.55
C3 MAN X . -27.55 5.91 9.44
C4 MAN X . -27.47 4.94 10.69
C5 MAN X . -28.62 3.88 10.68
C6 MAN X . -28.62 2.99 12.03
O2 MAN X . -28.25 8.02 10.02
O3 MAN X . -26.27 6.65 9.37
O4 MAN X . -26.20 4.26 10.76
O5 MAN X . -29.88 4.64 10.41
O6 MAN X . -29.49 1.82 12.03
C1 MAN X . -25.83 7.59 8.32
C2 MAN X . -25.60 7.11 6.86
C3 MAN X . -24.81 5.80 6.88
C4 MAN X . -23.55 5.86 7.75
C5 MAN X . -23.69 6.82 8.99
C6 MAN X . -22.33 7.33 9.45
O2 MAN X . -24.76 8.03 6.10
O3 MAN X . -24.43 5.40 5.55
O4 MAN X . -23.31 4.53 8.23
O5 MAN X . -24.56 7.97 8.73
O6 MAN X . -21.87 6.46 10.47
C1 NAG Y . 23.32 15.88 8.44
C2 NAG Y . 23.95 16.76 9.52
C3 NAG Y . 25.43 16.44 9.66
C4 NAG Y . 25.65 14.93 9.86
C5 NAG Y . 24.86 14.11 8.83
C6 NAG Y . 24.86 12.63 9.13
C7 NAG Y . 22.85 18.92 9.90
C8 NAG Y . 22.76 20.37 9.48
N2 NAG Y . 23.75 18.17 9.24
O3 NAG Y . 25.98 17.16 10.75
O4 NAG Y . 27.04 14.62 9.77
O5 NAG Y . 23.48 14.51 8.79
O6 NAG Y . 23.54 12.08 9.16
O7 NAG Y . 22.12 18.45 10.77
C1 NAG Z . -20.94 6.78 -32.70
C2 NAG Z . -21.96 7.96 -32.66
C3 NAG Z . -23.25 7.51 -33.37
C4 NAG Z . -22.96 7.11 -34.82
C5 NAG Z . -21.88 6.01 -34.87
C6 NAG Z . -21.42 5.64 -36.27
C7 NAG Z . -22.88 9.57 -31.04
C8 NAG Z . -23.08 9.88 -29.58
N2 NAG Z . -22.24 8.41 -31.31
O3 NAG Z . -24.26 8.52 -33.31
O4 NAG Z . -24.16 6.64 -35.42
O5 NAG Z . -20.70 6.38 -34.13
O6 NAG Z . -22.03 6.40 -37.32
O7 NAG Z . -23.27 10.32 -31.92
C1 NAG AA . -23.22 9.97 -18.11
C2 NAG AA . -24.33 9.34 -17.30
C3 NAG AA . -24.26 7.80 -17.47
C4 NAG AA . -23.96 7.38 -18.91
C5 NAG AA . -23.10 8.38 -19.72
C6 NAG AA . -23.23 8.23 -21.21
C7 NAG AA . -25.07 9.32 -14.93
C8 NAG AA . -24.76 9.81 -13.55
N2 NAG AA . -24.21 9.70 -15.89
O3 NAG AA . -25.47 7.20 -17.05
O4 NAG AA . -23.28 6.13 -18.91
O5 NAG AA . -23.44 9.73 -19.43
O6 NAG AA . -23.94 9.33 -21.76
O7 NAG AA . -26.04 8.58 -15.16
C1 NAG BA . 25.82 12.93 -17.38
C2 NAG BA . 24.68 13.87 -17.69
C3 NAG BA . 25.08 14.85 -18.79
C4 NAG BA . 26.38 15.56 -18.43
C5 NAG BA . 27.45 14.55 -18.00
C6 NAG BA . 28.71 15.18 -17.41
C7 NAG BA . 22.45 12.97 -17.20
C8 NAG BA . 21.27 12.21 -17.72
N2 NAG BA . 23.47 13.14 -18.05
O3 NAG BA . 24.04 15.83 -18.91
O4 NAG BA . 26.76 16.37 -19.55
O5 NAG BA . 26.94 13.68 -16.98
O6 NAG BA . 29.57 14.23 -16.79
O7 NAG BA . 22.49 13.42 -16.06
C1 NAG CA . 58.12 -31.32 0.98
C2 NAG CA . 59.45 -31.46 1.72
C3 NAG CA . 60.45 -30.41 1.22
C4 NAG CA . 60.56 -30.46 -0.30
C5 NAG CA . 59.19 -30.38 -0.96
C6 NAG CA . 59.23 -30.57 -2.45
C7 NAG CA . 59.92 -32.15 4.04
C8 NAG CA . 59.61 -31.91 5.49
N2 NAG CA . 59.28 -31.37 3.16
O3 NAG CA . 61.73 -30.64 1.79
O4 NAG CA . 61.36 -29.38 -0.78
O5 NAG CA . 58.35 -31.40 -0.42
O6 NAG CA . 59.63 -31.88 -2.82
O7 NAG CA . 60.69 -33.04 3.69
C1 NAG DA . 48.93 -26.46 11.39
C2 NAG DA . 49.36 -25.96 12.75
C3 NAG DA . 50.75 -25.32 12.64
C4 NAG DA . 51.69 -26.13 11.72
C5 NAG DA . 51.00 -26.89 10.58
C6 NAG DA . 51.82 -28.01 10.01
C7 NAG DA . 48.46 -24.45 14.51
C8 NAG DA . 47.37 -23.47 14.86
N2 NAG DA . 48.40 -24.99 13.28
O3 NAG DA . 51.36 -25.17 13.92
O4 NAG DA . 52.62 -25.22 11.14
O5 NAG DA . 49.75 -27.46 11.00
O6 NAG DA . 51.08 -29.24 10.02
O7 NAG DA . 49.36 -24.73 15.30
C1 NAG EA . 1.52 -25.89 -10.27
C2 NAG EA . 0.72 -26.38 -11.47
C3 NAG EA . 1.44 -27.55 -12.14
C4 NAG EA . 2.90 -27.22 -12.43
C5 NAG EA . 3.60 -26.59 -11.21
C6 NAG EA . 4.97 -26.04 -11.54
C7 NAG EA . -1.74 -26.27 -11.72
C8 NAG EA . -3.04 -26.75 -11.19
N2 NAG EA . -0.63 -26.75 -11.10
O3 NAG EA . 0.78 -27.89 -13.35
O4 NAG EA . 3.59 -28.40 -12.82
O5 NAG EA . 2.83 -25.50 -10.69
O6 NAG EA . 4.89 -24.91 -12.39
O7 NAG EA . -1.66 -25.49 -12.67
C1 NAG FA . 2.85 16.90 28.75
C2 NAG FA . 3.73 17.94 28.00
C3 NAG FA . 5.21 17.54 28.04
C4 NAG FA . 5.66 17.34 29.47
C5 NAG FA . 4.81 16.23 30.09
C6 NAG FA . 5.17 15.92 31.53
C7 NAG FA . 2.88 19.26 26.12
C8 NAG FA . 2.41 19.23 24.69
N2 NAG FA . 3.27 18.09 26.62
O3 NAG FA . 5.99 18.57 27.43
O4 NAG FA . 7.04 17.00 29.51
O5 NAG FA . 3.43 16.63 30.08
O6 NAG FA . 6.13 16.83 32.05
O7 NAG FA . 2.91 20.30 26.77
C1 NAG GA . -5.49 20.33 16.18
C2 NAG GA . -5.30 21.42 15.17
C3 NAG GA . -3.80 21.73 15.05
C4 NAG GA . -3.09 21.76 16.42
C5 NAG GA . -3.69 20.82 17.48
C6 NAG GA . -3.34 21.21 18.90
C7 NAG GA . -5.90 21.80 12.80
C8 NAG GA . -6.54 21.22 11.59
N2 NAG GA . -5.88 21.03 13.89
O3 NAG GA . -3.61 22.99 14.40
O4 NAG GA . -1.73 21.39 16.22
O5 NAG GA . -5.12 20.78 17.41
O6 NAG GA . -4.47 21.12 19.75
O7 NAG GA . -5.41 22.93 12.79
#